data_7XGC
# 
_entry.id   7XGC 
# 
_audit_conform.dict_name       mmcif_pdbx.dic 
_audit_conform.dict_version    5.380 
_audit_conform.dict_location   http://mmcif.pdb.org/dictionaries/ascii/mmcif_pdbx.dic 
# 
loop_
_database_2.database_id 
_database_2.database_code 
_database_2.pdbx_database_accession 
_database_2.pdbx_DOI 
PDB   7XGC         pdb_00007xgc 10.2210/pdb7xgc/pdb 
WWPDB D_1300028756 ?            ?                   
# 
_pdbx_database_status.status_code                     REL 
_pdbx_database_status.status_code_sf                  REL 
_pdbx_database_status.status_code_mr                  ? 
_pdbx_database_status.entry_id                        7XGC 
_pdbx_database_status.recvd_initial_deposition_date   2022-04-04 
_pdbx_database_status.SG_entry                        N 
_pdbx_database_status.deposit_site                    PDBJ 
_pdbx_database_status.process_site                    PDBJ 
_pdbx_database_status.status_code_cs                  ? 
_pdbx_database_status.status_code_nmr_data            ? 
_pdbx_database_status.methods_development_category    ? 
_pdbx_database_status.pdb_format_compatible           Y 
# 
loop_
_audit_author.name 
_audit_author.pdbx_ordinal 
_audit_author.identifier_ORCID 
'Guo, Y.'     1 ? 
'Hoshino, T.' 2 ? 
# 
_citation.abstract                  ? 
_citation.abstract_id_CAS           ? 
_citation.book_id_ISBN              ? 
_citation.book_publisher            ? 
_citation.book_publisher_city       ? 
_citation.book_title                ? 
_citation.coordinate_linkage        ? 
_citation.country                   US 
_citation.database_id_Medline       ? 
_citation.details                   ? 
_citation.id                        primary 
_citation.journal_abbrev            'Cryst.Growth Des.' 
_citation.journal_id_ASTM           ? 
_citation.journal_id_CSD            ? 
_citation.journal_id_ISSN           1528-7505 
_citation.journal_full              ? 
_citation.journal_issue             ? 
_citation.journal_volume            ? 
_citation.language                  ? 
_citation.page_first                ? 
_citation.page_last                 ? 
_citation.title                     'Influence of Glycan Agents on Protein Crystallization with Ammonium Sulfate' 
_citation.year                      2022 
_citation.database_id_CSD           ? 
_citation.pdbx_database_id_DOI      10.1021/acs.cgd.2c00901 
_citation.pdbx_database_id_PubMed   ? 
_citation.pdbx_database_id_patent   ? 
_citation.unpublished_flag          ? 
# 
loop_
_citation_author.citation_id 
_citation_author.name 
_citation_author.ordinal 
_citation_author.identifier_ORCID 
primary 'Guo, Y.'     1 ? 
primary 'Hoshino, T.' 2 ? 
# 
_cell.angle_alpha                  90.000 
_cell.angle_alpha_esd              ? 
_cell.angle_beta                   90.000 
_cell.angle_beta_esd               ? 
_cell.angle_gamma                  90.000 
_cell.angle_gamma_esd              ? 
_cell.entry_id                     7XGC 
_cell.details                      ? 
_cell.formula_units_Z              ? 
_cell.length_a                     66.177 
_cell.length_a_esd                 ? 
_cell.length_b                     66.177 
_cell.length_b_esd                 ? 
_cell.length_c                     125.727 
_cell.length_c_esd                 ? 
_cell.volume                       ? 
_cell.volume_esd                   ? 
_cell.Z_PDB                        8 
_cell.reciprocal_angle_alpha       ? 
_cell.reciprocal_angle_beta        ? 
_cell.reciprocal_angle_gamma       ? 
_cell.reciprocal_angle_alpha_esd   ? 
_cell.reciprocal_angle_beta_esd    ? 
_cell.reciprocal_angle_gamma_esd   ? 
_cell.reciprocal_length_a          ? 
_cell.reciprocal_length_b          ? 
_cell.reciprocal_length_c          ? 
_cell.reciprocal_length_a_esd      ? 
_cell.reciprocal_length_b_esd      ? 
_cell.reciprocal_length_c_esd      ? 
_cell.pdbx_unique_axis             ? 
# 
_symmetry.entry_id                         7XGC 
_symmetry.cell_setting                     ? 
_symmetry.Int_Tables_number                92 
_symmetry.space_group_name_Hall            ? 
_symmetry.space_group_name_H-M             'P 41 21 2' 
_symmetry.pdbx_full_space_group_name_H-M   ? 
# 
loop_
_entity.id 
_entity.type 
_entity.src_method 
_entity.pdbx_description 
_entity.formula_weight 
_entity.pdbx_number_of_molecules 
_entity.pdbx_ec 
_entity.pdbx_mutation 
_entity.pdbx_fragment 
_entity.details 
1 polymer     man 'Polymerase acidic protein' 22300.494 1  3.1.-.-,3.1.-.- ? ? ? 
2 non-polymer syn 'SULFATE ION'               96.063    1  ?               ? ? ? 
3 non-polymer syn 'MANGANESE (II) ION'        54.938    2  ?               ? ? ? 
4 water       nat water                       18.015    84 ?               ? ? ? 
# 
_entity_name_com.entity_id   1 
_entity_name_com.name        'RNA-directed RNA polymerase subunit P2' 
# 
_entity_poly.entity_id                      1 
_entity_poly.type                           'polypeptide(L)' 
_entity_poly.nstd_linkage                   no 
_entity_poly.nstd_monomer                   no 
_entity_poly.pdbx_seq_one_letter_code       
;GPLGSMEDFVRQCFNPMIVELAEKTMKEYGEDLKIETNKFAAICTHLEVCFMYSDASKHRFEIIEGRDRTMAWTVVNSIC
NTTGAEKPKFLPDLYDYKENRFIEIGVTRREVHIYYLEKANKIKSEKTHIHIFSFTGEEMATKADYTLDEESRARIKTRL
FTIRQEMASRGLWDSFRQSERGAAELALVPR
;
_entity_poly.pdbx_seq_one_letter_code_can   
;GPLGSMEDFVRQCFNPMIVELAEKTMKEYGEDLKIETNKFAAICTHLEVCFMYSDASKHRFEIIEGRDRTMAWTVVNSIC
NTTGAEKPKFLPDLYDYKENRFIEIGVTRREVHIYYLEKANKIKSEKTHIHIFSFTGEEMATKADYTLDEESRARIKTRL
FTIRQEMASRGLWDSFRQSERGAAELALVPR
;
_entity_poly.pdbx_strand_id                 A 
_entity_poly.pdbx_target_identifier         ? 
# 
loop_
_entity_poly_seq.entity_id 
_entity_poly_seq.num 
_entity_poly_seq.mon_id 
_entity_poly_seq.hetero 
1 1   GLY n 
1 2   PRO n 
1 3   LEU n 
1 4   GLY n 
1 5   SER n 
1 6   MET n 
1 7   GLU n 
1 8   ASP n 
1 9   PHE n 
1 10  VAL n 
1 11  ARG n 
1 12  GLN n 
1 13  CYS n 
1 14  PHE n 
1 15  ASN n 
1 16  PRO n 
1 17  MET n 
1 18  ILE n 
1 19  VAL n 
1 20  GLU n 
1 21  LEU n 
1 22  ALA n 
1 23  GLU n 
1 24  LYS n 
1 25  THR n 
1 26  MET n 
1 27  LYS n 
1 28  GLU n 
1 29  TYR n 
1 30  GLY n 
1 31  GLU n 
1 32  ASP n 
1 33  LEU n 
1 34  LYS n 
1 35  ILE n 
1 36  GLU n 
1 37  THR n 
1 38  ASN n 
1 39  LYS n 
1 40  PHE n 
1 41  ALA n 
1 42  ALA n 
1 43  ILE n 
1 44  CYS n 
1 45  THR n 
1 46  HIS n 
1 47  LEU n 
1 48  GLU n 
1 49  VAL n 
1 50  CYS n 
1 51  PHE n 
1 52  MET n 
1 53  TYR n 
1 54  SER n 
1 55  ASP n 
1 56  ALA n 
1 57  SER n 
1 58  LYS n 
1 59  HIS n 
1 60  ARG n 
1 61  PHE n 
1 62  GLU n 
1 63  ILE n 
1 64  ILE n 
1 65  GLU n 
1 66  GLY n 
1 67  ARG n 
1 68  ASP n 
1 69  ARG n 
1 70  THR n 
1 71  MET n 
1 72  ALA n 
1 73  TRP n 
1 74  THR n 
1 75  VAL n 
1 76  VAL n 
1 77  ASN n 
1 78  SER n 
1 79  ILE n 
1 80  CYS n 
1 81  ASN n 
1 82  THR n 
1 83  THR n 
1 84  GLY n 
1 85  ALA n 
1 86  GLU n 
1 87  LYS n 
1 88  PRO n 
1 89  LYS n 
1 90  PHE n 
1 91  LEU n 
1 92  PRO n 
1 93  ASP n 
1 94  LEU n 
1 95  TYR n 
1 96  ASP n 
1 97  TYR n 
1 98  LYS n 
1 99  GLU n 
1 100 ASN n 
1 101 ARG n 
1 102 PHE n 
1 103 ILE n 
1 104 GLU n 
1 105 ILE n 
1 106 GLY n 
1 107 VAL n 
1 108 THR n 
1 109 ARG n 
1 110 ARG n 
1 111 GLU n 
1 112 VAL n 
1 113 HIS n 
1 114 ILE n 
1 115 TYR n 
1 116 TYR n 
1 117 LEU n 
1 118 GLU n 
1 119 LYS n 
1 120 ALA n 
1 121 ASN n 
1 122 LYS n 
1 123 ILE n 
1 124 LYS n 
1 125 SER n 
1 126 GLU n 
1 127 LYS n 
1 128 THR n 
1 129 HIS n 
1 130 ILE n 
1 131 HIS n 
1 132 ILE n 
1 133 PHE n 
1 134 SER n 
1 135 PHE n 
1 136 THR n 
1 137 GLY n 
1 138 GLU n 
1 139 GLU n 
1 140 MET n 
1 141 ALA n 
1 142 THR n 
1 143 LYS n 
1 144 ALA n 
1 145 ASP n 
1 146 TYR n 
1 147 THR n 
1 148 LEU n 
1 149 ASP n 
1 150 GLU n 
1 151 GLU n 
1 152 SER n 
1 153 ARG n 
1 154 ALA n 
1 155 ARG n 
1 156 ILE n 
1 157 LYS n 
1 158 THR n 
1 159 ARG n 
1 160 LEU n 
1 161 PHE n 
1 162 THR n 
1 163 ILE n 
1 164 ARG n 
1 165 GLN n 
1 166 GLU n 
1 167 MET n 
1 168 ALA n 
1 169 SER n 
1 170 ARG n 
1 171 GLY n 
1 172 LEU n 
1 173 TRP n 
1 174 ASP n 
1 175 SER n 
1 176 PHE n 
1 177 ARG n 
1 178 GLN n 
1 179 SER n 
1 180 GLU n 
1 181 ARG n 
1 182 GLY n 
1 183 ALA n 
1 184 ALA n 
1 185 GLU n 
1 186 LEU n 
1 187 ALA n 
1 188 LEU n 
1 189 VAL n 
1 190 PRO n 
1 191 ARG n 
# 
loop_
_entity_src_gen.entity_id 
_entity_src_gen.pdbx_src_id 
_entity_src_gen.pdbx_alt_source_flag 
_entity_src_gen.pdbx_seq_type 
_entity_src_gen.pdbx_beg_seq_num 
_entity_src_gen.pdbx_end_seq_num 
_entity_src_gen.gene_src_common_name 
_entity_src_gen.gene_src_genus 
_entity_src_gen.pdbx_gene_src_gene 
_entity_src_gen.gene_src_species 
_entity_src_gen.gene_src_strain 
_entity_src_gen.gene_src_tissue 
_entity_src_gen.gene_src_tissue_fraction 
_entity_src_gen.gene_src_details 
_entity_src_gen.pdbx_gene_src_fragment 
_entity_src_gen.pdbx_gene_src_scientific_name 
_entity_src_gen.pdbx_gene_src_ncbi_taxonomy_id 
_entity_src_gen.pdbx_gene_src_variant 
_entity_src_gen.pdbx_gene_src_cell_line 
_entity_src_gen.pdbx_gene_src_atcc 
_entity_src_gen.pdbx_gene_src_organ 
_entity_src_gen.pdbx_gene_src_organelle 
_entity_src_gen.pdbx_gene_src_cell 
_entity_src_gen.pdbx_gene_src_cellular_location 
_entity_src_gen.host_org_common_name 
_entity_src_gen.pdbx_host_org_scientific_name 
_entity_src_gen.pdbx_host_org_ncbi_taxonomy_id 
_entity_src_gen.host_org_genus 
_entity_src_gen.pdbx_host_org_gene 
_entity_src_gen.pdbx_host_org_organ 
_entity_src_gen.host_org_species 
_entity_src_gen.pdbx_host_org_tissue 
_entity_src_gen.pdbx_host_org_tissue_fraction 
_entity_src_gen.pdbx_host_org_strain 
_entity_src_gen.pdbx_host_org_variant 
_entity_src_gen.pdbx_host_org_cell_line 
_entity_src_gen.pdbx_host_org_atcc 
_entity_src_gen.pdbx_host_org_culture_collection 
_entity_src_gen.pdbx_host_org_cell 
_entity_src_gen.pdbx_host_org_organelle 
_entity_src_gen.pdbx_host_org_cellular_location 
_entity_src_gen.pdbx_host_org_vector_type 
_entity_src_gen.pdbx_host_org_vector 
_entity_src_gen.host_org_details 
_entity_src_gen.expression_system_id 
_entity_src_gen.plasmid_name 
_entity_src_gen.plasmid_details 
_entity_src_gen.pdbx_description 
1 1 sample 'Biological sequence' 1  55  ? ? PA ? 'A/Puerto Rico/8/1934 H1N1' ? ? ? ? 
'Influenza A virus (A/Puerto Rico/8/1934(H1N1))' 211044 ? ? ? ? ? ? ? ? 'Escherichia coli' 562 ? ? ? ? ? ? ? 'Rosetta(DE3)pLys' ? 
? ? ? ? ? plasmid ? ? ? pET50b ? ? 
1 2 sample 'Biological sequence' 56 191 ? ? PA ? 'A/Puerto Rico/8/1934 H1N1' ? ? ? ? 
'Influenza A virus (A/Puerto Rico/8/1934(H1N1))' 211044 ? ? ? ? ? ? ? ? 'Escherichia coli' 562 ? ? ? ? ? ? ? 'Rosetta(DE3)pLys' ? 
? ? ? ? ? plasmid ? ? ? pET50b ? ? 
# 
loop_
_struct_ref.id 
_struct_ref.db_name 
_struct_ref.db_code 
_struct_ref.pdbx_db_accession 
_struct_ref.pdbx_db_isoform 
_struct_ref.entity_id 
_struct_ref.pdbx_seq_one_letter_code 
_struct_ref.pdbx_align_begin 
1 UNP PA_I34A1 P03433 ? 1 MEDFVRQCFNPMIVELAEKTMKEYGEDLKIETNKFAAICTHLEVCFMYSD 1  
2 UNP PA_I34A1 P03433 ? 1 
;KHRFEIIEGRDRTMAWTVVNSICNTTGAEKPKFLPDLYDYKENRFIEIGVTRREVHIYYLEKANKIKSEKTHIHIFSFTG
EEMATKADYTLDEESRARIKTRLFTIRQEMASRGLWDSFRQSERG
;
73 
# 
loop_
_struct_ref_seq.align_id 
_struct_ref_seq.ref_id 
_struct_ref_seq.pdbx_PDB_id_code 
_struct_ref_seq.pdbx_strand_id 
_struct_ref_seq.seq_align_beg 
_struct_ref_seq.pdbx_seq_align_beg_ins_code 
_struct_ref_seq.seq_align_end 
_struct_ref_seq.pdbx_seq_align_end_ins_code 
_struct_ref_seq.pdbx_db_accession 
_struct_ref_seq.db_align_beg 
_struct_ref_seq.pdbx_db_align_beg_ins_code 
_struct_ref_seq.db_align_end 
_struct_ref_seq.pdbx_db_align_end_ins_code 
_struct_ref_seq.pdbx_auth_seq_align_beg 
_struct_ref_seq.pdbx_auth_seq_align_end 
1 1 7XGC A 6  ? 55  ? P03433 1  ? 50  ? 6  55  
2 2 7XGC A 58 ? 182 ? P03433 73 ? 197 ? 58 182 
# 
loop_
_struct_ref_seq_dif.align_id 
_struct_ref_seq_dif.pdbx_pdb_id_code 
_struct_ref_seq_dif.mon_id 
_struct_ref_seq_dif.pdbx_pdb_strand_id 
_struct_ref_seq_dif.seq_num 
_struct_ref_seq_dif.pdbx_pdb_ins_code 
_struct_ref_seq_dif.pdbx_seq_db_name 
_struct_ref_seq_dif.pdbx_seq_db_accession_code 
_struct_ref_seq_dif.db_mon_id 
_struct_ref_seq_dif.pdbx_seq_db_seq_num 
_struct_ref_seq_dif.details 
_struct_ref_seq_dif.pdbx_auth_seq_num 
_struct_ref_seq_dif.pdbx_ordinal 
1 7XGC GLY A 1   ? UNP P03433 ? ? 'expression tag' 1   1  
1 7XGC PRO A 2   ? UNP P03433 ? ? 'expression tag' 2   2  
1 7XGC LEU A 3   ? UNP P03433 ? ? 'expression tag' 3   3  
1 7XGC GLY A 4   ? UNP P03433 ? ? 'expression tag' 4   4  
1 7XGC SER A 5   ? UNP P03433 ? ? 'expression tag' 5   5  
1 7XGC ALA A 56  ? UNP P03433 ? ? linker           56  6  
1 7XGC SER A 57  ? UNP P03433 ? ? linker           57  7  
2 7XGC ALA A 183 ? UNP P03433 ? ? 'expression tag' 183 8  
2 7XGC ALA A 184 ? UNP P03433 ? ? 'expression tag' 184 9  
2 7XGC GLU A 185 ? UNP P03433 ? ? 'expression tag' 185 10 
2 7XGC LEU A 186 ? UNP P03433 ? ? 'expression tag' 186 11 
2 7XGC ALA A 187 ? UNP P03433 ? ? 'expression tag' 187 12 
2 7XGC LEU A 188 ? UNP P03433 ? ? 'expression tag' 188 13 
2 7XGC VAL A 189 ? UNP P03433 ? ? 'expression tag' 189 14 
2 7XGC PRO A 190 ? UNP P03433 ? ? 'expression tag' 190 15 
2 7XGC ARG A 191 ? UNP P03433 ? ? 'expression tag' 191 16 
# 
loop_
_chem_comp.id 
_chem_comp.type 
_chem_comp.mon_nstd_flag 
_chem_comp.name 
_chem_comp.pdbx_synonyms 
_chem_comp.formula 
_chem_comp.formula_weight 
ALA 'L-peptide linking' y ALANINE              ? 'C3 H7 N O2'     89.093  
ARG 'L-peptide linking' y ARGININE             ? 'C6 H15 N4 O2 1' 175.209 
ASN 'L-peptide linking' y ASPARAGINE           ? 'C4 H8 N2 O3'    132.118 
ASP 'L-peptide linking' y 'ASPARTIC ACID'      ? 'C4 H7 N O4'     133.103 
CYS 'L-peptide linking' y CYSTEINE             ? 'C3 H7 N O2 S'   121.158 
GLN 'L-peptide linking' y GLUTAMINE            ? 'C5 H10 N2 O3'   146.144 
GLU 'L-peptide linking' y 'GLUTAMIC ACID'      ? 'C5 H9 N O4'     147.129 
GLY 'peptide linking'   y GLYCINE              ? 'C2 H5 N O2'     75.067  
HIS 'L-peptide linking' y HISTIDINE            ? 'C6 H10 N3 O2 1' 156.162 
HOH non-polymer         . WATER                ? 'H2 O'           18.015  
ILE 'L-peptide linking' y ISOLEUCINE           ? 'C6 H13 N O2'    131.173 
LEU 'L-peptide linking' y LEUCINE              ? 'C6 H13 N O2'    131.173 
LYS 'L-peptide linking' y LYSINE               ? 'C6 H15 N2 O2 1' 147.195 
MET 'L-peptide linking' y METHIONINE           ? 'C5 H11 N O2 S'  149.211 
MN  non-polymer         . 'MANGANESE (II) ION' ? 'Mn 2'           54.938  
PHE 'L-peptide linking' y PHENYLALANINE        ? 'C9 H11 N O2'    165.189 
PRO 'L-peptide linking' y PROLINE              ? 'C5 H9 N O2'     115.130 
SER 'L-peptide linking' y SERINE               ? 'C3 H7 N O3'     105.093 
SO4 non-polymer         . 'SULFATE ION'        ? 'O4 S -2'        96.063  
THR 'L-peptide linking' y THREONINE            ? 'C4 H9 N O3'     119.119 
TRP 'L-peptide linking' y TRYPTOPHAN           ? 'C11 H12 N2 O2'  204.225 
TYR 'L-peptide linking' y TYROSINE             ? 'C9 H11 N O3'    181.189 
VAL 'L-peptide linking' y VALINE               ? 'C5 H11 N O2'    117.146 
# 
_exptl.absorpt_coefficient_mu     ? 
_exptl.absorpt_correction_T_max   ? 
_exptl.absorpt_correction_T_min   ? 
_exptl.absorpt_correction_type    ? 
_exptl.absorpt_process_details    ? 
_exptl.entry_id                   7XGC 
_exptl.crystals_number            1 
_exptl.details                    ? 
_exptl.method                     'X-RAY DIFFRACTION' 
_exptl.method_details             ? 
# 
_exptl_crystal.colour                      ? 
_exptl_crystal.density_diffrn              ? 
_exptl_crystal.density_Matthews            3.09 
_exptl_crystal.density_method              ? 
_exptl_crystal.density_percent_sol         60.15 
_exptl_crystal.description                 ? 
_exptl_crystal.F_000                       ? 
_exptl_crystal.id                          1 
_exptl_crystal.preparation                 ? 
_exptl_crystal.size_max                    ? 
_exptl_crystal.size_mid                    ? 
_exptl_crystal.size_min                    ? 
_exptl_crystal.size_rad                    ? 
_exptl_crystal.colour_lustre               ? 
_exptl_crystal.colour_modifier             ? 
_exptl_crystal.colour_primary              ? 
_exptl_crystal.density_meas                ? 
_exptl_crystal.density_meas_esd            ? 
_exptl_crystal.density_meas_gt             ? 
_exptl_crystal.density_meas_lt             ? 
_exptl_crystal.density_meas_temp           ? 
_exptl_crystal.density_meas_temp_esd       ? 
_exptl_crystal.density_meas_temp_gt        ? 
_exptl_crystal.density_meas_temp_lt        ? 
_exptl_crystal.pdbx_crystal_image_url      ? 
_exptl_crystal.pdbx_crystal_image_format   ? 
_exptl_crystal.pdbx_mosaicity              0.150 
_exptl_crystal.pdbx_mosaicity_esd          ? 
# 
_exptl_crystal_grow.apparatus       ? 
_exptl_crystal_grow.atmosphere      ? 
_exptl_crystal_grow.crystal_id      1 
_exptl_crystal_grow.details         ? 
_exptl_crystal_grow.method          'VAPOR DIFFUSION, HANGING DROP' 
_exptl_crystal_grow.method_ref      ? 
_exptl_crystal_grow.pH              5.8 
_exptl_crystal_grow.pressure        ? 
_exptl_crystal_grow.pressure_esd    ? 
_exptl_crystal_grow.seeding         ? 
_exptl_crystal_grow.seeding_ref     ? 
_exptl_crystal_grow.temp            291 
_exptl_crystal_grow.temp_details    ? 
_exptl_crystal_grow.temp_esd        ? 
_exptl_crystal_grow.time            ? 
_exptl_crystal_grow.pdbx_details    '0.1M MES, 1.275M Ammonium Sulfate, 0.1M POTASSIUM CHLORIDE, 9%(v/v) TREHALOSE' 
_exptl_crystal_grow.pdbx_pH_range   ? 
# 
_diffrn.ambient_environment              ? 
_diffrn.ambient_temp                     100 
_diffrn.ambient_temp_details             ? 
_diffrn.ambient_temp_esd                 ? 
_diffrn.crystal_id                       1 
_diffrn.crystal_support                  ? 
_diffrn.crystal_treatment                ? 
_diffrn.details                          ? 
_diffrn.id                               1 
_diffrn.ambient_pressure                 ? 
_diffrn.ambient_pressure_esd             ? 
_diffrn.ambient_pressure_gt              ? 
_diffrn.ambient_pressure_lt              ? 
_diffrn.ambient_temp_gt                  ? 
_diffrn.ambient_temp_lt                  ? 
_diffrn.pdbx_serial_crystal_experiment   N 
# 
_diffrn_detector.details                      mirrors 
_diffrn_detector.detector                     PIXEL 
_diffrn_detector.diffrn_id                    1 
_diffrn_detector.type                         'DECTRIS EIGER X 16M' 
_diffrn_detector.area_resol_mean              ? 
_diffrn_detector.dtime                        ? 
_diffrn_detector.pdbx_frames_total            ? 
_diffrn_detector.pdbx_collection_time_total   ? 
_diffrn_detector.pdbx_collection_date         2021-12-17 
_diffrn_detector.pdbx_frequency               ? 
# 
_diffrn_radiation.collimation                      ? 
_diffrn_radiation.diffrn_id                        1 
_diffrn_radiation.filter_edge                      ? 
_diffrn_radiation.inhomogeneity                    ? 
_diffrn_radiation.monochromator                    'Si(111)' 
_diffrn_radiation.polarisn_norm                    ? 
_diffrn_radiation.polarisn_ratio                   ? 
_diffrn_radiation.probe                            ? 
_diffrn_radiation.type                             ? 
_diffrn_radiation.xray_symbol                      ? 
_diffrn_radiation.wavelength_id                    1 
_diffrn_radiation.pdbx_monochromatic_or_laue_m_l   M 
_diffrn_radiation.pdbx_wavelength_list             ? 
_diffrn_radiation.pdbx_wavelength                  ? 
_diffrn_radiation.pdbx_diffrn_protocol             'SINGLE WAVELENGTH' 
_diffrn_radiation.pdbx_analyzer                    ? 
_diffrn_radiation.pdbx_scattering_type             x-ray 
# 
_diffrn_radiation_wavelength.id           1 
_diffrn_radiation_wavelength.wavelength   1.000 
_diffrn_radiation_wavelength.wt           1.0 
# 
_diffrn_source.current                     ? 
_diffrn_source.details                     ? 
_diffrn_source.diffrn_id                   1 
_diffrn_source.power                       ? 
_diffrn_source.size                        ? 
_diffrn_source.source                      SYNCHROTRON 
_diffrn_source.target                      ? 
_diffrn_source.type                        'PHOTON FACTORY BEAMLINE BL-17A' 
_diffrn_source.voltage                     ? 
_diffrn_source.take-off_angle              ? 
_diffrn_source.pdbx_wavelength_list        1.000 
_diffrn_source.pdbx_wavelength             ? 
_diffrn_source.pdbx_synchrotron_beamline   BL-17A 
_diffrn_source.pdbx_synchrotron_site       'Photon Factory' 
# 
_reflns.B_iso_Wilson_estimate                          29.430 
_reflns.entry_id                                       7XGC 
_reflns.data_reduction_details                         ? 
_reflns.data_reduction_method                          ? 
_reflns.d_resolution_high                              1.600 
_reflns.d_resolution_low                               46.790 
_reflns.details                                        ? 
_reflns.limit_h_max                                    ? 
_reflns.limit_h_min                                    ? 
_reflns.limit_k_max                                    ? 
_reflns.limit_k_min                                    ? 
_reflns.limit_l_max                                    ? 
_reflns.limit_l_min                                    ? 
_reflns.number_all                                     ? 
_reflns.number_obs                                     37623 
_reflns.observed_criterion                             ? 
_reflns.observed_criterion_F_max                       ? 
_reflns.observed_criterion_F_min                       ? 
_reflns.observed_criterion_I_max                       ? 
_reflns.observed_criterion_I_min                       ? 
_reflns.observed_criterion_sigma_F                     ? 
_reflns.observed_criterion_sigma_I                     ? 
_reflns.percent_possible_obs                           99.700 
_reflns.R_free_details                                 ? 
_reflns.Rmerge_F_all                                   ? 
_reflns.Rmerge_F_obs                                   ? 
_reflns.Friedel_coverage                               ? 
_reflns.number_gt                                      ? 
_reflns.threshold_expression                           ? 
_reflns.pdbx_redundancy                                11.800 
_reflns.pdbx_Rmerge_I_obs                              0.047 
_reflns.pdbx_Rmerge_I_all                              ? 
_reflns.pdbx_Rsym_value                                ? 
_reflns.pdbx_netI_over_av_sigmaI                       ? 
_reflns.pdbx_netI_over_sigmaI                          23.000 
_reflns.pdbx_res_netI_over_av_sigmaI_2                 ? 
_reflns.pdbx_res_netI_over_sigmaI_2                    ? 
_reflns.pdbx_chi_squared                               ? 
_reflns.pdbx_scaling_rejects                           ? 
_reflns.pdbx_d_res_high_opt                            ? 
_reflns.pdbx_d_res_low_opt                             ? 
_reflns.pdbx_d_res_opt_method                          ? 
_reflns.phase_calculation_details                      ? 
_reflns.pdbx_Rrim_I_all                                0.049 
_reflns.pdbx_Rpim_I_all                                0.014 
_reflns.pdbx_d_opt                                     ? 
_reflns.pdbx_number_measured_all                       ? 
_reflns.pdbx_diffrn_id                                 1 
_reflns.pdbx_ordinal                                   1 
_reflns.pdbx_CC_half                                   1.000 
_reflns.pdbx_CC_star                                   ? 
_reflns.pdbx_R_split                                   ? 
_reflns.pdbx_aniso_diffraction_limit_axis_1_ortho[1]   ? 
_reflns.pdbx_aniso_diffraction_limit_axis_1_ortho[2]   ? 
_reflns.pdbx_aniso_diffraction_limit_axis_1_ortho[3]   ? 
_reflns.pdbx_aniso_diffraction_limit_axis_2_ortho[1]   ? 
_reflns.pdbx_aniso_diffraction_limit_axis_2_ortho[2]   ? 
_reflns.pdbx_aniso_diffraction_limit_axis_2_ortho[3]   ? 
_reflns.pdbx_aniso_diffraction_limit_axis_3_ortho[1]   ? 
_reflns.pdbx_aniso_diffraction_limit_axis_3_ortho[2]   ? 
_reflns.pdbx_aniso_diffraction_limit_axis_3_ortho[3]   ? 
_reflns.pdbx_aniso_diffraction_limit_1                 ? 
_reflns.pdbx_aniso_diffraction_limit_2                 ? 
_reflns.pdbx_aniso_diffraction_limit_3                 ? 
_reflns.pdbx_aniso_B_tensor_eigenvector_1_ortho[1]     ? 
_reflns.pdbx_aniso_B_tensor_eigenvector_1_ortho[2]     ? 
_reflns.pdbx_aniso_B_tensor_eigenvector_1_ortho[3]     ? 
_reflns.pdbx_aniso_B_tensor_eigenvector_2_ortho[1]     ? 
_reflns.pdbx_aniso_B_tensor_eigenvector_2_ortho[2]     ? 
_reflns.pdbx_aniso_B_tensor_eigenvector_2_ortho[3]     ? 
_reflns.pdbx_aniso_B_tensor_eigenvector_3_ortho[1]     ? 
_reflns.pdbx_aniso_B_tensor_eigenvector_3_ortho[2]     ? 
_reflns.pdbx_aniso_B_tensor_eigenvector_3_ortho[3]     ? 
_reflns.pdbx_aniso_B_tensor_eigenvalue_1               ? 
_reflns.pdbx_aniso_B_tensor_eigenvalue_2               ? 
_reflns.pdbx_aniso_B_tensor_eigenvalue_3               ? 
_reflns.pdbx_orthogonalization_convention              ? 
_reflns.pdbx_percent_possible_ellipsoidal              ? 
_reflns.pdbx_percent_possible_spherical                ? 
_reflns.pdbx_percent_possible_ellipsoidal_anomalous    ? 
_reflns.pdbx_percent_possible_spherical_anomalous      ? 
_reflns.pdbx_redundancy_anomalous                      ? 
_reflns.pdbx_CC_half_anomalous                         ? 
_reflns.pdbx_absDiff_over_sigma_anomalous              ? 
_reflns.pdbx_percent_possible_anomalous                ? 
_reflns.pdbx_observed_signal_threshold                 ? 
_reflns.pdbx_signal_type                               ? 
_reflns.pdbx_signal_details                            ? 
_reflns.pdbx_signal_software_id                        ? 
# 
_reflns_shell.d_res_high                                    1.600 
_reflns_shell.d_res_low                                     1.630 
_reflns_shell.meanI_over_sigI_all                           ? 
_reflns_shell.meanI_over_sigI_obs                           ? 
_reflns_shell.number_measured_all                           ? 
_reflns_shell.number_measured_obs                           ? 
_reflns_shell.number_possible                               ? 
_reflns_shell.number_unique_all                             ? 
_reflns_shell.number_unique_obs                             1755 
_reflns_shell.percent_possible_all                          96.400 
_reflns_shell.percent_possible_obs                          ? 
_reflns_shell.Rmerge_F_all                                  ? 
_reflns_shell.Rmerge_F_obs                                  ? 
_reflns_shell.Rmerge_I_all                                  ? 
_reflns_shell.Rmerge_I_obs                                  1.174 
_reflns_shell.meanI_over_sigI_gt                            ? 
_reflns_shell.meanI_over_uI_all                             ? 
_reflns_shell.meanI_over_uI_gt                              ? 
_reflns_shell.number_measured_gt                            ? 
_reflns_shell.number_unique_gt                              ? 
_reflns_shell.percent_possible_gt                           ? 
_reflns_shell.Rmerge_F_gt                                   ? 
_reflns_shell.Rmerge_I_gt                                   ? 
_reflns_shell.pdbx_redundancy                               6.200 
_reflns_shell.pdbx_Rsym_value                               ? 
_reflns_shell.pdbx_chi_squared                              ? 
_reflns_shell.pdbx_netI_over_sigmaI_all                     ? 
_reflns_shell.pdbx_netI_over_sigmaI_obs                     ? 
_reflns_shell.pdbx_Rrim_I_all                               1.282 
_reflns_shell.pdbx_Rpim_I_all                               0.495 
_reflns_shell.pdbx_rejects                                  ? 
_reflns_shell.pdbx_ordinal                                  1 
_reflns_shell.pdbx_diffrn_id                                1 
_reflns_shell.pdbx_CC_half                                  0.522 
_reflns_shell.pdbx_CC_star                                  ? 
_reflns_shell.pdbx_R_split                                  ? 
_reflns_shell.pdbx_percent_possible_ellipsoidal             ? 
_reflns_shell.pdbx_percent_possible_spherical               ? 
_reflns_shell.pdbx_percent_possible_ellipsoidal_anomalous   ? 
_reflns_shell.pdbx_percent_possible_spherical_anomalous     ? 
_reflns_shell.pdbx_redundancy_anomalous                     ? 
_reflns_shell.pdbx_CC_half_anomalous                        ? 
_reflns_shell.pdbx_absDiff_over_sigma_anomalous             ? 
_reflns_shell.pdbx_percent_possible_anomalous               ? 
# 
_refine.aniso_B[1][1]                            ? 
_refine.aniso_B[1][2]                            ? 
_refine.aniso_B[1][3]                            ? 
_refine.aniso_B[2][2]                            ? 
_refine.aniso_B[2][3]                            ? 
_refine.aniso_B[3][3]                            ? 
_refine.B_iso_max                                114.140 
_refine.B_iso_mean                               34.8614 
_refine.B_iso_min                                19.860 
_refine.correlation_coeff_Fo_to_Fc               ? 
_refine.correlation_coeff_Fo_to_Fc_free          ? 
_refine.details                                  ? 
_refine.diff_density_max                         ? 
_refine.diff_density_max_esd                     ? 
_refine.diff_density_min                         ? 
_refine.diff_density_min_esd                     ? 
_refine.diff_density_rms                         ? 
_refine.diff_density_rms_esd                     ? 
_refine.entry_id                                 7XGC 
_refine.pdbx_refine_id                           'X-RAY DIFFRACTION' 
_refine.ls_abs_structure_details                 ? 
_refine.ls_abs_structure_Flack                   ? 
_refine.ls_abs_structure_Flack_esd               ? 
_refine.ls_abs_structure_Rogers                  ? 
_refine.ls_abs_structure_Rogers_esd              ? 
_refine.ls_d_res_high                            1.6000 
_refine.ls_d_res_low                             37.5360 
_refine.ls_extinction_coef                       ? 
_refine.ls_extinction_coef_esd                   ? 
_refine.ls_extinction_expression                 ? 
_refine.ls_extinction_method                     ? 
_refine.ls_goodness_of_fit_all                   ? 
_refine.ls_goodness_of_fit_all_esd               ? 
_refine.ls_goodness_of_fit_obs                   ? 
_refine.ls_goodness_of_fit_obs_esd               ? 
_refine.ls_hydrogen_treatment                    ? 
_refine.ls_matrix_type                           ? 
_refine.ls_number_constraints                    ? 
_refine.ls_number_parameters                     ? 
_refine.ls_number_reflns_all                     ? 
_refine.ls_number_reflns_obs                     37543 
_refine.ls_number_reflns_R_free                  1878 
_refine.ls_number_reflns_R_work                  66599 
_refine.ls_number_restraints                     ? 
_refine.ls_percent_reflns_obs                    99.5900 
_refine.ls_percent_reflns_R_free                 4.9800 
_refine.ls_R_factor_all                          ? 
_refine.ls_R_factor_obs                          0.2063 
_refine.ls_R_factor_R_free                       0.2279 
_refine.ls_R_factor_R_free_error                 ? 
_refine.ls_R_factor_R_free_error_details         ? 
_refine.ls_R_factor_R_work                       0.2051 
_refine.ls_R_Fsqd_factor_obs                     ? 
_refine.ls_R_I_factor_obs                        ? 
_refine.ls_redundancy_reflns_all                 ? 
_refine.ls_redundancy_reflns_obs                 ? 
_refine.ls_restrained_S_all                      ? 
_refine.ls_restrained_S_obs                      ? 
_refine.ls_shift_over_esd_max                    ? 
_refine.ls_shift_over_esd_mean                   ? 
_refine.ls_structure_factor_coef                 ? 
_refine.ls_weighting_details                     ? 
_refine.ls_weighting_scheme                      ? 
_refine.ls_wR_factor_all                         ? 
_refine.ls_wR_factor_obs                         ? 
_refine.ls_wR_factor_R_free                      ? 
_refine.ls_wR_factor_R_work                      ? 
_refine.occupancy_max                            ? 
_refine.occupancy_min                            ? 
_refine.solvent_model_details                    'FLAT BULK SOLVENT MODEL' 
_refine.solvent_model_param_bsol                 ? 
_refine.solvent_model_param_ksol                 ? 
_refine.pdbx_R_complete                          ? 
_refine.ls_R_factor_gt                           ? 
_refine.ls_goodness_of_fit_gt                    ? 
_refine.ls_goodness_of_fit_ref                   ? 
_refine.ls_shift_over_su_max                     ? 
_refine.ls_shift_over_su_max_lt                  ? 
_refine.ls_shift_over_su_mean                    ? 
_refine.ls_shift_over_su_mean_lt                 ? 
_refine.pdbx_ls_sigma_I                          ? 
_refine.pdbx_ls_sigma_F                          1.340 
_refine.pdbx_ls_sigma_Fsqd                       ? 
_refine.pdbx_data_cutoff_high_absF               ? 
_refine.pdbx_data_cutoff_high_rms_absF           ? 
_refine.pdbx_data_cutoff_low_absF                ? 
_refine.pdbx_isotropic_thermal_model             ? 
_refine.pdbx_ls_cross_valid_method               THROUGHOUT 
_refine.pdbx_method_to_determine_struct          'MOLECULAR REPLACEMENT' 
_refine.pdbx_starting_model                      4ZQQ 
_refine.pdbx_stereochemistry_target_values       ML 
_refine.pdbx_R_Free_selection_details            ? 
_refine.pdbx_stereochem_target_val_spec_case     ? 
_refine.pdbx_overall_ESU_R                       ? 
_refine.pdbx_overall_ESU_R_Free                  ? 
_refine.pdbx_solvent_vdw_probe_radii             1.1100 
_refine.pdbx_solvent_ion_probe_radii             ? 
_refine.pdbx_solvent_shrinkage_radii             0.9000 
_refine.pdbx_real_space_R                        ? 
_refine.pdbx_density_correlation                 ? 
_refine.pdbx_pd_number_of_powder_patterns        ? 
_refine.pdbx_pd_number_of_points                 ? 
_refine.pdbx_pd_meas_number_of_points            ? 
_refine.pdbx_pd_proc_ls_prof_R_factor            ? 
_refine.pdbx_pd_proc_ls_prof_wR_factor           ? 
_refine.pdbx_pd_Marquardt_correlation_coeff      ? 
_refine.pdbx_pd_Fsqrd_R_factor                   ? 
_refine.pdbx_pd_ls_matrix_band_width             ? 
_refine.pdbx_overall_phase_error                 23.9700 
_refine.pdbx_overall_SU_R_free_Cruickshank_DPI   ? 
_refine.pdbx_overall_SU_R_free_Blow_DPI          ? 
_refine.pdbx_overall_SU_R_Blow_DPI               ? 
_refine.pdbx_TLS_residual_ADP_flag               ? 
_refine.pdbx_diffrn_id                           1 
_refine.overall_SU_B                             ? 
_refine.overall_SU_ML                            0.2200 
_refine.overall_SU_R_Cruickshank_DPI             ? 
_refine.overall_SU_R_free                        ? 
_refine.overall_FOM_free_R_set                   ? 
_refine.overall_FOM_work_R_set                   ? 
_refine.pdbx_average_fsc_overall                 ? 
_refine.pdbx_average_fsc_work                    ? 
_refine.pdbx_average_fsc_free                    ? 
# 
_refine_hist.pdbx_refine_id                   'X-RAY DIFFRACTION' 
_refine_hist.cycle_id                         final 
_refine_hist.details                          ? 
_refine_hist.d_res_high                       1.6000 
_refine_hist.d_res_low                        37.5360 
_refine_hist.number_atoms_solvent             84 
_refine_hist.number_atoms_total               1584 
_refine_hist.number_reflns_all                ? 
_refine_hist.number_reflns_obs                ? 
_refine_hist.number_reflns_R_free             ? 
_refine_hist.number_reflns_R_work             ? 
_refine_hist.R_factor_all                     ? 
_refine_hist.R_factor_obs                     ? 
_refine_hist.R_factor_R_free                  ? 
_refine_hist.R_factor_R_work                  ? 
_refine_hist.pdbx_number_residues_total       181 
_refine_hist.pdbx_B_iso_mean_ligand           76.64 
_refine_hist.pdbx_B_iso_mean_solvent          38.38 
_refine_hist.pdbx_number_atoms_protein        1493 
_refine_hist.pdbx_number_atoms_nucleic_acid   0 
_refine_hist.pdbx_number_atoms_ligand         7 
_refine_hist.pdbx_number_atoms_lipid          ? 
_refine_hist.pdbx_number_atoms_carb           ? 
_refine_hist.pdbx_pseudo_atom_details         ? 
# 
loop_
_refine_ls_shell.pdbx_refine_id 
_refine_ls_shell.d_res_high 
_refine_ls_shell.d_res_low 
_refine_ls_shell.number_reflns_all 
_refine_ls_shell.number_reflns_obs 
_refine_ls_shell.number_reflns_R_free 
_refine_ls_shell.number_reflns_R_work 
_refine_ls_shell.percent_reflns_obs 
_refine_ls_shell.percent_reflns_R_free 
_refine_ls_shell.R_factor_all 
_refine_ls_shell.R_factor_obs 
_refine_ls_shell.R_factor_R_free 
_refine_ls_shell.R_factor_R_free_error 
_refine_ls_shell.R_factor_R_work 
_refine_ls_shell.redundancy_reflns_all 
_refine_ls_shell.redundancy_reflns_obs 
_refine_ls_shell.wR_factor_all 
_refine_ls_shell.wR_factor_obs 
_refine_ls_shell.wR_factor_R_free 
_refine_ls_shell.wR_factor_R_work 
_refine_ls_shell.pdbx_R_complete 
_refine_ls_shell.pdbx_total_number_of_bins_used 
_refine_ls_shell.pdbx_phase_error 
_refine_ls_shell.pdbx_fsc_work 
_refine_ls_shell.pdbx_fsc_free 
'X-RAY DIFFRACTION' 1.6003 1.6222 . . 130 2528 94.0000  . . . 0.3721 0.0000 0.3458 . . . . . . . . . . . 
'X-RAY DIFFRACTION' 1.6222 1.6454 . . 137 2624 98.0000  . . . 0.3281 0.0000 0.3139 . . . . . . . . . . . 
'X-RAY DIFFRACTION' 1.6454 1.6699 . . 140 2640 99.0000  . . . 0.3323 0.0000 0.3177 . . . . . . . . . . . 
'X-RAY DIFFRACTION' 1.6699 1.6960 . . 143 2672 100.0000 . . . 0.3226 0.0000 0.2816 . . . . . . . . . . . 
'X-RAY DIFFRACTION' 1.6960 1.7238 . . 144 2644 100.0000 . . . 0.2942 0.0000 0.2684 . . . . . . . . . . . 
'X-RAY DIFFRACTION' 1.7238 1.7535 . . 138 2684 100.0000 . . . 0.2671 0.0000 0.2501 . . . . . . . . . . . 
'X-RAY DIFFRACTION' 1.7535 1.7854 . . 147 2673 100.0000 . . . 0.2685 0.0000 0.2416 . . . . . . . . . . . 
'X-RAY DIFFRACTION' 1.7854 1.8198 . . 142 2660 100.0000 . . . 0.2618 0.0000 0.2353 . . . . . . . . . . . 
'X-RAY DIFFRACTION' 1.8198 1.8569 . . 138 2649 100.0000 . . . 0.2912 0.0000 0.2355 . . . . . . . . . . . 
'X-RAY DIFFRACTION' 1.8569 1.8973 . . 138 2711 100.0000 . . . 0.2537 0.0000 0.2262 . . . . . . . . . . . 
'X-RAY DIFFRACTION' 1.8973 1.9414 . . 134 2700 100.0000 . . . 0.2941 0.0000 0.2284 . . . . . . . . . . . 
'X-RAY DIFFRACTION' 1.9414 1.9900 . . 144 2651 100.0000 . . . 0.2835 0.0000 0.2278 . . . . . . . . . . . 
'X-RAY DIFFRACTION' 1.9900 2.0438 . . 136 2661 100.0000 . . . 0.2542 0.0000 0.2262 . . . . . . . . . . . 
'X-RAY DIFFRACTION' 2.0438 2.1039 . . 141 2661 100.0000 . . . 0.2825 0.0000 0.2188 . . . . . . . . . . . 
'X-RAY DIFFRACTION' 2.1039 2.1718 . . 135 2697 100.0000 . . . 0.2653 0.0000 0.2205 . . . . . . . . . . . 
'X-RAY DIFFRACTION' 2.1718 2.2494 . . 142 2679 100.0000 . . . 0.2232 0.0000 0.2195 . . . . . . . . . . . 
'X-RAY DIFFRACTION' 2.2494 2.3395 . . 142 2690 100.0000 . . . 0.2650 0.0000 0.2214 . . . . . . . . . . . 
'X-RAY DIFFRACTION' 2.3395 2.4459 . . 140 2660 100.0000 . . . 0.2469 0.0000 0.2251 . . . . . . . . . . . 
'X-RAY DIFFRACTION' 2.4459 2.5748 . . 141 2652 100.0000 . . . 0.2479 0.0000 0.2311 . . . . . . . . . . . 
'X-RAY DIFFRACTION' 2.5748 2.7361 . . 139 2705 100.0000 . . . 0.2518 0.0000 0.2136 . . . . . . . . . . . 
'X-RAY DIFFRACTION' 2.7361 2.9473 . . 142 2673 100.0000 . . . 0.2509 0.0000 0.2122 . . . . . . . . . . . 
'X-RAY DIFFRACTION' 2.9473 3.2437 . . 138 2668 100.0000 . . . 0.2116 0.0000 0.2128 . . . . . . . . . . . 
'X-RAY DIFFRACTION' 3.2437 3.7128 . . 145 2674 100.0000 . . . 0.2168 0.0000 0.1917 . . . . . . . . . . . 
'X-RAY DIFFRACTION' 3.7128 4.6763 . . 138 2671 100.0000 . . . 0.1857 0.0000 0.1580 . . . . . . . . . . . 
# 
_struct.entry_id                     7XGC 
_struct.title                        
'Crystal structure of influenza polymerase acidic subunit N-terminal domain crystallized by ammonium sulfate with glycan' 
_struct.pdbx_model_details           ? 
_struct.pdbx_formula_weight          ? 
_struct.pdbx_formula_weight_method   ? 
_struct.pdbx_model_type_details      ? 
_struct.pdbx_CASP_flag               N 
# 
_struct_keywords.entry_id        7XGC 
_struct_keywords.text            'endo-nuclease, VIRAL PROTEIN' 
_struct_keywords.pdbx_keywords   'VIRAL PROTEIN' 
# 
loop_
_struct_asym.id 
_struct_asym.pdbx_blank_PDB_chainid_flag 
_struct_asym.pdbx_modified 
_struct_asym.entity_id 
_struct_asym.details 
A N N 1 ? 
B N N 2 ? 
C N N 3 ? 
D N N 3 ? 
E N N 4 ? 
# 
loop_
_struct_conf.conf_type_id 
_struct_conf.id 
_struct_conf.pdbx_PDB_helix_id 
_struct_conf.beg_label_comp_id 
_struct_conf.beg_label_asym_id 
_struct_conf.beg_label_seq_id 
_struct_conf.pdbx_beg_PDB_ins_code 
_struct_conf.end_label_comp_id 
_struct_conf.end_label_asym_id 
_struct_conf.end_label_seq_id 
_struct_conf.pdbx_end_PDB_ins_code 
_struct_conf.beg_auth_comp_id 
_struct_conf.beg_auth_asym_id 
_struct_conf.beg_auth_seq_id 
_struct_conf.end_auth_comp_id 
_struct_conf.end_auth_asym_id 
_struct_conf.end_auth_seq_id 
_struct_conf.pdbx_PDB_helix_class 
_struct_conf.details 
_struct_conf.pdbx_PDB_helix_length 
HELX_P HELX_P1 AA1 SER A 5   ? PHE A 14  ? SER A 5   PHE A 14  1 ? 10 
HELX_P HELX_P2 AA2 ASN A 15  ? TYR A 29  ? ASN A 15  TYR A 29  1 ? 15 
HELX_P HELX_P3 AA3 GLU A 36  ? ALA A 56  ? GLU A 36  ALA A 56  1 ? 21 
HELX_P HELX_P4 AA4 ASP A 68  ? GLY A 84  ? ASP A 68  GLY A 84  1 ? 17 
HELX_P HELX_P5 AA5 GLU A 111 ? LYS A 124 ? GLU A 111 LYS A 124 1 ? 14 
HELX_P HELX_P6 AA6 LYS A 143 ? ASP A 145 ? LYS A 143 ASP A 145 5 ? 3  
HELX_P HELX_P7 AA7 ASP A 149 ? ARG A 170 ? ASP A 149 ARG A 170 1 ? 22 
HELX_P HELX_P8 AA8 LEU A 172 ? SER A 179 ? LEU A 172 SER A 179 1 ? 8  
# 
_struct_conf_type.id          HELX_P 
_struct_conf_type.criteria    ? 
_struct_conf_type.reference   ? 
# 
loop_
_struct_conn.id 
_struct_conn.conn_type_id 
_struct_conn.pdbx_leaving_atom_flag 
_struct_conn.pdbx_PDB_id 
_struct_conn.ptnr1_label_asym_id 
_struct_conn.ptnr1_label_comp_id 
_struct_conn.ptnr1_label_seq_id 
_struct_conn.ptnr1_label_atom_id 
_struct_conn.pdbx_ptnr1_label_alt_id 
_struct_conn.pdbx_ptnr1_PDB_ins_code 
_struct_conn.pdbx_ptnr1_standard_comp_id 
_struct_conn.ptnr1_symmetry 
_struct_conn.ptnr2_label_asym_id 
_struct_conn.ptnr2_label_comp_id 
_struct_conn.ptnr2_label_seq_id 
_struct_conn.ptnr2_label_atom_id 
_struct_conn.pdbx_ptnr2_label_alt_id 
_struct_conn.pdbx_ptnr2_PDB_ins_code 
_struct_conn.ptnr1_auth_asym_id 
_struct_conn.ptnr1_auth_comp_id 
_struct_conn.ptnr1_auth_seq_id 
_struct_conn.ptnr2_auth_asym_id 
_struct_conn.ptnr2_auth_comp_id 
_struct_conn.ptnr2_auth_seq_id 
_struct_conn.ptnr2_symmetry 
_struct_conn.pdbx_ptnr3_label_atom_id 
_struct_conn.pdbx_ptnr3_label_seq_id 
_struct_conn.pdbx_ptnr3_label_comp_id 
_struct_conn.pdbx_ptnr3_label_asym_id 
_struct_conn.pdbx_ptnr3_label_alt_id 
_struct_conn.pdbx_ptnr3_PDB_ins_code 
_struct_conn.details 
_struct_conn.pdbx_dist_value 
_struct_conn.pdbx_value_order 
_struct_conn.pdbx_role 
metalc1 metalc ? ? A GLU 65 OE1 ? ? ? 1_555 D MN  . MN ? ? A GLU 65  A MN  203 1_555 ? ? ? ? ? ? ? 2.288 ? ? 
metalc2 metalc ? ? C MN  .  MN  ? ? ? 1_555 E HOH . O  ? ? A MN  202 A HOH 380 1_555 ? ? ? ? ? ? ? 2.798 ? ? 
# 
_struct_conn_type.id          metalc 
_struct_conn_type.criteria    ? 
_struct_conn_type.reference   ? 
# 
_struct_sheet.id               AA1 
_struct_sheet.type             ? 
_struct_sheet.number_strands   5 
_struct_sheet.details          ? 
# 
loop_
_struct_sheet_order.sheet_id 
_struct_sheet_order.range_id_1 
_struct_sheet_order.range_id_2 
_struct_sheet_order.offset 
_struct_sheet_order.sense 
AA1 1 2 ? anti-parallel 
AA1 2 3 ? anti-parallel 
AA1 3 4 ? parallel      
AA1 4 5 ? anti-parallel 
# 
loop_
_struct_sheet_range.sheet_id 
_struct_sheet_range.id 
_struct_sheet_range.beg_label_comp_id 
_struct_sheet_range.beg_label_asym_id 
_struct_sheet_range.beg_label_seq_id 
_struct_sheet_range.pdbx_beg_PDB_ins_code 
_struct_sheet_range.end_label_comp_id 
_struct_sheet_range.end_label_asym_id 
_struct_sheet_range.end_label_seq_id 
_struct_sheet_range.pdbx_end_PDB_ins_code 
_struct_sheet_range.beg_auth_comp_id 
_struct_sheet_range.beg_auth_asym_id 
_struct_sheet_range.beg_auth_seq_id 
_struct_sheet_range.end_auth_comp_id 
_struct_sheet_range.end_auth_asym_id 
_struct_sheet_range.end_auth_seq_id 
AA1 1 PHE A 61  ? ILE A 63  ? PHE A 61  ILE A 63  
AA1 2 LEU A 94  ? ASP A 96  ? LEU A 94  ASP A 96  
AA1 3 ARG A 101 ? THR A 108 ? ARG A 101 THR A 108 
AA1 4 HIS A 129 ? SER A 134 ? HIS A 129 SER A 134 
AA1 5 GLU A 139 ? ALA A 141 ? GLU A 139 ALA A 141 
# 
loop_
_pdbx_struct_sheet_hbond.sheet_id 
_pdbx_struct_sheet_hbond.range_id_1 
_pdbx_struct_sheet_hbond.range_id_2 
_pdbx_struct_sheet_hbond.range_1_label_atom_id 
_pdbx_struct_sheet_hbond.range_1_label_comp_id 
_pdbx_struct_sheet_hbond.range_1_label_asym_id 
_pdbx_struct_sheet_hbond.range_1_label_seq_id 
_pdbx_struct_sheet_hbond.range_1_PDB_ins_code 
_pdbx_struct_sheet_hbond.range_1_auth_atom_id 
_pdbx_struct_sheet_hbond.range_1_auth_comp_id 
_pdbx_struct_sheet_hbond.range_1_auth_asym_id 
_pdbx_struct_sheet_hbond.range_1_auth_seq_id 
_pdbx_struct_sheet_hbond.range_2_label_atom_id 
_pdbx_struct_sheet_hbond.range_2_label_comp_id 
_pdbx_struct_sheet_hbond.range_2_label_asym_id 
_pdbx_struct_sheet_hbond.range_2_label_seq_id 
_pdbx_struct_sheet_hbond.range_2_PDB_ins_code 
_pdbx_struct_sheet_hbond.range_2_auth_atom_id 
_pdbx_struct_sheet_hbond.range_2_auth_comp_id 
_pdbx_struct_sheet_hbond.range_2_auth_asym_id 
_pdbx_struct_sheet_hbond.range_2_auth_seq_id 
AA1 1 2 N GLU A 62  ? N GLU A 62  O TYR A 95  ? O TYR A 95  
AA1 2 3 N ASP A 96  ? N ASP A 96  O ARG A 101 ? O ARG A 101 
AA1 3 4 N GLY A 106 ? N GLY A 106 O PHE A 133 ? O PHE A 133 
AA1 4 5 N ILE A 132 ? N ILE A 132 O MET A 140 ? O MET A 140 
# 
_atom_sites.entry_id                    7XGC 
_atom_sites.Cartn_transf_matrix[1][1]   ? 
_atom_sites.Cartn_transf_matrix[1][2]   ? 
_atom_sites.Cartn_transf_matrix[1][3]   ? 
_atom_sites.Cartn_transf_matrix[2][1]   ? 
_atom_sites.Cartn_transf_matrix[2][2]   ? 
_atom_sites.Cartn_transf_matrix[2][3]   ? 
_atom_sites.Cartn_transf_matrix[3][1]   ? 
_atom_sites.Cartn_transf_matrix[3][2]   ? 
_atom_sites.Cartn_transf_matrix[3][3]   ? 
_atom_sites.Cartn_transf_vector[1]      ? 
_atom_sites.Cartn_transf_vector[2]      ? 
_atom_sites.Cartn_transf_vector[3]      ? 
_atom_sites.fract_transf_matrix[1][1]   -0.01056787 
_atom_sites.fract_transf_matrix[1][2]   0.00994253 
_atom_sites.fract_transf_matrix[1][3]   0.00422002 
_atom_sites.fract_transf_matrix[2][1]   0.01073547 
_atom_sites.fract_transf_matrix[2][2]   0.00901928 
_atom_sites.fract_transf_matrix[2][3]   0.00563424 
_atom_sites.fract_transf_matrix[3][1]   0.00062551 
_atom_sites.fract_transf_matrix[3][2]   0.00365217 
_atom_sites.fract_transf_matrix[3][3]   -0.00703822 
_atom_sites.fract_transf_vector[1]      -0.071877 
_atom_sites.fract_transf_vector[2]      -0.394527 
_atom_sites.fract_transf_vector[3]      -0.100996 
_atom_sites.solution_primary            ? 
_atom_sites.solution_secondary          ? 
_atom_sites.solution_hydrogens          ? 
_atom_sites.special_details             ? 
# 
loop_
_atom_type.symbol 
C  
MN 
N  
O  
S  
# 
loop_
_atom_site.group_PDB 
_atom_site.id 
_atom_site.type_symbol 
_atom_site.label_atom_id 
_atom_site.label_alt_id 
_atom_site.label_comp_id 
_atom_site.label_asym_id 
_atom_site.label_entity_id 
_atom_site.label_seq_id 
_atom_site.pdbx_PDB_ins_code 
_atom_site.Cartn_x 
_atom_site.Cartn_y 
_atom_site.Cartn_z 
_atom_site.occupancy 
_atom_site.B_iso_or_equiv 
_atom_site.pdbx_formal_charge 
_atom_site.auth_seq_id 
_atom_site.auth_comp_id 
_atom_site.auth_asym_id 
_atom_site.auth_atom_id 
_atom_site.pdbx_PDB_model_num 
ATOM   1    N  N   . GLY A 1 1   ? 11.665  21.640  20.265  1.00 67.62  ? 1   GLY A N   1 
ATOM   2    C  CA  . GLY A 1 1   ? 11.655  21.241  18.870  1.00 59.65  ? 1   GLY A CA  1 
ATOM   3    C  C   . GLY A 1 1   ? 10.314  21.492  18.220  1.00 49.58  ? 1   GLY A C   1 
ATOM   4    O  O   . GLY A 1 1   ? 9.273   21.194  18.806  1.00 45.95  ? 1   GLY A O   1 
ATOM   5    N  N   . PRO A 1 2   ? 10.324  22.049  17.011  1.00 46.82  ? 2   PRO A N   1 
ATOM   6    C  CA  . PRO A 1 2   ? 9.055   22.338  16.334  1.00 37.35  ? 2   PRO A CA  1 
ATOM   7    C  C   . PRO A 1 2   ? 8.358   21.056  15.921  1.00 40.29  ? 2   PRO A C   1 
ATOM   8    O  O   . PRO A 1 2   ? 8.992   20.082  15.508  1.00 40.02  ? 2   PRO A O   1 
ATOM   9    C  CB  . PRO A 1 2   ? 9.477   23.167  15.116  1.00 39.07  ? 2   PRO A CB  1 
ATOM   10   C  CG  . PRO A 1 2   ? 10.898  22.763  14.865  1.00 44.86  ? 2   PRO A CG  1 
ATOM   11   C  CD  . PRO A 1 2   ? 11.490  22.463  16.214  1.00 39.63  ? 2   PRO A CD  1 
ATOM   12   N  N   . LEU A 1 3   ? 7.040   21.061  16.044  1.00 32.99  ? 3   LEU A N   1 
ATOM   13   C  CA  . LEU A 1 3   ? 6.209   19.939  15.625  1.00 30.11  ? 3   LEU A CA  1 
ATOM   14   C  C   . LEU A 1 3   ? 5.466   20.383  14.368  1.00 31.03  ? 3   LEU A C   1 
ATOM   15   O  O   . LEU A 1 3   ? 4.645   21.302  14.421  1.00 30.70  ? 3   LEU A O   1 
ATOM   16   C  CB  . LEU A 1 3   ? 5.248   19.540  16.735  1.00 33.75  ? 3   LEU A CB  1 
ATOM   17   C  CG  . LEU A 1 3   ? 4.837   18.073  16.760  1.00 38.02  ? 3   LEU A CG  1 
ATOM   18   C  CD1 . LEU A 1 3   ? 4.460   17.656  18.179  1.00 36.82  ? 3   LEU A CD1 1 
ATOM   19   C  CD2 . LEU A 1 3   ? 3.691   17.828  15.800  1.00 39.82  ? 3   LEU A CD2 1 
ATOM   20   N  N   . GLY A 1 4   ? 5.761   19.748  13.229  1.00 28.16  ? 4   GLY A N   1 
ATOM   21   C  CA  . GLY A 1 4   ? 5.171   20.189  11.978  1.00 29.47  ? 4   GLY A CA  1 
ATOM   22   C  C   . GLY A 1 4   ? 3.776   19.639  11.786  1.00 27.82  ? 4   GLY A C   1 
ATOM   23   O  O   . GLY A 1 4   ? 3.271   18.845  12.578  1.00 32.18  ? 4   GLY A O   1 
ATOM   24   N  N   . SER A 1 5   ? 3.130   20.073  10.714  1.00 27.93  ? 5   SER A N   1 
ATOM   25   C  CA  . SER A 1 5   ? 1.808   19.539  10.409  1.00 29.33  ? 5   SER A CA  1 
ATOM   26   C  C   . SER A 1 5   ? 1.952   18.365  9.450   1.00 27.23  ? 5   SER A C   1 
ATOM   27   O  O   . SER A 1 5   ? 2.756   18.412  8.515   1.00 29.85  ? 5   SER A O   1 
ATOM   28   C  CB  . SER A 1 5   ? 0.908   20.624  9.820   1.00 39.31  ? 5   SER A CB  1 
ATOM   29   O  OG  . SER A 1 5   ? 0.915   20.619  8.416   1.00 38.07  ? 5   SER A OG  1 
ATOM   30   N  N   . MET A 1 6   ? 1.197   17.297  9.711   1.00 26.26  ? 6   MET A N   1 
ATOM   31   C  CA  . MET A 1 6   ? 1.257   16.148  8.816   1.00 25.72  ? 6   MET A CA  1 
ATOM   32   C  C   . MET A 1 6   ? 0.757   16.492  7.415   1.00 26.56  ? 6   MET A C   1 
ATOM   33   O  O   . MET A 1 6   ? 1.292   15.970  6.438   1.00 26.05  ? 6   MET A O   1 
ATOM   34   C  CB  . MET A 1 6   ? 0.468   14.977  9.387   1.00 26.40  ? 6   MET A CB  1 
ATOM   35   C  CG  . MET A 1 6   ? 0.476   13.714  8.510   1.00 23.07  ? 6   MET A CG  1 
ATOM   36   S  SD  . MET A 1 6   ? 2.169   13.074  8.230   1.00 25.97  ? 6   MET A SD  1 
ATOM   37   C  CE  . MET A 1 6   ? 2.341   12.001  9.641   1.00 27.33  ? 6   MET A CE  1 
ATOM   38   N  N   . GLU A 1 7   ? -0.242  17.383  7.284   1.00 26.81  ? 7   GLU A N   1 
ATOM   39   C  CA  . GLU A 1 7   ? -0.691  17.727  5.933   1.00 28.81  ? 7   GLU A CA  1 
ATOM   40   C  C   . GLU A 1 7   ? 0.407   18.435  5.142   1.00 30.33  ? 7   GLU A C   1 
ATOM   41   O  O   . GLU A 1 7   ? 0.588   18.163  3.942   1.00 30.22  ? 7   GLU A O   1 
ATOM   42   C  CB  . GLU A 1 7   ? -1.969  18.578  5.979   1.00 28.93  ? 7   GLU A CB  1 
ATOM   43   C  CG  . GLU A 1 7   ? -2.689  18.582  4.614   1.00 31.79  ? 7   GLU A CG  1 
ATOM   44   C  CD  . GLU A 1 7   ? -3.903  19.509  4.541   1.00 41.17  ? 7   GLU A CD  1 
ATOM   45   O  OE1 . GLU A 1 7   ? -4.550  19.766  5.582   1.00 36.56  ? 7   GLU A OE1 1 
ATOM   46   O  OE2 . GLU A 1 7   ? -4.212  19.974  3.422   1.00 39.25  ? 7   GLU A OE2 1 
ATOM   47   N  N   . ASP A 1 8   ? 1.144   19.347  5.788   1.00 30.07  ? 8   ASP A N   1 
ATOM   48   C  CA  . ASP A 1 8   ? 2.297   19.975  5.147   1.00 32.70  ? 8   ASP A CA  1 
ATOM   49   C  C   . ASP A 1 8   ? 3.251   18.908  4.639   1.00 32.86  ? 8   ASP A C   1 
ATOM   50   O  O   . ASP A 1 8   ? 3.702   18.938  3.481   1.00 35.70  ? 8   ASP A O   1 
ATOM   51   C  CB  . ASP A 1 8   ? 3.038   20.884  6.137   1.00 37.20  ? 8   ASP A CB  1 
ATOM   52   C  CG  . ASP A 1 8   ? 2.400   22.260  6.286   1.00 42.56  ? 8   ASP A CG  1 
ATOM   53   O  OD1 . ASP A 1 8   ? 1.385   22.523  5.608   1.00 35.82  ? 8   ASP A OD1 1 
ATOM   54   O  OD2 . ASP A 1 8   ? 2.923   23.071  7.100   1.00 38.87  ? 8   ASP A OD2 1 
ATOM   55   N  N   . PHE A 1 9   ? 3.552   17.941  5.502   1.00 30.66  ? 9   PHE A N   1 
ATOM   56   C  CA  . PHE A 1 9   ? 4.531   16.922  5.156   1.00 30.30  ? 9   PHE A CA  1 
ATOM   57   C  C   . PHE A 1 9   ? 4.055   16.100  3.966   1.00 27.95  ? 9   PHE A C   1 
ATOM   58   O  O   . PHE A 1 9   ? 4.822   15.847  3.033   1.00 29.57  ? 9   PHE A O   1 
ATOM   59   C  CB  . PHE A 1 9   ? 4.803   16.016  6.358   1.00 29.93  ? 9   PHE A CB  1 
ATOM   60   C  CG  . PHE A 1 9   ? 5.553   14.767  5.983   1.00 31.36  ? 9   PHE A CG  1 
ATOM   61   C  CD1 . PHE A 1 9   ? 6.916   14.808  5.780   1.00 36.31  ? 9   PHE A CD1 1 
ATOM   62   C  CD2 . PHE A 1 9   ? 4.880   13.576  5.767   1.00 28.58  ? 9   PHE A CD2 1 
ATOM   63   C  CE1 . PHE A 1 9   ? 7.601   13.663  5.389   1.00 36.77  ? 9   PHE A CE1 1 
ATOM   64   C  CE2 . PHE A 1 9   ? 5.564   12.436  5.375   1.00 30.82  ? 9   PHE A CE2 1 
ATOM   65   C  CZ  . PHE A 1 9   ? 6.923   12.488  5.198   1.00 32.59  ? 9   PHE A CZ  1 
ATOM   66   N  N   . VAL A 1 10  ? 2.791   15.677  3.985   1.00 26.93  ? 10  VAL A N   1 
ATOM   67   C  CA  . VAL A 1 10  ? 2.280   14.836  2.903   1.00 26.13  ? 10  VAL A CA  1 
ATOM   68   C  C   . VAL A 1 10  ? 2.349   15.584  1.580   1.00 34.54  ? 10  VAL A C   1 
ATOM   69   O  O   . VAL A 1 10  ? 2.812   15.046  0.567   1.00 28.45  ? 10  VAL A O   1 
ATOM   70   C  CB  . VAL A 1 10  ? 0.849   14.359  3.211   1.00 27.73  ? 10  VAL A CB  1 
ATOM   71   C  CG1 . VAL A 1 10  ? 0.200   13.739  1.955   1.00 28.80  ? 10  VAL A CG1 1 
ATOM   72   C  CG2 . VAL A 1 10  ? 0.850   13.349  4.334   1.00 27.44  ? 10  VAL A CG2 1 
ATOM   73   N  N   . ARG A 1 11  ? 1.900   16.843  1.566   1.00 29.47  ? 11  ARG A N   1 
ATOM   74   C  CA  . ARG A 1 11  ? 1.925   17.587  0.312   1.00 29.40  ? 11  ARG A CA  1 
ATOM   75   C  C   . ARG A 1 11  ? 3.341   17.904  -0.169  1.00 37.10  ? 11  ARG A C   1 
ATOM   76   O  O   . ARG A 1 11  ? 3.528   18.101  -1.373  1.00 40.31  ? 11  ARG A O   1 
ATOM   77   C  CB  . ARG A 1 11  ? 1.073   18.849  0.463   1.00 33.31  ? 11  ARG A CB  1 
ATOM   78   C  CG  . ARG A 1 11  ? -0.383  18.514  0.746   1.00 33.87  ? 11  ARG A CG  1 
ATOM   79   C  CD  . ARG A 1 11  ? -1.329  19.742  0.762   1.00 35.27  ? 11  ARG A CD  1 
ATOM   80   N  NE  . ARG A 1 11  ? -2.677  19.330  1.151   1.00 34.38  ? 11  ARG A NE  1 
ATOM   81   C  CZ  . ARG A 1 11  ? -3.532  18.706  0.339   1.00 32.25  ? 11  ARG A CZ  1 
ATOM   82   N  NH1 . ARG A 1 11  ? -3.181  18.429  -0.912  1.00 36.03  ? 11  ARG A NH1 1 
ATOM   83   N  NH2 . ARG A 1 11  ? -4.736  18.348  0.775   1.00 34.97  ? 11  ARG A NH2 1 
ATOM   84   N  N   . GLN A 1 12  ? 4.342   17.934  0.724   1.00 32.21  ? 12  GLN A N   1 
ATOM   85   C  CA  . GLN A 1 12  ? 5.725   18.128  0.286   1.00 39.09  ? 12  GLN A CA  1 
ATOM   86   C  C   . GLN A 1 12  ? 6.458   16.827  -0.040  1.00 37.09  ? 12  GLN A C   1 
ATOM   87   O  O   . GLN A 1 12  ? 7.459   16.870  -0.765  1.00 41.76  ? 12  GLN A O   1 
ATOM   88   C  CB  . GLN A 1 12  ? 6.527   18.907  1.348   1.00 41.37  ? 12  GLN A CB  1 
ATOM   89   C  CG  . GLN A 1 12  ? 5.848   20.200  1.816   1.00 50.30  ? 12  GLN A CG  1 
ATOM   90   C  CD  . GLN A 1 12  ? 6.631   20.967  2.877   1.00 67.95  ? 12  GLN A CD  1 
ATOM   91   O  OE1 . GLN A 1 12  ? 7.742   20.585  3.254   1.00 75.67  ? 12  GLN A OE1 1 
ATOM   92   N  NE2 . GLN A 1 12  ? 6.035   22.045  3.383   1.00 62.64  ? 12  GLN A NE2 1 
ATOM   93   N  N   . CYS A 1 13  ? 5.982   15.681  0.443   1.00 32.25  ? 13  CYS A N   1 
ATOM   94   C  CA  . CYS A 1 13  ? 6.727   14.426  0.380   1.00 34.86  ? 13  CYS A CA  1 
ATOM   95   C  C   . CYS A 1 13  ? 6.325   13.543  -0.783  1.00 36.41  ? 13  CYS A C   1 
ATOM   96   O  O   . CYS A 1 13  ? 7.177   12.848  -1.346  1.00 37.85  ? 13  CYS A O   1 
ATOM   97   C  CB  . CYS A 1 13  ? 6.544   13.624  1.677   1.00 35.60  ? 13  CYS A CB  1 
ATOM   98   S  SG  . CYS A 1 13  ? 7.156   11.880  1.627   1.00 40.12  ? 13  CYS A SG  1 
ATOM   99   N  N   . PHE A 1 14  ? 5.048   13.524  -1.140  1.00 30.34  ? 14  PHE A N   1 
ATOM   100  C  CA  . PHE A 1 14  ? 4.551   12.627  -2.168  1.00 28.07  ? 14  PHE A CA  1 
ATOM   101  C  C   . PHE A 1 14  ? 4.268   13.414  -3.436  1.00 33.35  ? 14  PHE A C   1 
ATOM   102  O  O   . PHE A 1 14  ? 3.951   14.607  -3.388  1.00 34.42  ? 14  PHE A O   1 
ATOM   103  C  CB  . PHE A 1 14  ? 3.288   11.899  -1.708  1.00 29.19  ? 14  PHE A CB  1 
ATOM   104  C  CG  . PHE A 1 14  ? 3.513   11.017  -0.515  1.00 28.62  ? 14  PHE A CG  1 
ATOM   105  C  CD1 . PHE A 1 14  ? 3.925   9.703   -0.680  1.00 28.93  ? 14  PHE A CD1 1 
ATOM   106  C  CD2 . PHE A 1 14  ? 3.331   11.508  0.764   1.00 25.65  ? 14  PHE A CD2 1 
ATOM   107  C  CE1 . PHE A 1 14  ? 4.141   8.891   0.411   1.00 29.04  ? 14  PHE A CE1 1 
ATOM   108  C  CE2 . PHE A 1 14  ? 3.544   10.710  1.866   1.00 31.74  ? 14  PHE A CE2 1 
ATOM   109  C  CZ  . PHE A 1 14  ? 3.959   9.402   1.701   1.00 26.58  ? 14  PHE A CZ  1 
ATOM   110  N  N   . ASN A 1 15  ? 4.385   12.740  -4.576  1.00 32.51  ? 15  ASN A N   1 
ATOM   111  C  CA  . ASN A 1 15  ? 4.168   13.443  -5.821  1.00 37.43  ? 15  ASN A CA  1 
ATOM   112  C  C   . ASN A 1 15  ? 2.691   13.800  -5.965  1.00 34.75  ? 15  ASN A C   1 
ATOM   113  O  O   . ASN A 1 15  ? 1.823   13.182  -5.344  1.00 30.96  ? 15  ASN A O   1 
ATOM   114  C  CB  . ASN A 1 15  ? 4.693   12.627  -7.009  1.00 35.86  ? 15  ASN A CB  1 
ATOM   115  C  CG  . ASN A 1 15  ? 3.815   11.462  -7.381  1.00 41.51  ? 15  ASN A CG  1 
ATOM   116  O  OD1 . ASN A 1 15  ? 2.649   11.621  -7.730  1.00 52.99  ? 15  ASN A OD1 1 
ATOM   117  N  ND2 . ASN A 1 15  ? 4.400   10.268  -7.368  1.00 57.72  ? 15  ASN A ND2 1 
ATOM   118  N  N   . PRO A 1 16  ? 2.381   14.830  -6.755  1.00 38.41  ? 16  PRO A N   1 
ATOM   119  C  CA  . PRO A 1 16  ? 0.998   15.331  -6.796  1.00 31.17  ? 16  PRO A CA  1 
ATOM   120  C  C   . PRO A 1 16  ? -0.030  14.320  -7.271  1.00 33.90  ? 16  PRO A C   1 
ATOM   121  O  O   . PRO A 1 16  ? -1.189  14.390  -6.839  1.00 33.50  ? 16  PRO A O   1 
ATOM   122  C  CB  . PRO A 1 16  ? 1.106   16.529  -7.757  1.00 34.60  ? 16  PRO A CB  1 
ATOM   123  C  CG  . PRO A 1 16  ? 2.496   17.002  -7.561  1.00 40.30  ? 16  PRO A CG  1 
ATOM   124  C  CD  . PRO A 1 16  ? 3.319   15.756  -7.413  1.00 36.96  ? 16  PRO A CD  1 
ATOM   125  N  N   . MET A 1 17  ? 0.346   13.381  -8.143  1.00 33.97  ? 17  MET A N   1 
ATOM   126  C  CA  . MET A 1 17  ? -0.609  12.356  -8.550  1.00 36.30  ? 17  MET A CA  1 
ATOM   127  C  C   . MET A 1 17  ? -1.005  11.481  -7.365  1.00 32.37  ? 17  MET A C   1 
ATOM   128  O  O   . MET A 1 17  ? -2.187  11.142  -7.198  1.00 32.91  ? 17  MET A O   1 
ATOM   129  C  CB  . MET A 1 17  ? -0.028  11.504  -9.682  1.00 38.26  ? 17  MET A CB  1 
ATOM   130  C  CG  . MET A 1 17  ? -0.902  10.297  -10.035 1.00 51.42  ? 17  MET A CG  1 
ATOM   131  S  SD  . MET A 1 17  ? -0.027  8.918   -10.818 1.00 73.35  ? 17  MET A SD  1 
ATOM   132  C  CE  . MET A 1 17  ? 1.216   8.539   -9.576  1.00 52.59  ? 17  MET A CE  1 
ATOM   133  N  N   . ILE A 1 18  ? -0.031  11.123  -6.519  1.00 31.86  ? 18  ILE A N   1 
ATOM   134  C  CA  . ILE A 1 18  ? -0.333  10.288  -5.359  1.00 28.03  ? 18  ILE A CA  1 
ATOM   135  C  C   . ILE A 1 18  ? -1.236  11.041  -4.392  1.00 24.38  ? 18  ILE A C   1 
ATOM   136  O  O   . ILE A 1 18  ? -2.260  10.514  -3.945  1.00 27.02  ? 18  ILE A O   1 
ATOM   137  C  CB  . ILE A 1 18  ? 0.963   9.815   -4.680  1.00 27.13  ? 18  ILE A CB  1 
ATOM   138  C  CG1 . ILE A 1 18  ? 1.674   8.795   -5.584  1.00 30.82  ? 18  ILE A CG1 1 
ATOM   139  C  CG2 . ILE A 1 18  ? 0.661   9.246   -3.275  1.00 29.77  ? 18  ILE A CG2 1 
ATOM   140  C  CD1 . ILE A 1 18  ? 2.984   8.326   -5.041  1.00 35.07  ? 18  ILE A CD1 1 
ATOM   141  N  N   . VAL A 1 19  ? -0.890  12.299  -4.101  1.00 27.27  ? 19  VAL A N   1 
ATOM   142  C  CA  . VAL A 1 19  ? -1.706  13.114  -3.198  1.00 25.82  ? 19  VAL A CA  1 
ATOM   143  C  C   . VAL A 1 19  ? -3.134  13.226  -3.717  1.00 27.00  ? 19  VAL A C   1 
ATOM   144  O  O   . VAL A 1 19  ? -4.095  13.054  -2.957  1.00 29.18  ? 19  VAL A O   1 
ATOM   145  C  CB  . VAL A 1 19  ? -1.067  14.499  -2.994  1.00 32.02  ? 19  VAL A CB  1 
ATOM   146  C  CG1 . VAL A 1 19  ? -1.978  15.387  -2.141  1.00 34.31  ? 19  VAL A CG1 1 
ATOM   147  C  CG2 . VAL A 1 19  ? 0.296   14.374  -2.346  1.00 31.80  ? 19  VAL A CG2 1 
ATOM   148  N  N   . GLU A 1 20  ? -3.299  13.476  -5.020  1.00 31.16  ? 20  GLU A N   1 
ATOM   149  C  CA  . GLU A 1 20  ? -4.643  13.596  -5.580  1.00 30.45  ? 20  GLU A CA  1 
ATOM   150  C  C   . GLU A 1 20  ? -5.406  12.277  -5.489  1.00 30.65  ? 20  GLU A C   1 
ATOM   151  O  O   . GLU A 1 20  ? -6.593  12.258  -5.136  1.00 30.27  ? 20  GLU A O   1 
ATOM   152  C  CB  . GLU A 1 20  ? -4.580  14.081  -7.031  1.00 33.52  ? 20  GLU A CB  1 
ATOM   153  C  CG  . GLU A 1 20  ? -5.904  13.867  -7.769  1.00 44.79  ? 20  GLU A CG  1 
ATOM   154  C  CD  . GLU A 1 20  ? -5.950  14.518  -9.138  1.00 69.83  ? 20  GLU A CD  1 
ATOM   155  O  OE1 . GLU A 1 20  ? -6.999  14.390  -9.809  1.00 81.34  ? 20  GLU A OE1 1 
ATOM   156  O  OE2 . GLU A 1 20  ? -4.948  15.152  -9.542  1.00 67.22  ? 20  GLU A OE2 1 
ATOM   157  N  N   . LEU A 1 21  ? -4.738  11.147  -5.766  1.00 30.63  ? 21  LEU A N   1 
ATOM   158  C  CA  . LEU A 1 21  ? -5.430  9.867   -5.648  1.00 29.38  ? 21  LEU A CA  1 
ATOM   159  C  C   . LEU A 1 21  ? -5.840  9.592   -4.207  1.00 28.92  ? 21  LEU A C   1 
ATOM   160  O  O   . LEU A 1 21  ? -6.895  9.001   -3.954  1.00 29.08  ? 21  LEU A O   1 
ATOM   161  C  CB  . LEU A 1 21  ? -4.548  8.731   -6.170  1.00 30.70  ? 21  LEU A CB  1 
ATOM   162  C  CG  . LEU A 1 21  ? -4.328  8.714   -7.673  1.00 31.32  ? 21  LEU A CG  1 
ATOM   163  C  CD1 . LEU A 1 21  ? -3.248  7.701   -7.996  1.00 30.02  ? 21  LEU A CD1 1 
ATOM   164  C  CD2 . LEU A 1 21  ? -5.631  8.384   -8.383  1.00 33.88  ? 21  LEU A CD2 1 
ATOM   165  N  N   . ALA A 1 22  ? -5.009  10.006  -3.247  1.00 27.62  ? 22  ALA A N   1 
ATOM   166  C  CA  . ALA A 1 22  ? -5.332  9.785   -1.844  1.00 25.78  ? 22  ALA A CA  1 
ATOM   167  C  C   . ALA A 1 22  ? -6.510  10.648  -1.425  1.00 28.87  ? 22  ALA A C   1 
ATOM   168  O  O   . ALA A 1 22  ? -7.384  10.203  -0.676  1.00 31.00  ? 22  ALA A O   1 
ATOM   169  C  CB  . ALA A 1 22  ? -4.111  10.083  -0.974  1.00 27.66  ? 22  ALA A CB  1 
ATOM   170  N  N   . GLU A 1 23  ? -6.539  11.883  -1.924  1.00 32.18  ? 23  GLU A N   1 
ATOM   171  C  CA  . GLU A 1 23  ? -7.676  12.768  -1.687  1.00 33.89  ? 23  GLU A CA  1 
ATOM   172  C  C   . GLU A 1 23  ? -8.962  12.159  -2.223  1.00 34.15  ? 23  GLU A C   1 
ATOM   173  O  O   . GLU A 1 23  ? -9.998  12.176  -1.546  1.00 34.31  ? 23  GLU A O   1 
ATOM   174  C  CB  . GLU A 1 23  ? -7.419  14.125  -2.341  1.00 29.89  ? 23  GLU A CB  1 
ATOM   175  C  CG  . GLU A 1 23  ? -6.344  14.921  -1.657  1.00 31.95  ? 23  GLU A CG  1 
ATOM   176  C  CD  . GLU A 1 23  ? -5.993  16.195  -2.382  1.00 38.80  ? 23  GLU A CD  1 
ATOM   177  O  OE1 . GLU A 1 23  ? -6.086  16.228  -3.632  1.00 47.20  ? 23  GLU A OE1 1 
ATOM   178  O  OE2 . GLU A 1 23  ? -5.607  17.164  -1.697  1.00 39.49  ? 23  GLU A OE2 1 
ATOM   179  N  N   . LYS A 1 24  ? -8.908  11.605  -3.431  1.00 33.32  ? 24  LYS A N   1 
ATOM   180  C  CA  . LYS A 1 24  ? -10.108 11.004  -4.007  1.00 34.80  ? 24  LYS A CA  1 
ATOM   181  C  C   . LYS A 1 24  ? -10.536 9.764   -3.231  1.00 36.87  ? 24  LYS A C   1 
ATOM   182  O  O   . LYS A 1 24  ? -11.737 9.545   -3.017  1.00 38.15  ? 24  LYS A O   1 
ATOM   183  C  CB  . LYS A 1 24  ? -9.878  10.684  -5.486  1.00 36.40  ? 24  LYS A CB  1 
ATOM   184  C  CG  . LYS A 1 24  ? -9.525  11.908  -6.324  1.00 41.74  ? 24  LYS A CG  1 
ATOM   185  C  CD  . LYS A 1 24  ? -10.337 11.975  -7.617  1.00 65.20  ? 24  LYS A CD  1 
ATOM   186  C  CE  . LYS A 1 24  ? -11.741 12.529  -7.379  1.00 70.79  ? 24  LYS A CE  1 
ATOM   187  N  NZ  . LYS A 1 24  ? -12.541 12.601  -8.638  1.00 71.06  ? 24  LYS A NZ  1 
ATOM   188  N  N   . THR A 1 25  ? -9.571  8.946   -2.787  1.00 31.95  ? 25  THR A N   1 
ATOM   189  C  CA  . THR A 1 25  ? -9.898  7.802   -1.949  1.00 34.42  ? 25  THR A CA  1 
ATOM   190  C  C   . THR A 1 25  ? -10.603 8.251   -0.676  1.00 37.04  ? 25  THR A C   1 
ATOM   191  O  O   . THR A 1 25  ? -11.614 7.666   -0.274  1.00 36.61  ? 25  THR A O   1 
ATOM   192  C  CB  . THR A 1 25  ? -8.632  7.017   -1.600  1.00 36.23  ? 25  THR A CB  1 
ATOM   193  O  OG1 . THR A 1 25  ? -8.026  6.518   -2.804  1.00 48.58  ? 25  THR A OG1 1 
ATOM   194  C  CG2 . THR A 1 25  ? -8.972  5.862   -0.681  1.00 33.99  ? 25  THR A CG2 1 
ATOM   195  N  N   . MET A 1 26  ? -10.087 9.294   -0.022  1.00 34.50  ? 26  MET A N   1 
ATOM   196  C  CA  . MET A 1 26  ? -10.709 9.700   1.236   1.00 34.45  ? 26  MET A CA  1 
ATOM   197  C  C   . MET A 1 26  ? -12.090 10.300  0.997   1.00 31.85  ? 26  MET A C   1 
ATOM   198  O  O   . MET A 1 26  ? -13.013 10.073  1.793   1.00 44.51  ? 26  MET A O   1 
ATOM   199  C  CB  . MET A 1 26  ? -9.798  10.667  1.983   1.00 34.75  ? 26  MET A CB  1 
ATOM   200  C  CG  . MET A 1 26  ? -8.532  9.966   2.447   1.00 27.05  ? 26  MET A CG  1 
ATOM   201  S  SD  . MET A 1 26  ? -7.509  10.916  3.577   1.00 31.90  ? 26  MET A SD  1 
ATOM   202  C  CE  . MET A 1 26  ? -8.435  10.735  5.087   1.00 32.68  ? 26  MET A CE  1 
ATOM   203  N  N   . LYS A 1 27  ? -12.258 11.045  -0.099  1.00 36.97  ? 27  LYS A N   1 
ATOM   204  C  CA  . LYS A 1 27  ? -13.581 11.568  -0.439  1.00 37.22  ? 27  LYS A CA  1 
ATOM   205  C  C   . LYS A 1 27  ? -14.565 10.429  -0.680  1.00 44.06  ? 27  LYS A C   1 
ATOM   206  O  O   . LYS A 1 27  ? -15.702 10.458  -0.188  1.00 43.44  ? 27  LYS A O   1 
ATOM   207  C  CB  . LYS A 1 27  ? -13.477 12.478  -1.659  1.00 43.37  ? 27  LYS A CB  1 
ATOM   208  C  CG  . LYS A 1 27  ? -14.715 13.329  -1.924  1.00 51.11  ? 27  LYS A CG  1 
ATOM   209  C  CD  . LYS A 1 27  ? -14.552 14.166  -3.190  1.00 57.02  ? 27  LYS A CD  1 
ATOM   210  C  CE  . LYS A 1 27  ? -15.763 15.057  -3.419  1.00 54.49  ? 27  LYS A CE  1 
ATOM   211  N  NZ  . LYS A 1 27  ? -17.017 14.284  -3.217  1.00 64.40  ? 27  LYS A NZ  1 
ATOM   212  N  N   . GLU A 1 28  ? -14.126 9.394   -1.399  1.00 39.95  ? 28  GLU A N   1 
ATOM   213  C  CA  . GLU A 1 28  ? -14.979 8.243   -1.668  1.00 39.38  ? 28  GLU A CA  1 
ATOM   214  C  C   . GLU A 1 28  ? -15.433 7.560   -0.383  1.00 46.56  ? 28  GLU A C   1 
ATOM   215  O  O   . GLU A 1 28  ? -16.553 7.041   -0.320  1.00 54.24  ? 28  GLU A O   1 
ATOM   216  C  CB  . GLU A 1 28  ? -14.232 7.258   -2.570  1.00 46.32  ? 28  GLU A CB  1 
ATOM   217  C  CG  . GLU A 1 28  ? -15.067 6.105   -3.082  1.00 48.29  ? 28  GLU A CG  1 
ATOM   218  C  CD  . GLU A 1 28  ? -14.436 5.431   -4.287  1.00 61.78  ? 28  GLU A CD  1 
ATOM   219  O  OE1 . GLU A 1 28  ? -13.318 5.833   -4.681  1.00 64.69  ? 28  GLU A OE1 1 
ATOM   220  O  OE2 . GLU A 1 28  ? -15.058 4.502   -4.841  1.00 56.91  ? 28  GLU A OE2 1 
ATOM   221  N  N   . TYR A 1 29  ? -14.592 7.555   0.649   1.00 44.30  ? 29  TYR A N   1 
ATOM   222  C  CA  . TYR A 1 29  ? -14.909 6.907   1.915   1.00 40.27  ? 29  TYR A CA  1 
ATOM   223  C  C   . TYR A 1 29  ? -15.503 7.877   2.936   1.00 41.39  ? 29  TYR A C   1 
ATOM   224  O  O   . TYR A 1 29  ? -15.712 7.494   4.093   1.00 46.92  ? 29  TYR A O   1 
ATOM   225  C  CB  . TYR A 1 29  ? -13.662 6.242   2.493   1.00 47.29  ? 29  TYR A CB  1 
ATOM   226  C  CG  . TYR A 1 29  ? -13.270 4.953   1.802   1.00 48.34  ? 29  TYR A CG  1 
ATOM   227  C  CD1 . TYR A 1 29  ? -12.864 4.949   0.472   1.00 55.51  ? 29  TYR A CD1 1 
ATOM   228  C  CD2 . TYR A 1 29  ? -13.305 3.743   2.481   1.00 57.29  ? 29  TYR A CD2 1 
ATOM   229  C  CE1 . TYR A 1 29  ? -12.503 3.775   -0.162  1.00 56.31  ? 29  TYR A CE1 1 
ATOM   230  C  CE2 . TYR A 1 29  ? -12.948 2.561   1.856   1.00 65.35  ? 29  TYR A CE2 1 
ATOM   231  C  CZ  . TYR A 1 29  ? -12.547 2.583   0.534   1.00 73.73  ? 29  TYR A CZ  1 
ATOM   232  O  OH  . TYR A 1 29  ? -12.193 1.407   -0.093  1.00 81.50  ? 29  TYR A OH  1 
ATOM   233  N  N   . GLY A 1 30  ? -15.770 9.116   2.535   1.00 43.99  ? 30  GLY A N   1 
ATOM   234  C  CA  . GLY A 1 30  ? -16.344 10.087  3.448   1.00 43.04  ? 30  GLY A CA  1 
ATOM   235  C  C   . GLY A 1 30  ? -15.434 10.476  4.590   1.00 49.86  ? 30  GLY A C   1 
ATOM   236  O  O   . GLY A 1 30  ? -15.919 10.774  5.684   1.00 44.08  ? 30  GLY A O   1 
ATOM   237  N  N   . GLU A 1 31  ? -14.125 10.478  4.367   1.00 42.40  ? 31  GLU A N   1 
ATOM   238  C  CA  . GLU A 1 31  ? -13.154 10.878  5.376   1.00 38.94  ? 31  GLU A CA  1 
ATOM   239  C  C   . GLU A 1 31  ? -12.563 12.236  5.024   1.00 32.99  ? 31  GLU A C   1 
ATOM   240  O  O   . GLU A 1 31  ? -12.432 12.596  3.847   1.00 35.30  ? 31  GLU A O   1 
ATOM   241  C  CB  . GLU A 1 31  ? -12.035 9.844   5.507   1.00 40.02  ? 31  GLU A CB  1 
ATOM   242  C  CG  . GLU A 1 31  ? -12.510 8.443   5.852   1.00 46.20  ? 31  GLU A CG  1 
ATOM   243  C  CD  . GLU A 1 31  ? -11.504 7.370   5.464   1.00 53.65  ? 31  GLU A CD  1 
ATOM   244  O  OE1 . GLU A 1 31  ? -10.777 7.562   4.464   1.00 49.72  ? 31  GLU A OE1 1 
ATOM   245  O  OE2 . GLU A 1 31  ? -11.435 6.336   6.163   1.00 55.27  ? 31  GLU A OE2 1 
ATOM   246  N  N   . ASP A 1 32  ? -12.219 12.999  6.069   1.00 33.68  ? 32  ASP A N   1 
ATOM   247  C  CA  . ASP A 1 32  ? -11.695 14.354  5.930   1.00 35.56  ? 32  ASP A CA  1 
ATOM   248  C  C   . ASP A 1 32  ? -10.207 14.324  6.228   1.00 31.01  ? 32  ASP A C   1 
ATOM   249  O  O   . ASP A 1 32  ? -9.803  14.179  7.392   1.00 34.61  ? 32  ASP A O   1 
ATOM   250  C  CB  . ASP A 1 32  ? -12.409 15.324  6.872   1.00 38.13  ? 32  ASP A CB  1 
ATOM   251  C  CG  . ASP A 1 32  ? -11.997 16.777  6.651   1.00 39.61  ? 32  ASP A CG  1 
ATOM   252  O  OD1 . ASP A 1 32  ? -11.123 17.080  5.800   1.00 38.78  ? 32  ASP A OD1 1 
ATOM   253  O  OD2 . ASP A 1 32  ? -12.569 17.648  7.347   1.00 51.02  ? 32  ASP A OD2 1 
ATOM   254  N  N   . LEU A 1 33  ? -9.400  14.481  5.177   1.00 35.68  ? 33  LEU A N   1 
ATOM   255  C  CA  . LEU A 1 33  ? -7.951  14.464  5.340   1.00 27.60  ? 33  LEU A CA  1 
ATOM   256  C  C   . LEU A 1 33  ? -7.472  15.568  6.269   1.00 35.89  ? 33  LEU A C   1 
ATOM   257  O  O   . LEU A 1 33  ? -6.402  15.441  6.863   1.00 30.14  ? 33  LEU A O   1 
ATOM   258  C  CB  . LEU A 1 33  ? -7.266  14.598  3.979   1.00 30.55  ? 33  LEU A CB  1 
ATOM   259  C  CG  . LEU A 1 33  ? -7.362  15.926  3.209   1.00 32.45  ? 33  LEU A CG  1 
ATOM   260  C  CD1 . LEU A 1 33  ? -6.253  16.922  3.600   1.00 32.38  ? 33  LEU A CD1 1 
ATOM   261  C  CD2 . LEU A 1 33  ? -7.307  15.665  1.717   1.00 31.61  ? 33  LEU A CD2 1 
ATOM   262  N  N   . LYS A 1 34  ? -8.225  16.671  6.371   1.00 34.19  ? 34  LYS A N   1 
ATOM   263  C  CA  . LYS A 1 34  ? -7.799  17.786  7.211   1.00 40.50  ? 34  LYS A CA  1 
ATOM   264  C  C   . LYS A 1 34  ? -7.823  17.427  8.686   1.00 34.41  ? 34  LYS A C   1 
ATOM   265  O  O   . LYS A 1 34  ? -7.122  18.073  9.477   1.00 36.64  ? 34  LYS A O   1 
ATOM   266  C  CB  . LYS A 1 34  ? -8.683  19.008  6.952   1.00 30.15  ? 34  LYS A CB  1 
ATOM   267  C  CG  . LYS A 1 34  ? -8.365  19.715  5.651   1.00 36.09  ? 34  LYS A CG  1 
ATOM   268  C  CD  . LYS A 1 34  ? -9.341  20.855  5.379   1.00 37.98  ? 34  LYS A CD  1 
ATOM   269  C  CE  . LYS A 1 34  ? -10.731 20.331  5.041   1.00 45.78  ? 34  LYS A CE  1 
ATOM   270  N  NZ  . LYS A 1 34  ? -11.642 21.449  4.666   1.00 46.61  ? 34  LYS A NZ  1 
ATOM   271  N  N   . ILE A 1 35  ? -8.606  16.416  9.061   1.00 29.89  ? 35  ILE A N   1 
ATOM   272  C  CA  . ILE A 1 35  ? -8.725  15.944  10.431  1.00 31.21  ? 35  ILE A CA  1 
ATOM   273  C  C   . ILE A 1 35  ? -8.008  14.608  10.628  1.00 38.11  ? 35  ILE A C   1 
ATOM   274  O  O   . ILE A 1 35  ? -7.226  14.447  11.566  1.00 41.53  ? 35  ILE A O   1 
ATOM   275  C  CB  . ILE A 1 35  ? -10.210 15.837  10.842  1.00 42.53  ? 35  ILE A CB  1 
ATOM   276  C  CG1 . ILE A 1 35  ? -10.853 17.229  10.844  1.00 42.73  ? 35  ILE A CG1 1 
ATOM   277  C  CG2 . ILE A 1 35  ? -10.348 15.105  12.170  1.00 40.83  ? 35  ILE A CG2 1 
ATOM   278  C  CD1 . ILE A 1 35  ? -12.272 17.261  11.420  1.00 44.12  ? 35  ILE A CD1 1 
ATOM   279  N  N   . GLU A 1 36  ? -8.274  13.632  9.754   1.00 35.42  ? 36  GLU A N   1 
ATOM   280  C  CA  . GLU A 1 36  ? -7.617  12.319  9.817   1.00 30.91  ? 36  GLU A CA  1 
ATOM   281  C  C   . GLU A 1 36  ? -6.342  12.326  8.971   1.00 33.28  ? 36  GLU A C   1 
ATOM   282  O  O   . GLU A 1 36  ? -6.228  11.643  7.947   1.00 30.14  ? 36  GLU A O   1 
ATOM   283  C  CB  . GLU A 1 36  ? -8.557  11.217  9.344   1.00 34.80  ? 36  GLU A CB  1 
ATOM   284  C  CG  . GLU A 1 36  ? -9.953  11.263  9.939   1.00 43.04  ? 36  GLU A CG  1 
ATOM   285  C  CD  . GLU A 1 36  ? -10.734 10.015  9.601   1.00 54.20  ? 36  GLU A CD  1 
ATOM   286  O  OE1 . GLU A 1 36  ? -10.264 8.918   9.961   1.00 55.06  ? 36  GLU A OE1 1 
ATOM   287  O  OE2 . GLU A 1 36  ? -11.801 10.128  8.958   1.00 59.14  ? 36  GLU A OE2 1 
ATOM   288  N  N   . THR A 1 37  ? -5.361  13.108  9.428   1.00 29.50  ? 37  THR A N   1 
ATOM   289  C  CA  . THR A 1 37  ? -4.214  13.382  8.569   1.00 26.91  ? 37  THR A CA  1 
ATOM   290  C  C   . THR A 1 37  ? -3.161  12.280  8.646   1.00 27.12  ? 37  THR A C   1 
ATOM   291  O  O   . THR A 1 37  ? -2.458  12.042  7.654   1.00 26.14  ? 37  THR A O   1 
ATOM   292  C  CB  . THR A 1 37  ? -3.611  14.750  8.905   1.00 30.84  ? 37  THR A CB  1 
ATOM   293  O  OG1 . THR A 1 37  ? -4.670  15.660  9.256   1.00 33.38  ? 37  THR A OG1 1 
ATOM   294  C  CG2 . THR A 1 37  ? -2.917  15.320  7.690   1.00 33.67  ? 37  THR A CG2 1 
ATOM   295  N  N   . ASN A 1 38  ? -3.064  11.568  9.774   1.00 25.83  ? 38  ASN A N   1 
ATOM   296  C  CA  . ASN A 1 38  ? -2.199  10.391  9.794   1.00 25.41  ? 38  ASN A CA  1 
ATOM   297  C  C   . ASN A 1 38  ? -2.682  9.357   8.785   1.00 25.56  ? 38  ASN A C   1 
ATOM   298  O  O   . ASN A 1 38  ? -1.874  8.738   8.072   1.00 28.38  ? 38  ASN A O   1 
ATOM   299  C  CB  . ASN A 1 38  ? -2.124  9.786   11.204  1.00 27.02  ? 38  ASN A CB  1 
ATOM   300  C  CG  . ASN A 1 38  ? -1.178  10.559  12.129  1.00 26.40  ? 38  ASN A CG  1 
ATOM   301  O  OD1 . ASN A 1 38  ? -0.255  11.224  11.684  1.00 27.11  ? 38  ASN A OD1 1 
ATOM   302  N  ND2 . ASN A 1 38  ? -1.449  10.504  13.435  1.00 30.23  ? 38  ASN A ND2 1 
ATOM   303  N  N   . LYS A 1 39  ? -4.005  9.195   8.667   1.00 28.22  ? 39  LYS A N   1 
ATOM   304  C  CA  . LYS A 1 39  ? -4.550  8.260   7.691   1.00 29.10  ? 39  LYS A CA  1 
ATOM   305  C  C   . LYS A 1 39  ? -4.266  8.718   6.263   1.00 31.78  ? 39  LYS A C   1 
ATOM   306  O  O   . LYS A 1 39  ? -3.961  7.897   5.392   1.00 27.50  ? 39  LYS A O   1 
ATOM   307  C  CB  . LYS A 1 39  ? -6.052  8.092   7.928   1.00 31.41  ? 39  LYS A CB  1 
ATOM   308  C  CG  . LYS A 1 39  ? -6.714  7.146   6.938   1.00 38.04  ? 39  LYS A CG  1 
ATOM   309  C  CD  . LYS A 1 39  ? -8.227  7.228   7.046   1.00 42.98  ? 39  LYS A CD  1 
ATOM   310  C  CE  . LYS A 1 39  ? -8.719  6.647   8.360   1.00 56.24  ? 39  LYS A CE  1 
ATOM   311  N  NZ  . LYS A 1 39  ? -10.202 6.466   8.358   1.00 60.31  ? 39  LYS A NZ  1 
ATOM   312  N  N   . PHE A 1 40  ? -4.375  10.025  6.004   1.00 24.54  ? 40  PHE A N   1 
ATOM   313  C  CA  . PHE A 1 40  ? -3.993  10.602  4.716   1.00 24.67  ? 40  PHE A CA  1 
ATOM   314  C  C   . PHE A 1 40  ? -2.566  10.196  4.355   1.00 24.28  ? 40  PHE A C   1 
ATOM   315  O  O   . PHE A 1 40  ? -2.288  9.719   3.238   1.00 24.16  ? 40  PHE A O   1 
ATOM   316  C  CB  . PHE A 1 40  ? -4.163  12.129  4.819   1.00 28.47  ? 40  PHE A CB  1 
ATOM   317  C  CG  . PHE A 1 40  ? -3.879  12.899  3.561   1.00 27.77  ? 40  PHE A CG  1 
ATOM   318  C  CD1 . PHE A 1 40  ? -4.253  12.428  2.302   1.00 28.23  ? 40  PHE A CD1 1 
ATOM   319  C  CD2 . PHE A 1 40  ? -3.275  14.150  3.643   1.00 27.50  ? 40  PHE A CD2 1 
ATOM   320  C  CE1 . PHE A 1 40  ? -3.994  13.174  1.168   1.00 29.46  ? 40  PHE A CE1 1 
ATOM   321  C  CE2 . PHE A 1 40  ? -3.020  14.900  2.516   1.00 29.06  ? 40  PHE A CE2 1 
ATOM   322  C  CZ  . PHE A 1 40  ? -3.377  14.401  1.262   1.00 29.54  ? 40  PHE A CZ  1 
ATOM   323  N  N   . ALA A 1 41  ? -1.647  10.347  5.318   1.00 23.50  ? 41  ALA A N   1 
ATOM   324  C  CA  . ALA A 1 41  ? -0.257  9.963   5.071   1.00 22.26  ? 41  ALA A CA  1 
ATOM   325  C  C   . ALA A 1 41  ? -0.139  8.469   4.808   1.00 27.52  ? 41  ALA A C   1 
ATOM   326  O  O   . ALA A 1 41  ? 0.650   8.040   3.953   1.00 24.70  ? 41  ALA A O   1 
ATOM   327  C  CB  . ALA A 1 41  ? 0.614   10.362  6.260   1.00 22.29  ? 41  ALA A CB  1 
ATOM   328  N  N   . ALA A 1 42  ? -0.908  7.660   5.532   1.00 24.56  ? 42  ALA A N   1 
ATOM   329  C  CA  . ALA A 1 42  ? -0.842  6.209   5.355   1.00 22.20  ? 42  ALA A CA  1 
ATOM   330  C  C   . ALA A 1 42  ? -1.354  5.794   3.976   1.00 24.56  ? 42  ALA A C   1 
ATOM   331  O  O   . ALA A 1 42  ? -0.775  4.908   3.322   1.00 25.15  ? 42  ALA A O   1 
ATOM   332  C  CB  . ALA A 1 42  ? -1.652  5.511   6.455   1.00 23.80  ? 42  ALA A CB  1 
ATOM   333  N  N   . ILE A 1 43  ? -2.442  6.424   3.525   1.00 22.83  ? 43  ILE A N   1 
ATOM   334  C  CA  . ILE A 1 43  ? -2.990  6.121   2.203   1.00 21.75  ? 43  ILE A CA  1 
ATOM   335  C  C   . ILE A 1 43  ? -1.988  6.492   1.118   1.00 23.43  ? 43  ILE A C   1 
ATOM   336  O  O   . ILE A 1 43  ? -1.783  5.735   0.156   1.00 25.33  ? 43  ILE A O   1 
ATOM   337  C  CB  . ILE A 1 43  ? -4.334  6.851   2.016   1.00 23.32  ? 43  ILE A CB  1 
ATOM   338  C  CG1 . ILE A 1 43  ? -5.405  6.212   2.910   1.00 25.13  ? 43  ILE A CG1 1 
ATOM   339  C  CG2 . ILE A 1 43  ? -4.748  6.870   0.532   1.00 27.30  ? 43  ILE A CG2 1 
ATOM   340  C  CD1 . ILE A 1 43  ? -6.690  7.043   2.983   1.00 28.30  ? 43  ILE A CD1 1 
ATOM   341  N  N   . CYS A 1 44  ? -1.364  7.675   1.240   1.00 23.48  ? 44  CYS A N   1 
ATOM   342  C  CA  . CYS A 1 44  ? -0.326  8.078   0.297   1.00 22.93  ? 44  CYS A CA  1 
ATOM   343  C  C   . CYS A 1 44  ? 0.819   7.085   0.282   1.00 23.00  ? 44  CYS A C   1 
ATOM   344  O  O   . CYS A 1 44  ? 1.341   6.747   -0.790  1.00 25.89  ? 44  CYS A O   1 
ATOM   345  C  CB  . CYS A 1 44  ? 0.236   9.448   0.650   1.00 22.37  ? 44  CYS A CB  1 
ATOM   346  S  SG  . CYS A 1 44  ? -0.903  10.796  0.257   1.00 26.59  ? 44  CYS A SG  1 
ATOM   347  N  N   . THR A 1 45  ? 1.261   6.659   1.469   1.00 24.93  ? 45  THR A N   1 
ATOM   348  C  CA  . THR A 1 45  ? 2.377   5.718   1.542   1.00 21.58  ? 45  THR A CA  1 
ATOM   349  C  C   . THR A 1 45  ? 2.036   4.405   0.855   1.00 23.48  ? 45  THR A C   1 
ATOM   350  O  O   . THR A 1 45  ? 2.848   3.857   0.089   1.00 24.15  ? 45  THR A O   1 
ATOM   351  C  CB  . THR A 1 45  ? 2.748   5.472   2.997   1.00 22.94  ? 45  THR A CB  1 
ATOM   352  O  OG1 . THR A 1 45  ? 3.207   6.701   3.553   1.00 25.89  ? 45  THR A OG1 1 
ATOM   353  C  CG2 . THR A 1 45  ? 3.876   4.458   3.072   1.00 28.43  ? 45  THR A CG2 1 
ATOM   354  N  N   . HIS A 1 46  ? 0.837   3.893   1.103   1.00 23.05  ? 46  HIS A N   1 
ATOM   355  C  CA  . HIS A 1 46  ? 0.428   2.635   0.491   1.00 24.28  ? 46  HIS A CA  1 
ATOM   356  C  C   . HIS A 1 46  ? 0.321   2.763   -1.029  1.00 27.09  ? 46  HIS A C   1 
ATOM   357  O  O   . HIS A 1 46  ? 0.741   1.857   -1.769  1.00 24.81  ? 46  HIS A O   1 
ATOM   358  C  CB  . HIS A 1 46  ? -0.891  2.177   1.105   1.00 27.28  ? 46  HIS A CB  1 
ATOM   359  C  CG  . HIS A 1 46  ? -1.429  0.919   0.505   1.00 24.27  ? 46  HIS A CG  1 
ATOM   360  N  ND1 . HIS A 1 46  ? -2.434  0.917   -0.434  1.00 26.32  ? 46  HIS A ND1 1 
ATOM   361  C  CD2 . HIS A 1 46  ? -1.086  -0.375  0.695   1.00 27.39  ? 46  HIS A CD2 1 
ATOM   362  C  CE1 . HIS A 1 46  ? -2.702  -0.326  -0.784  1.00 25.73  ? 46  HIS A CE1 1 
ATOM   363  N  NE2 . HIS A 1 46  ? -1.896  -1.130  -0.113  1.00 25.57  ? 46  HIS A NE2 1 
ATOM   364  N  N   . LEU A 1 47  ? -0.222  3.887   -1.516  1.00 23.41  ? 47  LEU A N   1 
ATOM   365  C  CA  . LEU A 1 47  ? -0.262  4.120   -2.960  1.00 22.92  ? 47  LEU A CA  1 
ATOM   366  C  C   . LEU A 1 47  ? 1.141   4.110   -3.541  1.00 23.62  ? 47  LEU A C   1 
ATOM   367  O  O   . LEU A 1 47  ? 1.394   3.451   -4.562  1.00 23.80  ? 47  LEU A O   1 
ATOM   368  C  CB  . LEU A 1 47  ? -0.965  5.446   -3.263  1.00 27.01  ? 47  LEU A CB  1 
ATOM   369  C  CG  . LEU A 1 47  ? -2.483  5.443   -3.169  1.00 28.70  ? 47  LEU A CG  1 
ATOM   370  C  CD1 . LEU A 1 47  ? -3.009  6.863   -2.895  1.00 31.49  ? 47  LEU A CD1 1 
ATOM   371  C  CD2 . LEU A 1 47  ? -3.077  4.897   -4.460  1.00 32.71  ? 47  LEU A CD2 1 
ATOM   372  N  N   . GLU A 1 48  ? 2.066   4.849   -2.908  1.00 23.17  ? 48  GLU A N   1 
ATOM   373  C  CA  . GLU A 1 48  ? 3.433   4.904   -3.415  1.00 24.72  ? 48  GLU A CA  1 
ATOM   374  C  C   . GLU A 1 48  ? 4.057   3.521   -3.468  1.00 23.25  ? 48  GLU A C   1 
ATOM   375  O  O   . GLU A 1 48  ? 4.736   3.174   -4.451  1.00 24.84  ? 48  GLU A O   1 
ATOM   376  C  CB  . GLU A 1 48  ? 4.304   5.825   -2.568  1.00 25.32  ? 48  GLU A CB  1 
ATOM   377  C  CG  . GLU A 1 48  ? 5.638   6.046   -3.285  1.00 31.02  ? 48  GLU A CG  1 
ATOM   378  C  CD  . GLU A 1 48  ? 6.431   7.210   -2.789  1.00 40.02  ? 48  GLU A CD  1 
ATOM   379  O  OE1 . GLU A 1 48  ? 6.121   7.749   -1.706  1.00 46.12  ? 48  GLU A OE1 1 
ATOM   380  O  OE2 . GLU A 1 48  ? 7.397   7.568   -3.485  1.00 38.63  ? 48  GLU A OE2 1 
ATOM   381  N  N   . VAL A 1 49  ? 3.842   2.715   -2.432  1.00 23.11  ? 49  VAL A N   1 
ATOM   382  C  CA  . VAL A 1 49  ? 4.459   1.392   -2.434  1.00 22.75  ? 49  VAL A CA  1 
ATOM   383  C  C   . VAL A 1 49  ? 3.860   0.526   -3.532  1.00 23.28  ? 49  VAL A C   1 
ATOM   384  O  O   . VAL A 1 49  ? 4.588   -0.196  -4.224  1.00 23.08  ? 49  VAL A O   1 
ATOM   385  C  CB  . VAL A 1 49  ? 4.352   0.739   -1.047  1.00 22.49  ? 49  VAL A CB  1 
ATOM   386  C  CG1 . VAL A 1 49  ? 4.762   -0.740  -1.115  1.00 22.93  ? 49  VAL A CG1 1 
ATOM   387  C  CG2 . VAL A 1 49  ? 5.237   1.497   -0.077  1.00 24.29  ? 49  VAL A CG2 1 
ATOM   388  N  N   . CYS A 1 50  ? 2.538   0.594   -3.735  1.00 22.56  ? 50  CYS A N   1 
ATOM   389  C  CA  . CYS A 1 50  ? 1.940   -0.181  -4.823  1.00 22.31  ? 50  CYS A CA  1 
ATOM   390  C  C   . CYS A 1 50  ? 2.519   0.224   -6.177  1.00 24.81  ? 50  CYS A C   1 
ATOM   391  O  O   . CYS A 1 50  ? 2.825   -0.644  -7.014  1.00 25.44  ? 50  CYS A O   1 
ATOM   392  C  CB  . CYS A 1 50  ? 0.425   -0.016  -4.836  1.00 23.47  ? 50  CYS A CB  1 
ATOM   393  S  SG  . CYS A 1 50  ? -0.391  -0.825  -3.460  1.00 25.56  ? 50  CYS A SG  1 
ATOM   394  N  N   . PHE A 1 51  ? 2.667   1.536   -6.409  1.00 23.35  ? 51  PHE A N   1 
ATOM   395  C  CA  . PHE A 1 51  ? 3.227   2.006   -7.676  1.00 23.60  ? 51  PHE A CA  1 
ATOM   396  C  C   . PHE A 1 51  ? 4.680   1.565   -7.842  1.00 24.93  ? 51  PHE A C   1 
ATOM   397  O  O   . PHE A 1 51  ? 5.088   1.165   -8.937  1.00 27.57  ? 51  PHE A O   1 
ATOM   398  C  CB  . PHE A 1 51  ? 3.116   3.522   -7.776  1.00 26.51  ? 51  PHE A CB  1 
ATOM   399  C  CG  . PHE A 1 51  ? 1.717   4.006   -7.930  1.00 29.75  ? 51  PHE A CG  1 
ATOM   400  C  CD1 . PHE A 1 51  ? 0.756   3.202   -8.500  1.00 37.21  ? 51  PHE A CD1 1 
ATOM   401  C  CD2 . PHE A 1 51  ? 1.363   5.272   -7.505  1.00 37.48  ? 51  PHE A CD2 1 
ATOM   402  C  CE1 . PHE A 1 51  ? -0.546  3.655   -8.650  1.00 50.87  ? 51  PHE A CE1 1 
ATOM   403  C  CE2 . PHE A 1 51  ? 0.073   5.730   -7.655  1.00 37.82  ? 51  PHE A CE2 1 
ATOM   404  C  CZ  . PHE A 1 51  ? -0.881  4.920   -8.224  1.00 37.48  ? 51  PHE A CZ  1 
ATOM   405  N  N   . MET A 1 52  ? 5.478   1.634   -6.769  1.00 24.68  ? 52  MET A N   1 
ATOM   406  C  CA  . MET A 1 52  ? 6.868   1.178   -6.844  1.00 26.16  ? 52  MET A CA  1 
ATOM   407  C  C   . MET A 1 52  ? 6.944   -0.317  -7.113  1.00 26.15  ? 52  MET A C   1 
ATOM   408  O  O   . MET A 1 52  ? 7.823   -0.793  -7.844  1.00 24.36  ? 52  MET A O   1 
ATOM   409  C  CB  . MET A 1 52  ? 7.602   1.502   -5.548  1.00 22.88  ? 52  MET A CB  1 
ATOM   410  C  CG  . MET A 1 52  ? 7.854   2.991   -5.328  1.00 24.18  ? 52  MET A CG  1 
ATOM   411  S  SD  . MET A 1 52  ? 8.773   3.289   -3.822  1.00 28.36  ? 52  MET A SD  1 
ATOM   412  C  CE  . MET A 1 52  ? 10.419  2.744   -4.280  1.00 25.74  ? 52  MET A CE  1 
ATOM   413  N  N   . TYR A 1 53  ? 6.043   -1.075  -6.513  1.00 23.34  ? 53  TYR A N   1 
ATOM   414  C  CA  . TYR A 1 53  ? 6.036   -2.515  -6.714  1.00 22.56  ? 53  TYR A CA  1 
ATOM   415  C  C   . TYR A 1 53  ? 5.758   -2.841  -8.170  1.00 26.30  ? 53  TYR A C   1 
ATOM   416  O  O   . TYR A 1 53  ? 6.459   -3.663  -8.784  1.00 24.60  ? 53  TYR A O   1 
ATOM   417  C  CB  . TYR A 1 53  ? 4.980   -3.121  -5.787  1.00 22.78  ? 53  TYR A CB  1 
ATOM   418  C  CG  . TYR A 1 53  ? 5.137   -4.563  -5.399  1.00 19.96  ? 53  TYR A CG  1 
ATOM   419  C  CD1 . TYR A 1 53  ? 4.793   -5.589  -6.262  1.00 22.09  ? 53  TYR A CD1 1 
ATOM   420  C  CD2 . TYR A 1 53  ? 5.574   -4.900  -4.114  1.00 22.82  ? 53  TYR A CD2 1 
ATOM   421  C  CE1 . TYR A 1 53  ? 4.904   -6.916  -5.873  1.00 23.06  ? 53  TYR A CE1 1 
ATOM   422  C  CE2 . TYR A 1 53  ? 5.677   -6.217  -3.725  1.00 22.06  ? 53  TYR A CE2 1 
ATOM   423  C  CZ  . TYR A 1 53  ? 5.342   -7.217  -4.586  1.00 22.97  ? 53  TYR A CZ  1 
ATOM   424  O  OH  . TYR A 1 53  ? 5.453   -8.528  -4.181  1.00 24.38  ? 53  TYR A OH  1 
ATOM   425  N  N   . SER A 1 54  ? 4.779   -2.146  -8.762  1.00 23.67  ? 54  SER A N   1 
ATOM   426  C  CA  . SER A 1 54  ? 4.501   -2.327  -10.185 1.00 24.91  ? 54  SER A CA  1 
ATOM   427  C  C   . SER A 1 54  ? 5.677   -1.883  -11.048 1.00 25.56  ? 54  SER A C   1 
ATOM   428  O  O   . SER A 1 54  ? 6.021   -2.560  -12.026 1.00 27.01  ? 54  SER A O   1 
ATOM   429  C  CB  . SER A 1 54  ? 3.250   -1.548  -10.573 1.00 29.25  ? 54  SER A CB  1 
ATOM   430  O  OG  . SER A 1 54  ? 2.985   -1.727  -11.957 1.00 31.76  ? 54  SER A OG  1 
ATOM   431  N  N   . ASP A 1 55  ? 6.290   -0.748  -10.714 1.00 25.57  ? 55  ASP A N   1 
ATOM   432  C  CA  . ASP A 1 55  ? 7.381   -0.206  -11.523 1.00 24.71  ? 55  ASP A CA  1 
ATOM   433  C  C   . ASP A 1 55  ? 8.621   -1.082  -11.472 1.00 30.55  ? 55  ASP A C   1 
ATOM   434  O  O   . ASP A 1 55  ? 9.461   -0.994  -12.378 1.00 31.11  ? 55  ASP A O   1 
ATOM   435  C  CB  . ASP A 1 55  ? 7.737   1.215   -11.082 1.00 27.11  ? 55  ASP A CB  1 
ATOM   436  C  CG  . ASP A 1 55  ? 6.745   2.254   -11.590 1.00 43.25  ? 55  ASP A CG  1 
ATOM   437  O  OD1 . ASP A 1 55  ? 5.901   1.915   -12.444 1.00 37.72  ? 55  ASP A OD1 1 
ATOM   438  O  OD2 . ASP A 1 55  ? 6.810   3.413   -11.129 1.00 43.09  ? 55  ASP A OD2 1 
ATOM   439  N  N   . ALA A 1 56  ? 8.750   -1.931  -10.443 1.00 27.09  ? 56  ALA A N   1 
ATOM   440  C  CA  . ALA A 1 56  ? 9.902   -2.820  -10.345 1.00 26.05  ? 56  ALA A CA  1 
ATOM   441  C  C   . ALA A 1 56  ? 9.946   -3.839  -11.468 1.00 31.52  ? 56  ALA A C   1 
ATOM   442  O  O   . ALA A 1 56  ? 11.017  -4.393  -11.748 1.00 33.68  ? 56  ALA A O   1 
ATOM   443  C  CB  . ALA A 1 56  ? 9.892   -3.545  -8.998  1.00 29.80  ? 56  ALA A CB  1 
ATOM   444  N  N   . SER A 1 57  ? 8.809   -4.109  -12.112 1.00 30.17  ? 57  SER A N   1 
ATOM   445  C  CA  . SER A 1 57  ? 8.748   -5.007  -13.259 1.00 34.69  ? 57  SER A CA  1 
ATOM   446  C  C   . SER A 1 57  ? 7.620   -4.487  -14.148 1.00 29.52  ? 57  SER A C   1 
ATOM   447  O  O   . SER A 1 57  ? 6.502   -4.998  -14.128 1.00 31.61  ? 57  SER A O   1 
ATOM   448  C  CB  . SER A 1 57  ? 8.511   -6.460  -12.854 1.00 35.78  ? 57  SER A CB  1 
ATOM   449  O  OG  . SER A 1 57  ? 8.689   -7.315  -13.977 1.00 41.37  ? 57  SER A OG  1 
ATOM   450  N  N   . LYS A 1 58  ? 7.932   -3.448  -14.929 1.00 37.25  ? 58  LYS A N   1 
ATOM   451  C  CA  . LYS A 1 58  ? 6.915   -2.817  -15.762 1.00 35.88  ? 58  LYS A CA  1 
ATOM   452  C  C   . LYS A 1 58  ? 6.313   -3.835  -16.719 1.00 39.47  ? 58  LYS A C   1 
ATOM   453  O  O   . LYS A 1 58  ? 7.005   -4.737  -17.198 1.00 40.49  ? 58  LYS A O   1 
ATOM   454  C  CB  . LYS A 1 58  ? 7.522   -1.641  -16.536 1.00 41.37  ? 58  LYS A CB  1 
ATOM   455  C  CG  . LYS A 1 58  ? 7.939   -0.464  -15.651 1.00 43.97  ? 58  LYS A CG  1 
ATOM   456  C  CD  . LYS A 1 58  ? 8.714   0.588   -16.440 1.00 50.13  ? 58  LYS A CD  1 
ATOM   457  C  CE  . LYS A 1 58  ? 9.190   1.709   -15.537 1.00 53.28  ? 58  LYS A CE  1 
ATOM   458  N  NZ  . LYS A 1 58  ? 10.090  1.200   -14.464 1.00 48.47  ? 58  LYS A NZ  1 
ATOM   459  N  N   . HIS A 1 59  ? 5.008   -3.716  -16.963 1.00 33.25  ? 59  HIS A N   1 
ATOM   460  C  CA  . HIS A 1 59  ? 4.206   -4.589  -17.818 1.00 43.35  ? 59  HIS A CA  1 
ATOM   461  C  C   . HIS A 1 59  ? 3.780   -5.893  -17.121 1.00 44.78  ? 59  HIS A C   1 
ATOM   462  O  O   . HIS A 1 59  ? 2.888   -6.576  -17.635 1.00 43.48  ? 59  HIS A O   1 
ATOM   463  C  CB  . HIS A 1 59  ? 4.918   -4.942  -19.144 1.00 54.34  ? 59  HIS A CB  1 
ATOM   464  C  CG  . HIS A 1 59  ? 3.998   -5.186  -20.300 1.00 61.18  ? 59  HIS A CG  1 
ATOM   465  N  ND1 . HIS A 1 59  ? 3.067   -4.261  -20.725 1.00 58.90  ? 59  HIS A ND1 1 
ATOM   466  C  CD2 . HIS A 1 59  ? 3.893   -6.242  -21.144 1.00 53.37  ? 59  HIS A CD2 1 
ATOM   467  C  CE1 . HIS A 1 59  ? 2.412   -4.748  -21.766 1.00 46.64  ? 59  HIS A CE1 1 
ATOM   468  N  NE2 . HIS A 1 59  ? 2.897   -5.946  -22.042 1.00 54.96  ? 59  HIS A NE2 1 
ATOM   469  N  N   . ARG A 1 60  ? 4.369   -6.258  -15.968 1.00 31.18  ? 60  ARG A N   1 
ATOM   470  C  CA  . ARG A 1 60  ? 4.040   -7.514  -15.304 1.00 29.50  ? 60  ARG A CA  1 
ATOM   471  C  C   . ARG A 1 60  ? 2.771   -7.416  -14.464 1.00 26.97  ? 60  ARG A C   1 
ATOM   472  O  O   . ARG A 1 60  ? 2.066   -8.417  -14.297 1.00 28.14  ? 60  ARG A O   1 
ATOM   473  C  CB  . ARG A 1 60  ? 5.209   -7.951  -14.410 1.00 29.24  ? 60  ARG A CB  1 
ATOM   474  C  CG  . ARG A 1 60  ? 4.905   -9.144  -13.531 1.00 29.29  ? 60  ARG A CG  1 
ATOM   475  C  CD  . ARG A 1 60  ? 6.147   -9.627  -12.807 1.00 31.71  ? 60  ARG A CD  1 
ATOM   476  N  NE  . ARG A 1 60  ? 5.831   -10.655 -11.835 1.00 29.58  ? 60  ARG A NE  1 
ATOM   477  C  CZ  . ARG A 1 60  ? 6.748   -11.312 -11.125 1.00 31.89  ? 60  ARG A CZ  1 
ATOM   478  N  NH1 . ARG A 1 60  ? 8.034   -11.042 -11.301 1.00 34.80  ? 60  ARG A NH1 1 
ATOM   479  N  NH2 . ARG A 1 60  ? 6.378   -12.230 -10.247 1.00 32.92  ? 60  ARG A NH2 1 
ATOM   480  N  N   . PHE A 1 61  ? 2.467   -6.232  -13.936 1.00 29.63  ? 61  PHE A N   1 
ATOM   481  C  CA  . PHE A 1 61  ? 1.387   -6.061  -12.974 1.00 27.43  ? 61  PHE A CA  1 
ATOM   482  C  C   . PHE A 1 61  ? 0.318   -5.125  -13.508 1.00 33.90  ? 61  PHE A C   1 
ATOM   483  O  O   . PHE A 1 61  ? 0.623   -4.085  -14.113 1.00 35.33  ? 61  PHE A O   1 
ATOM   484  C  CB  . PHE A 1 61  ? 1.908   -5.491  -11.647 1.00 27.07  ? 61  PHE A CB  1 
ATOM   485  C  CG  . PHE A 1 61  ? 2.969   -6.331  -11.004 1.00 24.09  ? 61  PHE A CG  1 
ATOM   486  C  CD1 . PHE A 1 61  ? 2.638   -7.458  -10.263 1.00 26.43  ? 61  PHE A CD1 1 
ATOM   487  C  CD2 . PHE A 1 61  ? 4.304   -5.954  -11.100 1.00 24.17  ? 61  PHE A CD2 1 
ATOM   488  C  CE1 . PHE A 1 61  ? 3.641   -8.226  -9.667  1.00 26.01  ? 61  PHE A CE1 1 
ATOM   489  C  CE2 . PHE A 1 61  ? 5.296   -6.706  -10.514 1.00 24.16  ? 61  PHE A CE2 1 
ATOM   490  C  CZ  . PHE A 1 61  ? 4.975   -7.835  -9.788  1.00 27.86  ? 61  PHE A CZ  1 
ATOM   491  N  N   . GLU A 1 62  ? -0.934  -5.506  -13.281 1.00 24.63  ? 62  GLU A N   1 
ATOM   492  C  CA  . GLU A 1 62  ? -2.050  -4.581  -13.415 1.00 24.25  ? 62  GLU A CA  1 
ATOM   493  C  C   . GLU A 1 62  ? -2.255  -3.911  -12.066 1.00 27.29  ? 62  GLU A C   1 
ATOM   494  O  O   . GLU A 1 62  ? -2.266  -4.588  -11.037 1.00 27.09  ? 62  GLU A O   1 
ATOM   495  C  CB  . GLU A 1 62  ? -3.327  -5.308  -13.832 1.00 29.08  ? 62  GLU A CB  1 
ATOM   496  C  CG  . GLU A 1 62  ? -4.323  -4.400  -14.543 1.00 30.82  ? 62  GLU A CG  1 
ATOM   497  C  CD  . GLU A 1 62  ? -3.825  -3.979  -15.924 1.00 36.40  ? 62  GLU A CD  1 
ATOM   498  O  OE1 . GLU A 1 62  ? -3.710  -4.851  -16.811 1.00 34.97  ? 62  GLU A OE1 1 
ATOM   499  O  OE2 . GLU A 1 62  ? -3.564  -2.772  -16.117 1.00 34.13  ? 62  GLU A OE2 1 
ATOM   500  N  N   . ILE A 1 63  ? -2.404  -2.603  -12.066 1.00 23.72  ? 63  ILE A N   1 
ATOM   501  C  CA  . ILE A 1 63  ? -2.629  -1.872  -10.822 1.00 24.37  ? 63  ILE A CA  1 
ATOM   502  C  C   . ILE A 1 63  ? -4.127  -1.755  -10.583 1.00 24.78  ? 63  ILE A C   1 
ATOM   503  O  O   . ILE A 1 63  ? -4.872  -1.297  -11.458 1.00 27.13  ? 63  ILE A O   1 
ATOM   504  C  CB  . ILE A 1 63  ? -1.966  -0.492  -10.882 1.00 25.68  ? 63  ILE A CB  1 
ATOM   505  C  CG1 . ILE A 1 63  ? -0.474  -0.653  -11.172 1.00 30.82  ? 63  ILE A CG1 1 
ATOM   506  C  CG2 . ILE A 1 63  ? -2.207  0.275   -9.588  1.00 30.29  ? 63  ILE A CG2 1 
ATOM   507  C  CD1 . ILE A 1 63  ? 0.231   0.663   -11.464 1.00 36.15  ? 63  ILE A CD1 1 
ATOM   508  N  N   . ILE A 1 64  ? -4.570  -2.181  -9.403  1.00 24.02  ? 64  ILE A N   1 
ATOM   509  C  CA  . ILE A 1 64  ? -5.962  -2.042  -8.985  1.00 26.64  ? 64  ILE A CA  1 
ATOM   510  C  C   . ILE A 1 64  ? -6.130  -0.876  -8.024  1.00 28.41  ? 64  ILE A C   1 
ATOM   511  O  O   . ILE A 1 64  ? -7.093  -0.113  -8.117  1.00 30.27  ? 64  ILE A O   1 
ATOM   512  C  CB  . ILE A 1 64  ? -6.459  -3.349  -8.330  1.00 24.58  ? 64  ILE A CB  1 
ATOM   513  C  CG1 . ILE A 1 64  ? -6.070  -4.591  -9.148  1.00 32.06  ? 64  ILE A CG1 1 
ATOM   514  C  CG2 . ILE A 1 64  ? -7.977  -3.258  -8.032  1.00 25.70  ? 64  ILE A CG2 1 
ATOM   515  C  CD1 . ILE A 1 64  ? -6.655  -4.597  -10.538 1.00 31.59  ? 64  ILE A CD1 1 
ATOM   516  N  N   . GLU A 1 65  ? -5.178  -0.743  -7.104  1.00 25.04  ? 65  GLU A N   1 
ATOM   517  C  CA  . GLU A 1 65  ? -5.170  0.349   -6.136  1.00 26.05  ? 65  GLU A CA  1 
ATOM   518  C  C   . GLU A 1 65  ? -5.101  1.708   -6.839  1.00 30.09  ? 65  GLU A C   1 
ATOM   519  O  O   . GLU A 1 65  ? -4.521  1.849   -7.919  1.00 37.66  ? 65  GLU A O   1 
ATOM   520  C  CB  . GLU A 1 65  ? -3.976  0.164   -5.183  1.00 27.92  ? 65  GLU A CB  1 
ATOM   521  C  CG  . GLU A 1 65  ? -3.805  1.272   -4.152  1.00 34.41  ? 65  GLU A CG  1 
ATOM   522  C  CD  . GLU A 1 65  ? -5.027  1.391   -3.264  1.00 37.03  ? 65  GLU A CD  1 
ATOM   523  O  OE1 . GLU A 1 65  ? -5.062  0.727   -2.209  1.00 40.75  ? 65  GLU A OE1 1 
ATOM   524  O  OE2 . GLU A 1 65  ? -5.969  2.139   -3.635  1.00 44.72  ? 65  GLU A OE2 1 
ATOM   525  N  N   . GLY A 1 66  ? -5.737  2.708   -6.224  1.00 31.98  ? 66  GLY A N   1 
ATOM   526  C  CA  . GLY A 1 66  ? -5.759  4.067   -6.713  1.00 39.48  ? 66  GLY A CA  1 
ATOM   527  C  C   . GLY A 1 66  ? -7.003  4.407   -7.507  1.00 32.84  ? 66  GLY A C   1 
ATOM   528  O  O   . GLY A 1 66  ? -7.416  5.574   -7.541  1.00 40.07  ? 66  GLY A O   1 
ATOM   529  N  N   . ARG A 1 67  ? -7.608  3.410   -8.135  1.00 26.42  ? 67  ARG A N   1 
ATOM   530  C  CA  . ARG A 1 67  ? -8.810  3.604   -8.924  1.00 30.40  ? 67  ARG A CA  1 
ATOM   531  C  C   . ARG A 1 67  ? -10.011 3.800   -8.002  1.00 30.87  ? 67  ARG A C   1 
ATOM   532  O  O   . ARG A 1 67  ? -10.027 3.339   -6.860  1.00 33.63  ? 67  ARG A O   1 
ATOM   533  C  CB  . ARG A 1 67  ? -9.042  2.399   -9.839  1.00 30.06  ? 67  ARG A CB  1 
ATOM   534  C  CG  . ARG A 1 67  ? -7.850  2.038   -10.739 1.00 27.78  ? 67  ARG A CG  1 
ATOM   535  C  CD  . ARG A 1 67  ? -8.188  0.755   -11.495 1.00 27.28  ? 67  ARG A CD  1 
ATOM   536  N  NE  . ARG A 1 67  ? -7.061  0.176   -12.228 1.00 26.85  ? 67  ARG A NE  1 
ATOM   537  C  CZ  . ARG A 1 67  ? -6.791  0.380   -13.516 1.00 33.82  ? 67  ARG A CZ  1 
ATOM   538  N  NH1 . ARG A 1 67  ? -7.551  1.191   -14.240 1.00 30.36  ? 67  ARG A NH1 1 
ATOM   539  N  NH2 . ARG A 1 67  ? -5.751  -0.230  -14.073 1.00 29.91  ? 67  ARG A NH2 1 
ATOM   540  N  N   . ASP A 1 68  ? -11.039 4.485   -8.510  1.00 34.26  ? 68  ASP A N   1 
ATOM   541  C  CA  . ASP A 1 68  ? -12.286 4.494   -7.756  1.00 33.34  ? 68  ASP A CA  1 
ATOM   542  C  C   . ASP A 1 68  ? -12.834 3.069   -7.685  1.00 32.27  ? 68  ASP A C   1 
ATOM   543  O  O   . ASP A 1 68  ? -12.518 2.223   -8.526  1.00 35.55  ? 68  ASP A O   1 
ATOM   544  C  CB  . ASP A 1 68  ? -13.298 5.473   -8.374  1.00 39.78  ? 68  ASP A CB  1 
ATOM   545  C  CG  . ASP A 1 68  ? -13.881 4.983   -9.691  1.00 49.75  ? 68  ASP A CG  1 
ATOM   546  O  OD1 . ASP A 1 68  ? -14.882 4.231   -9.665  1.00 56.61  ? 68  ASP A OD1 1 
ATOM   547  O  OD2 . ASP A 1 68  ? -13.354 5.380   -10.755 1.00 65.68  ? 68  ASP A OD2 1 
ATOM   548  N  N   . ARG A 1 69  ? -13.628 2.792   -6.638  1.00 33.68  ? 69  ARG A N   1 
ATOM   549  C  CA  . ARG A 1 69  ? -13.979 1.411   -6.291  1.00 33.57  ? 69  ARG A CA  1 
ATOM   550  C  C   . ARG A 1 69  ? -14.754 0.713   -7.407  1.00 32.55  ? 69  ARG A C   1 
ATOM   551  O  O   . ARG A 1 69  ? -14.512 -0.468  -7.698  1.00 34.75  ? 69  ARG A O   1 
ATOM   552  C  CB  . ARG A 1 69  ? -14.781 1.379   -4.980  1.00 40.93  ? 69  ARG A CB  1 
ATOM   553  C  CG  . ARG A 1 69  ? -15.265 -0.015  -4.582  1.00 51.72  ? 69  ARG A CG  1 
ATOM   554  C  CD  . ARG A 1 69  ? -15.737 -0.102  -3.119  1.00 59.29  ? 69  ARG A CD  1 
ATOM   555  N  NE  . ARG A 1 69  ? -15.593 -1.457  -2.573  1.00 64.44  ? 69  ARG A NE  1 
ATOM   556  C  CZ  . ARG A 1 69  ? -16.546 -2.389  -2.589  1.00 59.29  ? 69  ARG A CZ  1 
ATOM   557  N  NH1 . ARG A 1 69  ? -17.733 -2.131  -3.122  1.00 56.38  ? 69  ARG A NH1 1 
ATOM   558  N  NH2 . ARG A 1 69  ? -16.308 -3.587  -2.070  1.00 67.18  ? 69  ARG A NH2 1 
ATOM   559  N  N   . THR A 1 70  ? -15.707 1.416   -8.031  1.00 36.83  ? 70  THR A N   1 
ATOM   560  C  CA  . THR A 1 70  ? -16.466 0.814   -9.123  1.00 36.37  ? 70  THR A CA  1 
ATOM   561  C  C   . THR A 1 70  ? -15.540 0.431   -10.273 1.00 29.26  ? 70  THR A C   1 
ATOM   562  O  O   . THR A 1 70  ? -15.579 -0.704  -10.772 1.00 33.20  ? 70  THR A O   1 
ATOM   563  C  CB  . THR A 1 70  ? -17.552 1.781   -9.597  1.00 41.25  ? 70  THR A CB  1 
ATOM   564  O  OG1 . THR A 1 70  ? -18.430 2.083   -8.505  1.00 41.19  ? 70  THR A OG1 1 
ATOM   565  C  CG2 . THR A 1 70  ? -18.350 1.162   -10.733 1.00 42.00  ? 70  THR A CG2 1 
ATOM   566  N  N   . MET A 1 71  ? -14.672 1.360   -10.675 1.00 31.51  ? 71  MET A N   1 
ATOM   567  C  CA  . MET A 1 71  ? -13.716 1.073   -11.743 1.00 34.89  ? 71  MET A CA  1 
ATOM   568  C  C   . MET A 1 71  ? -12.754 -0.041  -11.336 1.00 32.82  ? 71  MET A C   1 
ATOM   569  O  O   . MET A 1 71  ? -12.391 -0.898  -12.154 1.00 30.71  ? 71  MET A O   1 
ATOM   570  C  CB  . MET A 1 71  ? -12.952 2.345   -12.108 1.00 35.32  ? 71  MET A CB  1 
ATOM   571  C  CG  . MET A 1 71  ? -11.918 2.170   -13.206 1.00 32.17  ? 71  MET A CG  1 
ATOM   572  S  SD  . MET A 1 71  ? -12.654 1.698   -14.813 1.00 36.82  ? 71  MET A SD  1 
ATOM   573  C  CE  . MET A 1 71  ? -11.149 1.411   -15.734 1.00 34.39  ? 71  MET A CE  1 
ATOM   574  N  N   . ALA A 1 72  ? -12.331 -0.050  -10.069 1.00 32.22  ? 72  ALA A N   1 
ATOM   575  C  CA  . ALA A 1 72  ? -11.435 -1.106  -9.613  1.00 33.56  ? 72  ALA A CA  1 
ATOM   576  C  C   . ALA A 1 72  ? -12.076 -2.480  -9.748  1.00 29.88  ? 72  ALA A C   1 
ATOM   577  O  O   . ALA A 1 72  ? -11.431 -3.444  -10.179 1.00 27.68  ? 72  ALA A O   1 
ATOM   578  C  CB  . ALA A 1 72  ? -11.029 -0.861  -8.157  1.00 32.58  ? 72  ALA A CB  1 
ATOM   579  N  N   . TRP A 1 73  ? -13.338 -2.607  -9.341  1.00 30.15  ? 73  TRP A N   1 
ATOM   580  C  CA  . TRP A 1 73  ? -13.995 -3.895  -9.472  1.00 32.60  ? 73  TRP A CA  1 
ATOM   581  C  C   . TRP A 1 73  ? -14.201 -4.270  -10.939 1.00 30.15  ? 73  TRP A C   1 
ATOM   582  O  O   . TRP A 1 73  ? -14.106 -5.446  -11.304 1.00 30.18  ? 73  TRP A O   1 
ATOM   583  C  CB  . TRP A 1 73  ? -15.320 -3.863  -8.713  1.00 31.94  ? 73  TRP A CB  1 
ATOM   584  C  CG  . TRP A 1 73  ? -15.138 -4.153  -7.261  1.00 31.36  ? 73  TRP A CG  1 
ATOM   585  C  CD1 . TRP A 1 73  ? -15.380 -3.310  -6.220  1.00 37.04  ? 73  TRP A CD1 1 
ATOM   586  C  CD2 . TRP A 1 73  ? -14.680 -5.382  -6.691  1.00 32.10  ? 73  TRP A CD2 1 
ATOM   587  N  NE1 . TRP A 1 73  ? -15.101 -3.941  -5.026  1.00 37.53  ? 73  TRP A NE1 1 
ATOM   588  C  CE2 . TRP A 1 73  ? -14.665 -5.212  -5.291  1.00 34.16  ? 73  TRP A CE2 1 
ATOM   589  C  CE3 . TRP A 1 73  ? -14.272 -6.605  -7.227  1.00 32.26  ? 73  TRP A CE3 1 
ATOM   590  C  CZ2 . TRP A 1 73  ? -14.264 -6.224  -4.419  1.00 36.59  ? 73  TRP A CZ2 1 
ATOM   591  C  CZ3 . TRP A 1 73  ? -13.870 -7.614  -6.361  1.00 37.05  ? 73  TRP A CZ3 1 
ATOM   592  C  CH2 . TRP A 1 73  ? -13.870 -7.413  -4.964  1.00 34.49  ? 73  TRP A CH2 1 
ATOM   593  N  N   . THR A 1 74  ? -14.510 -3.286  -11.783 1.00 30.87  ? 74  THR A N   1 
ATOM   594  C  CA  . THR A 1 74  ? -14.590 -3.548  -13.222 1.00 30.66  ? 74  THR A CA  1 
ATOM   595  C  C   . THR A 1 74  ? -13.289 -4.143  -13.752 1.00 33.33  ? 74  THR A C   1 
ATOM   596  O  O   . THR A 1 74  ? -13.301 -5.095  -14.547 1.00 31.18  ? 74  THR A O   1 
ATOM   597  C  CB  . THR A 1 74  ? -14.932 -2.234  -13.930 1.00 38.43  ? 74  THR A CB  1 
ATOM   598  O  OG1 . THR A 1 74  ? -16.298 -1.892  -13.640 1.00 41.65  ? 74  THR A OG1 1 
ATOM   599  C  CG2 . THR A 1 74  ? -14.728 -2.339  -15.410 1.00 43.27  ? 74  THR A CG2 1 
ATOM   600  N  N   . VAL A 1 75  ? -12.152 -3.612  -13.295 1.00 27.67  ? 75  VAL A N   1 
ATOM   601  C  CA  . VAL A 1 75  ? -10.857 -4.130  -13.742 1.00 28.03  ? 75  VAL A CA  1 
ATOM   602  C  C   . VAL A 1 75  ? -10.614 -5.536  -13.183 1.00 27.62  ? 75  VAL A C   1 
ATOM   603  O  O   . VAL A 1 75  ? -10.107 -6.425  -13.884 1.00 28.38  ? 75  VAL A O   1 
ATOM   604  C  CB  . VAL A 1 75  ? -9.734  -3.145  -13.354 1.00 25.42  ? 75  VAL A CB  1 
ATOM   605  C  CG1 . VAL A 1 75  ? -8.369  -3.772  -13.562 1.00 30.52  ? 75  VAL A CG1 1 
ATOM   606  C  CG2 . VAL A 1 75  ? -9.834  -1.859  -14.173 1.00 28.54  ? 75  VAL A CG2 1 
ATOM   607  N  N   . VAL A 1 76  ? -10.949 -5.761  -11.910 1.00 28.20  ? 76  VAL A N   1 
ATOM   608  C  CA  . VAL A 1 76  ? -10.785 -7.095  -11.333 1.00 30.24  ? 76  VAL A CA  1 
ATOM   609  C  C   . VAL A 1 76  ? -11.601 -8.112  -12.121 1.00 26.88  ? 76  VAL A C   1 
ATOM   610  O  O   . VAL A 1 76  ? -11.102 -9.174  -12.515 1.00 30.41  ? 76  VAL A O   1 
ATOM   611  C  CB  . VAL A 1 76  ? -11.182 -7.082  -9.846  1.00 29.00  ? 76  VAL A CB  1 
ATOM   612  C  CG1 . VAL A 1 76  ? -11.312 -8.503  -9.323  1.00 30.18  ? 76  VAL A CG1 1 
ATOM   613  C  CG2 . VAL A 1 76  ? -10.170 -6.262  -9.037  1.00 29.32  ? 76  VAL A CG2 1 
ATOM   614  N  N   . ASN A 1 77  ? -12.863 -7.788  -12.377 1.00 31.89  ? 77  ASN A N   1 
ATOM   615  C  CA  . ASN A 1 77  ? -13.737 -8.728  -13.066 1.00 34.35  ? 77  ASN A CA  1 
ATOM   616  C  C   . ASN A 1 77  ? -13.264 -8.975  -14.493 1.00 35.04  ? 77  ASN A C   1 
ATOM   617  O  O   . ASN A 1 77  ? -13.333 -10.110 -14.988 1.00 37.06  ? 77  ASN A O   1 
ATOM   618  C  CB  . ASN A 1 77  ? -15.176 -8.211  -13.016 1.00 35.05  ? 77  ASN A CB  1 
ATOM   619  C  CG  . ASN A 1 77  ? -15.788 -8.365  -11.630 1.00 36.47  ? 77  ASN A CG  1 
ATOM   620  O  OD1 . ASN A 1 77  ? -15.540 -9.360  -10.955 1.00 45.35  ? 77  ASN A OD1 1 
ATOM   621  N  ND2 . ASN A 1 77  ? -16.559 -7.375  -11.192 1.00 39.48  ? 77  ASN A ND2 1 
ATOM   622  N  N   . SER A 1 78  ? -12.742 -7.938  -15.160 1.00 35.18  ? 78  SER A N   1 
ATOM   623  C  CA  . SER A 1 78  ? -12.167 -8.124  -16.491 1.00 33.42  ? 78  SER A CA  1 
ATOM   624  C  C   . SER A 1 78  ? -10.976 -9.075  -16.454 1.00 33.80  ? 78  SER A C   1 
ATOM   625  O  O   . SER A 1 78  ? -10.855 -9.975  -17.295 1.00 34.34  ? 78  SER A O   1 
ATOM   626  C  CB  . SER A 1 78  ? -11.759 -6.770  -17.081 1.00 32.41  ? 78  SER A CB  1 
ATOM   627  O  OG  . SER A 1 78  ? -11.167 -6.938  -18.362 1.00 33.59  ? 78  SER A OG  1 
ATOM   628  N  N   . ILE A 1 79  ? -10.060 -8.870  -15.499 1.00 29.19  ? 79  ILE A N   1 
ATOM   629  C  CA  . ILE A 1 79  ? -8.925  -9.775  -15.363 1.00 30.60  ? 79  ILE A CA  1 
ATOM   630  C  C   . ILE A 1 79  ? -9.410  -11.198 -15.148 1.00 32.90  ? 79  ILE A C   1 
ATOM   631  O  O   . ILE A 1 79  ? -8.872  -12.150 -15.726 1.00 33.18  ? 79  ILE A O   1 
ATOM   632  C  CB  . ILE A 1 79  ? -8.020  -9.336  -14.200 1.00 27.27  ? 79  ILE A CB  1 
ATOM   633  C  CG1 . ILE A 1 79  ? -7.302  -8.031  -14.548 1.00 30.88  ? 79  ILE A CG1 1 
ATOM   634  C  CG2 . ILE A 1 79  ? -7.011  -10.445 -13.872 1.00 29.42  ? 79  ILE A CG2 1 
ATOM   635  C  CD1 . ILE A 1 79  ? -6.669  -7.331  -13.307 1.00 28.25  ? 79  ILE A CD1 1 
ATOM   636  N  N   . CYS A 1 80  ? -10.409 -11.366 -14.288 1.00 33.74  ? 80  CYS A N   1 
ATOM   637  C  CA  . CYS A 1 80  ? -10.883 -12.711 -13.979 1.00 35.70  ? 80  CYS A CA  1 
ATOM   638  C  C   . CYS A 1 80  ? -11.458 -13.379 -15.217 1.00 40.19  ? 80  CYS A C   1 
ATOM   639  O  O   . CYS A 1 80  ? -11.169 -14.549 -15.493 1.00 39.45  ? 80  CYS A O   1 
ATOM   640  C  CB  . CYS A 1 80  ? -11.916 -12.653 -12.857 1.00 36.78  ? 80  CYS A CB  1 
ATOM   641  S  SG  . CYS A 1 80  ? -11.178 -12.271 -11.242 1.00 36.91  ? 80  CYS A SG  1 
ATOM   642  N  N   . ASN A 1 81  ? -12.247 -12.636 -15.993 1.00 36.79  ? 81  ASN A N   1 
ATOM   643  C  CA  . ASN A 1 81  ? -12.812 -13.202 -17.214 1.00 38.64  ? 81  ASN A CA  1 
ATOM   644  C  C   . ASN A 1 81  ? -11.724 -13.557 -18.220 1.00 43.06  ? 81  ASN A C   1 
ATOM   645  O  O   . ASN A 1 81  ? -11.795 -14.601 -18.876 1.00 50.33  ? 81  ASN A O   1 
ATOM   646  C  CB  . ASN A 1 81  ? -13.812 -12.222 -17.821 1.00 41.01  ? 81  ASN A CB  1 
ATOM   647  C  CG  . ASN A 1 81  ? -14.475 -12.774 -19.060 1.00 55.08  ? 81  ASN A CG  1 
ATOM   648  O  OD1 . ASN A 1 81  ? -15.280 -13.699 -18.976 1.00 61.45  ? 81  ASN A OD1 1 
ATOM   649  N  ND2 . ASN A 1 81  ? -14.138 -12.216 -20.219 1.00 48.65  ? 81  ASN A ND2 1 
ATOM   650  N  N   . THR A 1 82  ? -10.701 -12.710 -18.346 1.00 39.65  ? 82  THR A N   1 
ATOM   651  C  CA  . THR A 1 82  ? -9.660  -12.920 -19.347 1.00 39.42  ? 82  THR A CA  1 
ATOM   652  C  C   . THR A 1 82  ? -8.730  -14.070 -18.972 1.00 42.06  ? 82  THR A C   1 
ATOM   653  O  O   . THR A 1 82  ? -8.391  -14.909 -19.816 1.00 42.97  ? 82  THR A O   1 
ATOM   654  C  CB  . THR A 1 82  ? -8.859  -11.627 -19.526 1.00 40.77  ? 82  THR A CB  1 
ATOM   655  O  OG1 . THR A 1 82  ? -9.670  -10.647 -20.186 1.00 40.76  ? 82  THR A OG1 1 
ATOM   656  C  CG2 . THR A 1 82  ? -7.595  -11.879 -20.323 1.00 35.54  ? 82  THR A CG2 1 
ATOM   657  N  N   . THR A 1 83  ? -8.286  -14.114 -17.714 1.00 37.42  ? 83  THR A N   1 
ATOM   658  C  CA  . THR A 1 83  ? -7.275  -15.062 -17.264 1.00 43.44  ? 83  THR A CA  1 
ATOM   659  C  C   . THR A 1 83  ? -7.859  -16.326 -16.653 1.00 39.26  ? 83  THR A C   1 
ATOM   660  O  O   . THR A 1 83  ? -7.130  -17.312 -16.492 1.00 44.74  ? 83  THR A O   1 
ATOM   661  C  CB  . THR A 1 83  ? -6.364  -14.425 -16.208 1.00 36.43  ? 83  THR A CB  1 
ATOM   662  O  OG1 . THR A 1 83  ? -7.149  -14.088 -15.057 1.00 39.53  ? 83  THR A OG1 1 
ATOM   663  C  CG2 . THR A 1 83  ? -5.675  -13.175 -16.753 1.00 33.71  ? 83  THR A CG2 1 
ATOM   664  N  N   . GLY A 1 84  ? -9.135  -16.308 -16.278 1.00 42.30  ? 84  GLY A N   1 
ATOM   665  C  CA  . GLY A 1 84  ? -9.715  -17.394 -15.526 1.00 48.05  ? 84  GLY A CA  1 
ATOM   666  C  C   . GLY A 1 84  ? -9.417  -17.365 -14.045 1.00 49.00  ? 84  GLY A C   1 
ATOM   667  O  O   . GLY A 1 84  ? -9.837  -18.281 -13.327 1.00 53.54  ? 84  GLY A O   1 
ATOM   668  N  N   . ALA A 1 85  ? -8.705  -16.350 -13.562 1.00 48.61  ? 85  ALA A N   1 
ATOM   669  C  CA  . ALA A 1 85  ? -8.391  -16.258 -12.143 1.00 44.24  ? 85  ALA A CA  1 
ATOM   670  C  C   . ALA A 1 85  ? -9.665  -16.133 -11.315 1.00 42.38  ? 85  ALA A C   1 
ATOM   671  O  O   . ALA A 1 85  ? -10.662 -15.552 -11.747 1.00 44.94  ? 85  ALA A O   1 
ATOM   672  C  CB  . ALA A 1 85  ? -7.472  -15.064 -11.882 1.00 40.57  ? 85  ALA A CB  1 
ATOM   673  N  N   . GLU A 1 86  ? -9.618  -16.684 -10.106 1.00 49.59  ? 86  GLU A N   1 
ATOM   674  C  CA  . GLU A 1 86  ? -10.773 -16.665 -9.218  1.00 46.84  ? 86  GLU A CA  1 
ATOM   675  C  C   . GLU A 1 86  ? -10.991 -15.271 -8.641  1.00 44.85  ? 86  GLU A C   1 
ATOM   676  O  O   . GLU A 1 86  ? -10.037 -14.561 -8.315  1.00 41.70  ? 86  GLU A O   1 
ATOM   677  C  CB  . GLU A 1 86  ? -10.569 -17.687 -8.100  1.00 50.30  ? 86  GLU A CB  1 
ATOM   678  C  CG  . GLU A 1 86  ? -11.603 -17.660 -6.996  1.00 62.12  ? 86  GLU A CG  1 
ATOM   679  C  CD  . GLU A 1 86  ? -11.336 -18.728 -5.947  1.00 76.39  ? 86  GLU A CD  1 
ATOM   680  O  OE1 . GLU A 1 86  ? -11.712 -19.899 -6.182  1.00 72.49  ? 86  GLU A OE1 1 
ATOM   681  O  OE2 . GLU A 1 86  ? -10.734 -18.399 -4.899  1.00 69.91  ? 86  GLU A OE2 1 
ATOM   682  N  N   . LYS A 1 87  ? -12.255 -14.886 -8.504  1.00 37.45  ? 87  LYS A N   1 
ATOM   683  C  CA  . LYS A 1 87  ? -12.581 -13.520 -8.093  1.00 38.54  ? 87  LYS A CA  1 
ATOM   684  C  C   . LYS A 1 87  ? -12.310 -13.325 -6.603  1.00 41.31  ? 87  LYS A C   1 
ATOM   685  O  O   . LYS A 1 87  ? -12.759 -14.135 -5.781  1.00 43.58  ? 87  LYS A O   1 
ATOM   686  C  CB  . LYS A 1 87  ? -14.040 -13.191 -8.410  1.00 39.65  ? 87  LYS A CB  1 
ATOM   687  C  CG  . LYS A 1 87  ? -14.484 -11.817 -7.928  1.00 43.28  ? 87  LYS A CG  1 
ATOM   688  C  CD  . LYS A 1 87  ? -15.854 -11.448 -8.485  1.00 45.34  ? 87  LYS A CD  1 
ATOM   689  C  CE  . LYS A 1 87  ? -16.343 -10.120 -7.936  1.00 54.65  ? 87  LYS A CE  1 
ATOM   690  N  NZ  . LYS A 1 87  ? -17.576 -9.634  -8.630  1.00 60.59  ? 87  LYS A NZ  1 
ATOM   691  N  N   . PRO A 1 88  ? -11.586 -12.281 -6.218  1.00 40.39  ? 88  PRO A N   1 
ATOM   692  C  CA  . PRO A 1 88  ? -11.325 -12.043 -4.794  1.00 37.99  ? 88  PRO A CA  1 
ATOM   693  C  C   . PRO A 1 88  ? -12.520 -11.431 -4.079  1.00 41.01  ? 88  PRO A C   1 
ATOM   694  O  O   . PRO A 1 88  ? -13.340 -10.723 -4.670  1.00 39.03  ? 88  PRO A O   1 
ATOM   695  C  CB  . PRO A 1 88  ? -10.139 -11.071 -4.810  1.00 39.44  ? 88  PRO A CB  1 
ATOM   696  C  CG  . PRO A 1 88  ? -10.266 -10.343 -6.116  1.00 41.08  ? 88  PRO A CG  1 
ATOM   697  C  CD  . PRO A 1 88  ? -10.846 -11.348 -7.089  1.00 35.11  ? 88  PRO A CD  1 
ATOM   698  N  N   . LYS A 1 89  ? -12.595 -11.706 -2.771  1.00 40.07  ? 89  LYS A N   1 
ATOM   699  C  CA  . LYS A 1 89  ? -13.711 -11.223 -1.964  1.00 37.90  ? 89  LYS A CA  1 
ATOM   700  C  C   . LYS A 1 89  ? -13.563 -9.758  -1.598  1.00 38.26  ? 89  LYS A C   1 
ATOM   701  O  O   . LYS A 1 89  ? -14.568 -9.069  -1.402  1.00 42.75  ? 89  LYS A O   1 
ATOM   702  C  CB  . LYS A 1 89  ? -13.846 -12.066 -0.696  1.00 42.27  ? 89  LYS A CB  1 
ATOM   703  C  CG  . LYS A 1 89  ? -14.043 -13.546 -0.978  1.00 50.17  ? 89  LYS A CG  1 
ATOM   704  C  CD  . LYS A 1 89  ? -13.703 -14.389 0.242   1.00 59.55  ? 89  LYS A CD  1 
ATOM   705  C  CE  . LYS A 1 89  ? -13.430 -15.833 -0.142  1.00 58.63  ? 89  LYS A CE  1 
ATOM   706  N  NZ  . LYS A 1 89  ? -13.010 -16.638 1.038   1.00 65.12  ? 89  LYS A NZ  1 
ATOM   707  N  N   . PHE A 1 90  ? -12.332 -9.264  -1.496  1.00 34.19  ? 90  PHE A N   1 
ATOM   708  C  CA  . PHE A 1 90  ? -12.061 -7.874  -1.194  1.00 34.84  ? 90  PHE A CA  1 
ATOM   709  C  C   . PHE A 1 90  ? -11.120 -7.332  -2.261  1.00 27.76  ? 90  PHE A C   1 
ATOM   710  O  O   . PHE A 1 90  ? -10.357 -8.093  -2.859  1.00 33.13  ? 90  PHE A O   1 
ATOM   711  C  CB  . PHE A 1 90  ? -11.443 -7.718  0.211   1.00 44.15  ? 90  PHE A CB  1 
ATOM   712  C  CG  . PHE A 1 90  ? -12.314 -8.268  1.316   1.00 40.83  ? 90  PHE A CG  1 
ATOM   713  C  CD1 . PHE A 1 90  ? -12.225 -9.598  1.687   1.00 42.51  ? 90  PHE A CD1 1 
ATOM   714  C  CD2 . PHE A 1 90  ? -13.241 -7.461  1.953   1.00 54.91  ? 90  PHE A CD2 1 
ATOM   715  C  CE1 . PHE A 1 90  ? -13.035 -10.113 2.695   1.00 45.72  ? 90  PHE A CE1 1 
ATOM   716  C  CE2 . PHE A 1 90  ? -14.054 -7.968  2.958   1.00 47.86  ? 90  PHE A CE2 1 
ATOM   717  C  CZ  . PHE A 1 90  ? -13.947 -9.295  3.328   1.00 47.22  ? 90  PHE A CZ  1 
ATOM   718  N  N   . LEU A 1 91  ? -11.178 -6.030  -2.481  1.00 32.16  ? 91  LEU A N   1 
ATOM   719  C  CA  . LEU A 1 91  ? -10.400 -5.409  -3.559  1.00 34.15  ? 91  LEU A CA  1 
ATOM   720  C  C   . LEU A 1 91  ? -8.909  -5.574  -3.299  1.00 33.30  ? 91  LEU A C   1 
ATOM   721  O  O   . LEU A 1 91  ? -8.415  -5.085  -2.265  1.00 32.44  ? 91  LEU A O   1 
ATOM   722  C  CB  . LEU A 1 91  ? -10.723 -3.927  -3.694  1.00 36.36  ? 91  LEU A CB  1 
ATOM   723  C  CG  . LEU A 1 91  ? -11.739 -3.433  -4.725  1.00 44.17  ? 91  LEU A CG  1 
ATOM   724  C  CD1 . LEU A 1 91  ? -11.802 -1.918  -4.682  1.00 43.77  ? 91  LEU A CD1 1 
ATOM   725  C  CD2 . LEU A 1 91  ? -11.409 -3.905  -6.141  1.00 28.36  ? 91  LEU A CD2 1 
ATOM   726  N  N   . PRO A 1 92  ? -8.163  -6.238  -4.186  1.00 27.46  ? 92  PRO A N   1 
ATOM   727  C  CA  . PRO A 1 92  ? -6.711  -6.362  -4.021  1.00 28.70  ? 92  PRO A CA  1 
ATOM   728  C  C   . PRO A 1 92  ? -6.017  -5.125  -4.587  1.00 27.85  ? 92  PRO A C   1 
ATOM   729  O  O   . PRO A 1 92  ? -6.657  -4.173  -5.039  1.00 26.75  ? 92  PRO A O   1 
ATOM   730  C  CB  . PRO A 1 92  ? -6.373  -7.636  -4.804  1.00 28.00  ? 92  PRO A CB  1 
ATOM   731  C  CG  . PRO A 1 92  ? -7.412  -7.695  -5.881  1.00 33.89  ? 92  PRO A CG  1 
ATOM   732  C  CD  . PRO A 1 92  ? -8.664  -7.011  -5.339  1.00 28.63  ? 92  PRO A CD  1 
ATOM   733  N  N   . ASP A 1 93  ? -4.684  -5.131  -4.528  1.00 26.22  ? 93  ASP A N   1 
ATOM   734  C  CA  . ASP A 1 93  ? -3.900  -3.970  -4.937  1.00 25.01  ? 93  ASP A CA  1 
ATOM   735  C  C   . ASP A 1 93  ? -3.307  -4.121  -6.326  1.00 23.85  ? 93  ASP A C   1 
ATOM   736  O  O   . ASP A 1 93  ? -3.241  -3.136  -7.070  1.00 24.11  ? 93  ASP A O   1 
ATOM   737  C  CB  . ASP A 1 93  ? -2.773  -3.709  -3.945  1.00 23.61  ? 93  ASP A CB  1 
ATOM   738  C  CG  . ASP A 1 93  ? -3.298  -3.267  -2.597  1.00 31.38  ? 93  ASP A CG  1 
ATOM   739  O  OD1 . ASP A 1 93  ? -4.318  -2.549  -2.610  1.00 29.14  ? 93  ASP A OD1 1 
ATOM   740  O  OD2 . ASP A 1 93  ? -2.697  -3.629  -1.550  1.00 29.28  ? 93  ASP A OD2 1 
ATOM   741  N  N   . LEU A 1 94  ? -2.855  -5.328  -6.660  1.00 24.33  ? 94  LEU A N   1 
ATOM   742  C  CA  . LEU A 1 94  ? -2.261  -5.594  -7.971  1.00 26.04  ? 94  LEU A CA  1 
ATOM   743  C  C   . LEU A 1 94  ? -2.752  -6.928  -8.497  1.00 24.06  ? 94  LEU A C   1 
ATOM   744  O  O   . LEU A 1 94  ? -3.274  -7.752  -7.762  1.00 25.50  ? 94  LEU A O   1 
ATOM   745  C  CB  . LEU A 1 94  ? -0.732  -5.652  -7.904  1.00 23.87  ? 94  LEU A CB  1 
ATOM   746  C  CG  . LEU A 1 94  ? 0.000   -4.456  -7.308  1.00 24.94  ? 94  LEU A CG  1 
ATOM   747  C  CD1 . LEU A 1 94  ? 1.445   -4.874  -7.047  1.00 31.17  ? 94  LEU A CD1 1 
ATOM   748  C  CD2 . LEU A 1 94  ? -0.055  -3.262  -8.224  1.00 28.60  ? 94  LEU A CD2 1 
ATOM   749  N  N   . TYR A 1 95  ? -2.546  -7.154  -9.800  1.00 24.79  ? 95  TYR A N   1 
ATOM   750  C  CA  . TYR A 1 95  ? -2.623  -8.493  -10.370 1.00 26.80  ? 95  TYR A CA  1 
ATOM   751  C  C   . TYR A 1 95  ? -1.285  -8.793  -11.028 1.00 26.33  ? 95  TYR A C   1 
ATOM   752  O  O   . TYR A 1 95  ? -0.754  -7.958  -11.769 1.00 27.45  ? 95  TYR A O   1 
ATOM   753  C  CB  . TYR A 1 95  ? -3.764  -8.637  -11.389 1.00 26.84  ? 95  TYR A CB  1 
ATOM   754  C  CG  . TYR A 1 95  ? -3.869  -10.053 -11.917 1.00 24.73  ? 95  TYR A CG  1 
ATOM   755  C  CD1 . TYR A 1 95  ? -4.497  -11.038 -11.176 1.00 25.67  ? 95  TYR A CD1 1 
ATOM   756  C  CD2 . TYR A 1 95  ? -3.285  -10.421 -13.133 1.00 26.96  ? 95  TYR A CD2 1 
ATOM   757  C  CE1 . TYR A 1 95  ? -4.585  -12.351 -11.632 1.00 32.27  ? 95  TYR A CE1 1 
ATOM   758  C  CE2 . TYR A 1 95  ? -3.368  -11.744 -13.593 1.00 30.27  ? 95  TYR A CE2 1 
ATOM   759  C  CZ  . TYR A 1 95  ? -4.022  -12.698 -12.834 1.00 35.24  ? 95  TYR A CZ  1 
ATOM   760  O  OH  . TYR A 1 95  ? -4.119  -14.015 -13.265 1.00 36.51  ? 95  TYR A OH  1 
ATOM   761  N  N   . ASP A 1 96  ? -0.734  -9.967  -10.727 1.00 27.01  ? 96  ASP A N   1 
ATOM   762  C  CA  . ASP A 1 96  ? 0.554   -10.427 -11.236 1.00 26.70  ? 96  ASP A CA  1 
ATOM   763  C  C   . ASP A 1 96  ? 0.280   -11.345 -12.425 1.00 29.12  ? 96  ASP A C   1 
ATOM   764  O  O   . ASP A 1 96  ? -0.212  -12.474 -12.254 1.00 28.82  ? 96  ASP A O   1 
ATOM   765  C  CB  . ASP A 1 96  ? 1.312   -11.154 -10.121 1.00 27.01  ? 96  ASP A CB  1 
ATOM   766  C  CG  . ASP A 1 96  ? 2.731   -11.546 -10.506 1.00 35.25  ? 96  ASP A CG  1 
ATOM   767  O  OD1 . ASP A 1 96  ? 3.061   -11.561 -11.712 1.00 31.61  ? 96  ASP A OD1 1 
ATOM   768  O  OD2 . ASP A 1 96  ? 3.530   -11.840 -9.586  1.00 30.33  ? 96  ASP A OD2 1 
ATOM   769  N  N   . TYR A 1 97  ? 0.572   -10.843 -13.635 1.00 29.48  ? 97  TYR A N   1 
ATOM   770  C  CA  . TYR A 1 97  ? 0.354   -11.649 -14.833 1.00 32.43  ? 97  TYR A CA  1 
ATOM   771  C  C   . TYR A 1 97  ? 1.355   -12.790 -14.960 1.00 35.41  ? 97  TYR A C   1 
ATOM   772  O  O   . TYR A 1 97  ? 1.064   -13.762 -15.669 1.00 39.69  ? 97  TYR A O   1 
ATOM   773  C  CB  . TYR A 1 97  ? 0.414   -10.761 -16.087 1.00 27.39  ? 97  TYR A CB  1 
ATOM   774  C  CG  . TYR A 1 97  ? -0.799  -9.872  -16.277 1.00 29.81  ? 97  TYR A CG  1 
ATOM   775  C  CD1 . TYR A 1 97  ? -2.046  -10.417 -16.559 1.00 28.74  ? 97  TYR A CD1 1 
ATOM   776  C  CD2 . TYR A 1 97  ? -0.690  -8.483  -16.188 1.00 28.47  ? 97  TYR A CD2 1 
ATOM   777  C  CE1 . TYR A 1 97  ? -3.160  -9.607  -16.739 1.00 28.78  ? 97  TYR A CE1 1 
ATOM   778  C  CE2 . TYR A 1 97  ? -1.805  -7.658  -16.365 1.00 29.10  ? 97  TYR A CE2 1 
ATOM   779  C  CZ  . TYR A 1 97  ? -3.028  -8.233  -16.640 1.00 29.56  ? 97  TYR A CZ  1 
ATOM   780  O  OH  . TYR A 1 97  ? -4.120  -7.430  -16.822 1.00 32.20  ? 97  TYR A OH  1 
ATOM   781  N  N   . LYS A 1 98  ? 2.511   -12.702 -14.294 1.00 31.49  ? 98  LYS A N   1 
ATOM   782  C  CA  . LYS A 1 98  ? 3.529   -13.751 -14.390 1.00 31.95  ? 98  LYS A CA  1 
ATOM   783  C  C   . LYS A 1 98  ? 3.165   -14.946 -13.518 1.00 42.20  ? 98  LYS A C   1 
ATOM   784  O  O   . LYS A 1 98  ? 3.092   -16.082 -13.995 1.00 36.38  ? 98  LYS A O   1 
ATOM   785  C  CB  . LYS A 1 98  ? 4.905   -13.209 -13.997 1.00 31.74  ? 98  LYS A CB  1 
ATOM   786  C  CG  . LYS A 1 98  ? 6.041   -14.261 -14.081 1.00 31.88  ? 98  LYS A CG  1 
ATOM   787  C  CD  . LYS A 1 98  ? 7.396   -13.623 -13.839 1.00 38.29  ? 98  LYS A CD  1 
ATOM   788  C  CE  . LYS A 1 98  ? 8.520   -14.620 -14.081 1.00 48.17  ? 98  LYS A CE  1 
ATOM   789  N  NZ  . LYS A 1 98  ? 8.296   -15.858 -13.291 1.00 60.62  ? 98  LYS A NZ  1 
ATOM   790  N  N   . GLU A 1 99  ? 2.932   -14.708 -12.229 1.00 37.35  ? 99  GLU A N   1 
ATOM   791  C  CA  . GLU A 1 99  ? 2.537   -15.776 -11.322 1.00 40.29  ? 99  GLU A CA  1 
ATOM   792  C  C   . GLU A 1 99  ? 1.030   -16.004 -11.311 1.00 36.93  ? 99  GLU A C   1 
ATOM   793  O  O   . GLU A 1 99  ? 0.556   -16.882 -10.583 1.00 43.99  ? 99  GLU A O   1 
ATOM   794  C  CB  . GLU A 1 99  ? 3.043   -15.475 -9.904  1.00 33.59  ? 99  GLU A CB  1 
ATOM   795  C  CG  . GLU A 1 99  ? 4.528   -15.136 -9.816  1.00 36.76  ? 99  GLU A CG  1 
ATOM   796  C  CD  . GLU A 1 99  ? 5.416   -16.363 -9.978  1.00 51.51  ? 99  GLU A CD  1 
ATOM   797  O  OE1 . GLU A 1 99  ? 6.550   -16.236 -10.498 1.00 46.70  ? 99  GLU A OE1 1 
ATOM   798  O  OE2 . GLU A 1 99  ? 4.971   -17.460 -9.588  1.00 46.79  ? 99  GLU A OE2 1 
ATOM   799  N  N   . ASN A 1 100 ? 0.272   -15.228 -12.095 1.00 38.79  ? 100 ASN A N   1 
ATOM   800  C  CA  . ASN A 1 100 ? -1.169  -15.416 -12.284 1.00 30.40  ? 100 ASN A CA  1 
ATOM   801  C  C   . ASN A 1 100 ? -1.934  -15.329 -10.961 1.00 36.23  ? 100 ASN A C   1 
ATOM   802  O  O   . ASN A 1 100 ? -2.674  -16.240 -10.595 1.00 34.59  ? 100 ASN A O   1 
ATOM   803  C  CB  . ASN A 1 100 ? -1.471  -16.754 -12.977 1.00 43.75  ? 100 ASN A CB  1 
ATOM   804  C  CG  . ASN A 1 100 ? -0.576  -17.015 -14.170 1.00 45.84  ? 100 ASN A CG  1 
ATOM   805  O  OD1 . ASN A 1 100 ? -0.634  -16.298 -15.168 1.00 49.32  ? 100 ASN A OD1 1 
ATOM   806  N  ND2 . ASN A 1 100 ? 0.255   -18.053 -14.074 1.00 56.59  ? 100 ASN A ND2 1 
ATOM   807  N  N   . ARG A 1 101 ? -1.749  -14.222 -10.240 1.00 31.99  ? 101 ARG A N   1 
ATOM   808  C  CA  . ARG A 1 101 ? -2.451  -14.120 -8.958  1.00 33.72  ? 101 ARG A CA  1 
ATOM   809  C  C   . ARG A 1 101 ? -2.636  -12.658 -8.587  1.00 24.95  ? 101 ARG A C   1 
ATOM   810  O  O   . ARG A 1 101 ? -1.824  -11.810 -8.957  1.00 26.57  ? 101 ARG A O   1 
ATOM   811  C  CB  . ARG A 1 101 ? -1.701  -14.847 -7.824  1.00 29.74  ? 101 ARG A CB  1 
ATOM   812  C  CG  . ARG A 1 101 ? -0.306  -14.300 -7.558  1.00 30.14  ? 101 ARG A CG  1 
ATOM   813  C  CD  . ARG A 1 101 ? 0.574   -15.307 -6.802  1.00 28.05  ? 101 ARG A CD  1 
ATOM   814  N  NE  . ARG A 1 101 ? 1.910   -14.771 -6.581  1.00 29.98  ? 101 ARG A NE  1 
ATOM   815  C  CZ  . ARG A 1 101 ? 2.974   -15.515 -6.289  1.00 29.56  ? 101 ARG A CZ  1 
ATOM   816  N  NH1 . ARG A 1 101 ? 2.846   -16.826 -6.199  1.00 31.67  ? 101 ARG A NH1 1 
ATOM   817  N  NH2 . ARG A 1 101 ? 4.160   -14.947 -6.098  1.00 30.19  ? 101 ARG A NH2 1 
ATOM   818  N  N   . PHE A 1 102 ? -3.701  -12.380 -7.835  1.00 28.49  ? 102 PHE A N   1 
ATOM   819  C  CA  . PHE A 1 102 ? -3.837  -11.054 -7.248  1.00 26.25  ? 102 PHE A CA  1 
ATOM   820  C  C   . PHE A 1 102 ? -2.892  -10.911 -6.059  1.00 23.61  ? 102 PHE A C   1 
ATOM   821  O  O   . PHE A 1 102 ? -2.459  -11.901 -5.461  1.00 24.89  ? 102 PHE A O   1 
ATOM   822  C  CB  . PHE A 1 102 ? -5.278  -10.797 -6.810  1.00 27.28  ? 102 PHE A CB  1 
ATOM   823  C  CG  . PHE A 1 102 ? -6.216  -10.636 -7.957  1.00 25.63  ? 102 PHE A CG  1 
ATOM   824  C  CD1 . PHE A 1 102 ? -6.316  -9.420  -8.621  1.00 28.38  ? 102 PHE A CD1 1 
ATOM   825  C  CD2 . PHE A 1 102 ? -6.985  -11.699 -8.387  1.00 30.18  ? 102 PHE A CD2 1 
ATOM   826  C  CE1 . PHE A 1 102 ? -7.183  -9.268  -9.692  1.00 30.66  ? 102 PHE A CE1 1 
ATOM   827  C  CE2 . PHE A 1 102 ? -7.853  -11.556 -9.473  1.00 28.72  ? 102 PHE A CE2 1 
ATOM   828  C  CZ  . PHE A 1 102 ? -7.950  -10.339 -10.118 1.00 27.77  ? 102 PHE A CZ  1 
ATOM   829  N  N   . ILE A 1 103 ? -2.574  -9.662  -5.728  1.00 23.81  ? 103 ILE A N   1 
ATOM   830  C  CA  . ILE A 1 103 ? -1.665  -9.335  -4.637  1.00 25.31  ? 103 ILE A CA  1 
ATOM   831  C  C   . ILE A 1 103 ? -2.292  -8.265  -3.757  1.00 26.63  ? 103 ILE A C   1 
ATOM   832  O  O   . ILE A 1 103 ? -2.768  -7.234  -4.260  1.00 24.21  ? 103 ILE A O   1 
ATOM   833  C  CB  . ILE A 1 103 ? -0.300  -8.830  -5.128  1.00 26.66  ? 103 ILE A CB  1 
ATOM   834  C  CG1 . ILE A 1 103 ? 0.384   -9.873  -6.001  1.00 27.58  ? 103 ILE A CG1 1 
ATOM   835  C  CG2 . ILE A 1 103 ? 0.580   -8.440  -3.921  1.00 24.50  ? 103 ILE A CG2 1 
ATOM   836  C  CD1 . ILE A 1 103 ? 1.590   -9.299  -6.757  1.00 32.67  ? 103 ILE A CD1 1 
ATOM   837  N  N   . GLU A 1 104 ? -2.234  -8.496  -2.437  1.00 23.12  ? 104 GLU A N   1 
ATOM   838  C  CA  . GLU A 1 104 ? -2.495  -7.492  -1.418  1.00 24.28  ? 104 GLU A CA  1 
ATOM   839  C  C   . GLU A 1 104 ? -1.155  -6.991  -0.903  1.00 24.12  ? 104 GLU A C   1 
ATOM   840  O  O   . GLU A 1 104 ? -0.354  -7.786  -0.399  1.00 26.85  ? 104 GLU A O   1 
ATOM   841  C  CB  . GLU A 1 104 ? -3.283  -8.088  -0.248  1.00 28.61  ? 104 GLU A CB  1 
ATOM   842  C  CG  . GLU A 1 104 ? -4.696  -8.430  -0.561  1.00 31.86  ? 104 GLU A CG  1 
ATOM   843  C  CD  . GLU A 1 104 ? -5.602  -7.229  -0.410  1.00 41.33  ? 104 GLU A CD  1 
ATOM   844  O  OE1 . GLU A 1 104 ? -5.082  -6.115  -0.150  1.00 38.44  ? 104 GLU A OE1 1 
ATOM   845  O  OE2 . GLU A 1 104 ? -6.833  -7.397  -0.549  1.00 40.17  ? 104 GLU A OE2 1 
ATOM   846  N  N   . ILE A 1 105 ? -0.936  -5.691  -0.990  1.00 23.78  ? 105 ILE A N   1 
ATOM   847  C  CA  . ILE A 1 105 ? 0.262   -5.047  -0.467  1.00 22.74  ? 105 ILE A CA  1 
ATOM   848  C  C   . ILE A 1 105 ? -0.110  -4.400  0.857   1.00 28.89  ? 105 ILE A C   1 
ATOM   849  O  O   . ILE A 1 105 ? -1.034  -3.579  0.922   1.00 27.60  ? 105 ILE A O   1 
ATOM   850  C  CB  . ILE A 1 105 ? 0.813   -3.995  -1.436  1.00 27.03  ? 105 ILE A CB  1 
ATOM   851  C  CG1 . ILE A 1 105 ? 1.196   -4.619  -2.788  1.00 31.18  ? 105 ILE A CG1 1 
ATOM   852  C  CG2 . ILE A 1 105 ? 1.994   -3.255  -0.806  1.00 30.58  ? 105 ILE A CG2 1 
ATOM   853  C  CD1 . ILE A 1 105 ? 2.322   -5.571  -2.697  1.00 33.45  ? 105 ILE A CD1 1 
ATOM   854  N  N   . GLY A 1 106 ? 0.584   -4.768  1.920   1.00 24.35  ? 106 GLY A N   1 
ATOM   855  C  CA  . GLY A 1 106 ? 0.395   -4.142  3.223   1.00 27.23  ? 106 GLY A CA  1 
ATOM   856  C  C   . GLY A 1 106 ? 1.592   -3.281  3.578   1.00 25.28  ? 106 GLY A C   1 
ATOM   857  O  O   . GLY A 1 106 ? 2.733   -3.637  3.283   1.00 28.12  ? 106 GLY A O   1 
ATOM   858  N  N   . VAL A 1 107 ? 1.328   -2.121  4.179   1.00 22.30  ? 107 VAL A N   1 
ATOM   859  C  CA  . VAL A 1 107 ? 2.381   -1.279  4.728   1.00 23.27  ? 107 VAL A CA  1 
ATOM   860  C  C   . VAL A 1 107 ? 1.965   -0.970  6.153   1.00 25.69  ? 107 VAL A C   1 
ATOM   861  O  O   . VAL A 1 107 ? 0.876   -0.422  6.369   1.00 27.54  ? 107 VAL A O   1 
ATOM   862  C  CB  . VAL A 1 107 ? 2.589   0.017   3.929   1.00 24.14  ? 107 VAL A CB  1 
ATOM   863  C  CG1 . VAL A 1 107 ? 3.657   0.893   4.579   1.00 26.02  ? 107 VAL A CG1 1 
ATOM   864  C  CG2 . VAL A 1 107 ? 2.966   -0.298  2.467   1.00 25.15  ? 107 VAL A CG2 1 
ATOM   865  N  N   . THR A 1 108 ? 2.803   -1.332  7.121   1.00 23.11  ? 108 THR A N   1 
ATOM   866  C  CA  . THR A 1 108 ? 2.338   -1.234  8.506   1.00 19.86  ? 108 THR A CA  1 
ATOM   867  C  C   . THR A 1 108 ? 3.406   -0.648  9.412   1.00 28.31  ? 108 THR A C   1 
ATOM   868  O  O   . THR A 1 108 ? 4.610   -0.789  9.176   1.00 24.85  ? 108 THR A O   1 
ATOM   869  C  CB  . THR A 1 108 ? 1.878   -2.595  9.030   1.00 23.57  ? 108 THR A CB  1 
ATOM   870  O  OG1 . THR A 1 108 ? 1.338   -2.442  10.353  1.00 25.31  ? 108 THR A OG1 1 
ATOM   871  C  CG2 . THR A 1 108 ? 3.025   -3.613  9.092   1.00 24.21  ? 108 THR A CG2 1 
ATOM   872  N  N   . ARG A 1 109 ? 2.933   0.039   10.453  1.00 25.07  ? 109 ARG A N   1 
ATOM   873  C  CA  . ARG A 1 109 ? 3.758   0.482   11.562  1.00 28.24  ? 109 ARG A CA  1 
ATOM   874  C  C   . ARG A 1 109 ? 3.718   -0.500  12.724  1.00 27.07  ? 109 ARG A C   1 
ATOM   875  O  O   . ARG A 1 109 ? 4.430   -0.294  13.721  1.00 30.79  ? 109 ARG A O   1 
ATOM   876  C  CB  . ARG A 1 109 ? 3.312   1.871   12.048  1.00 29.03  ? 109 ARG A CB  1 
ATOM   877  C  CG  . ARG A 1 109 ? 3.524   3.001   11.023  1.00 27.34  ? 109 ARG A CG  1 
ATOM   878  C  CD  . ARG A 1 109 ? 2.285   3.184   10.134  1.00 27.15  ? 109 ARG A CD  1 
ATOM   879  N  NE  . ARG A 1 109 ? 1.330   4.093   10.759  1.00 30.28  ? 109 ARG A NE  1 
ATOM   880  C  CZ  . ARG A 1 109 ? 0.064   4.232   10.367  1.00 31.94  ? 109 ARG A CZ  1 
ATOM   881  N  NH1 . ARG A 1 109 ? -0.406  3.527   9.335   1.00 30.89  ? 109 ARG A NH1 1 
ATOM   882  N  NH2 . ARG A 1 109 ? -0.734  5.088   10.995  1.00 26.79  ? 109 ARG A NH2 1 
ATOM   883  N  N   . ARG A 1 110 ? 2.917   -1.560  12.617  1.00 25.20  ? 110 ARG A N   1 
ATOM   884  C  CA  . ARG A 1 110 ? 2.814   -2.610  13.621  1.00 24.29  ? 110 ARG A CA  1 
ATOM   885  C  C   . ARG A 1 110 ? 3.717   -3.790  13.234  1.00 28.39  ? 110 ARG A C   1 
ATOM   886  O  O   . ARG A 1 110 ? 4.426   -3.759  12.223  1.00 28.52  ? 110 ARG A O   1 
ATOM   887  C  CB  . ARG A 1 110 ? 1.358   -3.058  13.792  1.00 28.65  ? 110 ARG A CB  1 
ATOM   888  C  CG  . ARG A 1 110 ? 0.354   -1.918  14.090  1.00 29.37  ? 110 ARG A CG  1 
ATOM   889  C  CD  . ARG A 1 110 ? -1.093  -2.403  13.951  1.00 34.98  ? 110 ARG A CD  1 
ATOM   890  N  NE  . ARG A 1 110 ? -1.321  -3.645  14.698  1.00 32.44  ? 110 ARG A NE  1 
ATOM   891  C  CZ  . ARG A 1 110 ? -2.085  -4.653  14.284  1.00 29.36  ? 110 ARG A CZ  1 
ATOM   892  N  NH1 . ARG A 1 110 ? -2.722  -4.584  13.119  1.00 31.48  ? 110 ARG A NH1 1 
ATOM   893  N  NH2 . ARG A 1 110 ? -2.212  -5.744  15.032  1.00 30.74  ? 110 ARG A NH2 1 
ATOM   894  N  N   . GLU A 1 111 ? 3.686   -4.850  14.039  1.00 28.74  ? 111 GLU A N   1 
ATOM   895  C  CA  . GLU A 1 111 ? 4.562   -5.990  13.783  1.00 27.95  ? 111 GLU A CA  1 
ATOM   896  C  C   . GLU A 1 111 ? 4.113   -6.738  12.530  1.00 30.22  ? 111 GLU A C   1 
ATOM   897  O  O   . GLU A 1 111 ? 2.936   -7.085  12.394  1.00 28.66  ? 111 GLU A O   1 
ATOM   898  C  CB  . GLU A 1 111 ? 4.571   -6.921  14.993  1.00 37.90  ? 111 GLU A CB  1 
ATOM   899  C  CG  . GLU A 1 111 ? 5.827   -7.787  15.091  1.00 39.33  ? 111 GLU A CG  1 
ATOM   900  C  CD  . GLU A 1 111 ? 5.755   -9.009  14.197  1.00 34.18  ? 111 GLU A CD  1 
ATOM   901  O  OE1 . GLU A 1 111 ? 4.650   -9.588  14.084  1.00 31.24  ? 111 GLU A OE1 1 
ATOM   902  O  OE2 . GLU A 1 111 ? 6.786   -9.380  13.593  1.00 38.51  ? 111 GLU A OE2 1 
ATOM   903  N  N   . VAL A 1 112 ? 5.049   -6.998  11.604  1.00 27.42  ? 112 VAL A N   1 
ATOM   904  C  CA  . VAL A 1 112 ? 4.627   -7.434  10.265  1.00 26.84  ? 112 VAL A CA  1 
ATOM   905  C  C   . VAL A 1 112 ? 3.985   -8.818  10.266  1.00 23.88  ? 112 VAL A C   1 
ATOM   906  O  O   . VAL A 1 112 ? 3.130   -9.089  9.417   1.00 28.47  ? 112 VAL A O   1 
ATOM   907  C  CB  . VAL A 1 112 ? 5.784   -7.407  9.240   1.00 31.27  ? 112 VAL A CB  1 
ATOM   908  C  CG1 . VAL A 1 112 ? 6.259   -5.995  9.013   1.00 31.86  ? 112 VAL A CG1 1 
ATOM   909  C  CG2 . VAL A 1 112 ? 6.919   -8.337  9.680   1.00 30.38  ? 112 VAL A CG2 1 
ATOM   910  N  N   . HIS A 1 113 ? 4.387   -9.728  11.166  1.00 26.96  ? 113 HIS A N   1 
ATOM   911  C  CA  . HIS A 1 113 ? 3.777   -11.056 11.163  1.00 28.17  ? 113 HIS A CA  1 
ATOM   912  C  C   . HIS A 1 113 ? 2.341   -11.008 11.652  1.00 25.49  ? 113 HIS A C   1 
ATOM   913  O  O   . HIS A 1 113 ? 1.469   -11.673 11.083  1.00 26.55  ? 113 HIS A O   1 
ATOM   914  C  CB  . HIS A 1 113 ? 4.582   -12.038 12.014  1.00 28.03  ? 113 HIS A CB  1 
ATOM   915  C  CG  . HIS A 1 113 ? 5.957   -12.286 11.481  1.00 37.71  ? 113 HIS A CG  1 
ATOM   916  N  ND1 . HIS A 1 113 ? 7.062   -11.608 11.946  1.00 41.63  ? 113 HIS A ND1 1 
ATOM   917  C  CD2 . HIS A 1 113 ? 6.400   -13.104 10.495  1.00 44.24  ? 113 HIS A CD2 1 
ATOM   918  C  CE1 . HIS A 1 113 ? 8.130   -12.006 11.276  1.00 44.84  ? 113 HIS A CE1 1 
ATOM   919  N  NE2 . HIS A 1 113 ? 7.756   -12.912 10.391  1.00 42.65  ? 113 HIS A NE2 1 
ATOM   920  N  N   . ILE A 1 114 ? 2.073   -10.222 12.698  1.00 27.05  ? 114 ILE A N   1 
ATOM   921  C  CA  . ILE A 1 114 ? 0.694   -10.057 13.154  1.00 28.64  ? 114 ILE A CA  1 
ATOM   922  C  C   . ILE A 1 114 ? -0.153  -9.424  12.054  1.00 25.63  ? 114 ILE A C   1 
ATOM   923  O  O   . ILE A 1 114 ? -1.260  -9.893  11.753  1.00 28.22  ? 114 ILE A O   1 
ATOM   924  C  CB  . ILE A 1 114 ? 0.652   -9.229  14.453  1.00 28.07  ? 114 ILE A CB  1 
ATOM   925  C  CG1 . ILE A 1 114 ? 1.404   -9.931  15.583  1.00 32.14  ? 114 ILE A CG1 1 
ATOM   926  C  CG2 . ILE A 1 114 ? -0.802  -8.974  14.895  1.00 26.79  ? 114 ILE A CG2 1 
ATOM   927  C  CD1 . ILE A 1 114 ? 1.084   -11.372 15.708  1.00 33.15  ? 114 ILE A CD1 1 
ATOM   928  N  N   . TYR A 1 115 ? 0.367   -8.361  11.429  1.00 26.56  ? 115 TYR A N   1 
ATOM   929  C  CA  . TYR A 1 115 ? -0.380  -7.692  10.365  1.00 24.96  ? 115 TYR A CA  1 
ATOM   930  C  C   . TYR A 1 115 ? -0.645  -8.660  9.214   1.00 23.42  ? 115 TYR A C   1 
ATOM   931  O  O   . TYR A 1 115 ? -1.755  -8.692  8.652   1.00 27.17  ? 115 TYR A O   1 
ATOM   932  C  CB  . TYR A 1 115 ? 0.385   -6.445  9.888   1.00 24.55  ? 115 TYR A CB  1 
ATOM   933  C  CG  . TYR A 1 115 ? -0.409  -5.571  8.939   1.00 28.30  ? 115 TYR A CG  1 
ATOM   934  C  CD1 . TYR A 1 115 ? -0.403  -5.826  7.573   1.00 30.08  ? 115 TYR A CD1 1 
ATOM   935  C  CD2 . TYR A 1 115 ? -1.160  -4.490  9.405   1.00 28.25  ? 115 TYR A CD2 1 
ATOM   936  C  CE1 . TYR A 1 115 ? -1.142  -5.043  6.691   1.00 29.04  ? 115 TYR A CE1 1 
ATOM   937  C  CE2 . TYR A 1 115 ? -1.896  -3.699  8.528   1.00 30.55  ? 115 TYR A CE2 1 
ATOM   938  C  CZ  . TYR A 1 115 ? -1.880  -3.985  7.175   1.00 34.14  ? 115 TYR A CZ  1 
ATOM   939  O  OH  . TYR A 1 115 ? -2.612  -3.210  6.293   1.00 34.88  ? 115 TYR A OH  1 
ATOM   940  N  N   . TYR A 1 116 ? 0.365   -9.474  8.869   1.00 26.61  ? 116 TYR A N   1 
ATOM   941  C  CA  . TYR A 1 116 ? 0.200   -10.493 7.843   1.00 26.64  ? 116 TYR A CA  1 
ATOM   942  C  C   . TYR A 1 116 ? -0.929  -11.442 8.202   1.00 29.30  ? 116 TYR A C   1 
ATOM   943  O  O   . TYR A 1 116 ? -1.789  -11.761 7.369   1.00 28.95  ? 116 TYR A O   1 
ATOM   944  C  CB  . TYR A 1 116 ? 1.508   -11.275 7.644   1.00 26.88  ? 116 TYR A CB  1 
ATOM   945  C  CG  . TYR A 1 116 ? 1.326   -12.463 6.727   1.00 27.91  ? 116 TYR A CG  1 
ATOM   946  C  CD1 . TYR A 1 116 ? 1.453   -12.328 5.347   1.00 29.74  ? 116 TYR A CD1 1 
ATOM   947  C  CD2 . TYR A 1 116 ? 1.013   -13.718 7.234   1.00 36.67  ? 116 TYR A CD2 1 
ATOM   948  C  CE1 . TYR A 1 116 ? 1.262   -13.413 4.507   1.00 27.76  ? 116 TYR A CE1 1 
ATOM   949  C  CE2 . TYR A 1 116 ? 0.827   -14.803 6.403   1.00 41.15  ? 116 TYR A CE2 1 
ATOM   950  C  CZ  . TYR A 1 116 ? 0.953   -14.648 5.042   1.00 40.66  ? 116 TYR A CZ  1 
ATOM   951  O  OH  . TYR A 1 116 ? 0.767   -15.733 4.221   1.00 48.32  ? 116 TYR A OH  1 
ATOM   952  N  N   . LEU A 1 117 ? -0.931  -11.925 9.448   1.00 28.31  ? 117 LEU A N   1 
ATOM   953  C  CA  . LEU A 1 117 ? -1.945  -12.890 9.849   1.00 28.74  ? 117 LEU A CA  1 
ATOM   954  C  C   . LEU A 1 117 ? -3.334  -12.266 9.821   1.00 29.52  ? 117 LEU A C   1 
ATOM   955  O  O   . LEU A 1 117 ? -4.308  -12.917 9.405   1.00 30.59  ? 117 LEU A O   1 
ATOM   956  C  CB  . LEU A 1 117 ? -1.621  -13.442 11.240  1.00 30.79  ? 117 LEU A CB  1 
ATOM   957  C  CG  . LEU A 1 117 ? -0.361  -14.311 11.302  1.00 34.78  ? 117 LEU A CG  1 
ATOM   958  C  CD1 . LEU A 1 117 ? 0.107   -14.511 12.746  1.00 45.05  ? 117 LEU A CD1 1 
ATOM   959  C  CD2 . LEU A 1 117 ? -0.558  -15.646 10.592  1.00 34.83  ? 117 LEU A CD2 1 
ATOM   960  N  N   . GLU A 1 118 ? -3.433  -10.998 10.219  1.00 27.44  ? 118 GLU A N   1 
ATOM   961  C  CA  . GLU A 1 118 ? -4.705  -10.281 10.164  1.00 25.63  ? 118 GLU A CA  1 
ATOM   962  C  C   . GLU A 1 118 ? -5.202  -10.151 8.727   1.00 36.49  ? 118 GLU A C   1 
ATOM   963  O  O   . GLU A 1 118 ? -6.382  -10.383 8.445   1.00 36.73  ? 118 GLU A O   1 
ATOM   964  C  CB  . GLU A 1 118 ? -4.569  -8.912  10.815  1.00 32.08  ? 118 GLU A CB  1 
ATOM   965  C  CG  . GLU A 1 118 ? -4.352  -9.023  12.335  1.00 32.03  ? 118 GLU A CG  1 
ATOM   966  C  CD  . GLU A 1 118 ? -4.292  -7.689  13.030  1.00 35.32  ? 118 GLU A CD  1 
ATOM   967  O  OE1 . GLU A 1 118 ? -4.187  -6.648  12.345  1.00 36.76  ? 118 GLU A OE1 1 
ATOM   968  O  OE2 . GLU A 1 118 ? -4.337  -7.680  14.279  1.00 32.48  ? 118 GLU A OE2 1 
ATOM   969  N  N   . LYS A 1 119 ? -4.306  -9.818  7.800   1.00 32.66  ? 119 LYS A N   1 
ATOM   970  C  CA  . LYS A 1 119 ? -4.733  -9.640  6.412   1.00 33.17  ? 119 LYS A CA  1 
ATOM   971  C  C   . LYS A 1 119 ? -5.169  -10.970 5.799   1.00 37.70  ? 119 LYS A C   1 
ATOM   972  O  O   . LYS A 1 119 ? -6.181  -11.032 5.075   1.00 38.51  ? 119 LYS A O   1 
ATOM   973  C  CB  . LYS A 1 119 ? -3.604  -8.988  5.612   1.00 29.27  ? 119 LYS A CB  1 
ATOM   974  C  CG  . LYS A 1 119 ? -3.954  -8.697  4.146   1.00 35.15  ? 119 LYS A CG  1 
ATOM   975  C  CD  . LYS A 1 119 ? -4.710  -7.388  3.989   1.00 39.37  ? 119 LYS A CD  1 
ATOM   976  C  CE  . LYS A 1 119 ? -3.815  -6.193  4.295   1.00 43.82  ? 119 LYS A CE  1 
ATOM   977  N  NZ  . LYS A 1 119 ? -4.543  -4.911  4.052   1.00 52.37  ? 119 LYS A NZ  1 
ATOM   978  N  N   . ALA A 1 120 ? -4.433  -12.048 6.099   1.00 26.91  ? 120 ALA A N   1 
ATOM   979  C  CA  . ALA A 1 120 ? -4.791  -13.371 5.598   1.00 31.64  ? 120 ALA A CA  1 
ATOM   980  C  C   . ALA A 1 120 ? -6.124  -13.831 6.163   1.00 48.03  ? 120 ALA A C   1 
ATOM   981  O  O   . ALA A 1 120 ? -6.899  -14.511 5.479   1.00 40.74  ? 120 ALA A O   1 
ATOM   982  C  CB  . ALA A 1 120 ? -3.704  -14.386 5.939   1.00 33.80  ? 120 ALA A CB  1 
ATOM   983  N  N   . ASN A 1 121 ? -6.399  -13.490 7.420   1.00 37.63  ? 121 ASN A N   1 
ATOM   984  C  CA  . ASN A 1 121 ? -7.699  -13.815 7.985   1.00 38.39  ? 121 ASN A CA  1 
ATOM   985  C  C   . ASN A 1 121 ? -8.809  -12.995 7.330   1.00 43.55  ? 121 ASN A C   1 
ATOM   986  O  O   . ASN A 1 121 ? -9.932  -13.490 7.167   1.00 49.84  ? 121 ASN A O   1 
ATOM   987  C  CB  . ASN A 1 121 ? -7.646  -13.595 9.501   1.00 35.26  ? 121 ASN A CB  1 
ATOM   988  C  CG  . ASN A 1 121 ? -8.798  -14.257 10.242  1.00 41.53  ? 121 ASN A CG  1 
ATOM   989  O  OD1 . ASN A 1 121 ? -9.051  -15.450 10.092  1.00 45.76  ? 121 ASN A OD1 1 
ATOM   990  N  ND2 . ASN A 1 121 ? -9.491  -13.477 11.053  1.00 43.67  ? 121 ASN A ND2 1 
ATOM   991  N  N   . LYS A 1 122 ? -8.519  -11.749 6.944   1.00 38.11  ? 122 LYS A N   1 
ATOM   992  C  CA  . LYS A 1 122 ? -9.552  -10.901 6.353   1.00 39.38  ? 122 LYS A CA  1 
ATOM   993  C  C   . LYS A 1 122 ? -9.928  -11.375 4.956   1.00 55.32  ? 122 LYS A C   1 
ATOM   994  O  O   . LYS A 1 122 ? -11.114 -11.548 4.649   1.00 48.47  ? 122 LYS A O   1 
ATOM   995  C  CB  . LYS A 1 122 ? -9.093  -9.446  6.311   1.00 43.16  ? 122 LYS A CB  1 
ATOM   996  C  CG  . LYS A 1 122 ? -9.972  -8.541  5.440   1.00 43.51  ? 122 LYS A CG  1 
ATOM   997  C  CD  . LYS A 1 122 ? -9.362  -7.157  5.304   1.00 50.06  ? 122 LYS A CD  1 
ATOM   998  C  CE  . LYS A 1 122 ? -10.043 -6.350  4.210   1.00 58.34  ? 122 LYS A CE  1 
ATOM   999  N  NZ  . LYS A 1 122 ? -9.314  -5.077  3.944   1.00 66.60  ? 122 LYS A NZ  1 
ATOM   1000 N  N   . ILE A 1 123 ? -8.933  -11.576 4.088   1.00 43.74  ? 123 ILE A N   1 
ATOM   1001 C  CA  . ILE A 1 123 ? -9.276  -11.828 2.689   1.00 43.03  ? 123 ILE A CA  1 
ATOM   1002 C  C   . ILE A 1 123 ? -9.715  -13.272 2.470   1.00 49.93  ? 123 ILE A C   1 
ATOM   1003 O  O   . ILE A 1 123 ? -10.452 -13.552 1.514   1.00 51.86  ? 123 ILE A O   1 
ATOM   1004 C  CB  . ILE A 1 123 ? -8.111  -11.447 1.758   1.00 41.08  ? 123 ILE A CB  1 
ATOM   1005 C  CG1 . ILE A 1 123 ? -6.932  -12.409 1.932   1.00 39.76  ? 123 ILE A CG1 1 
ATOM   1006 C  CG2 . ILE A 1 123 ? -7.712  -9.988  1.977   1.00 43.51  ? 123 ILE A CG2 1 
ATOM   1007 C  CD1 . ILE A 1 123 ? -5.826  -12.175 0.927   1.00 36.57  ? 123 ILE A CD1 1 
ATOM   1008 N  N   . LYS A 1 124 ? -9.276  -14.199 3.329   1.00 45.58  ? 124 LYS A N   1 
ATOM   1009 C  CA  . LYS A 1 124 ? -9.747  -15.584 3.329   1.00 50.99  ? 124 LYS A CA  1 
ATOM   1010 C  C   . LYS A 1 124 ? -9.672  -16.207 1.934   1.00 59.33  ? 124 LYS A C   1 
ATOM   1011 O  O   . LYS A 1 124 ? -10.652 -16.741 1.406   1.00 55.72  ? 124 LYS A O   1 
ATOM   1012 C  CB  . LYS A 1 124 ? -11.173 -15.672 3.884   1.00 52.89  ? 124 LYS A CB  1 
ATOM   1013 C  CG  . LYS A 1 124 ? -11.256 -15.783 5.397   1.00 60.75  ? 124 LYS A CG  1 
ATOM   1014 C  CD  . LYS A 1 124 ? -12.690 -15.635 5.891   1.00 54.70  ? 124 LYS A CD  1 
ATOM   1015 C  CE  . LYS A 1 124 ? -12.814 -16.021 7.356   1.00 63.43  ? 124 LYS A CE  1 
ATOM   1016 N  NZ  . LYS A 1 124 ? -11.984 -15.163 8.250   1.00 54.68  ? 124 LYS A NZ  1 
ATOM   1017 N  N   . SER A 1 125 ? -8.491  -16.133 1.327   1.00 46.24  ? 125 SER A N   1 
ATOM   1018 C  CA  . SER A 1 125 ? -8.299  -16.655 -0.018  1.00 53.65  ? 125 SER A CA  1 
ATOM   1019 C  C   . SER A 1 125 ? -7.063  -17.535 -0.063  1.00 49.19  ? 125 SER A C   1 
ATOM   1020 O  O   . SER A 1 125 ? -6.044  -17.229 0.563   1.00 48.56  ? 125 SER A O   1 
ATOM   1021 C  CB  . SER A 1 125 ? -8.159  -15.534 -1.050  1.00 50.15  ? 125 SER A CB  1 
ATOM   1022 O  OG  . SER A 1 125 ? -7.540  -16.027 -2.228  1.00 38.84  ? 125 SER A OG  1 
ATOM   1023 N  N   . GLU A 1 126 ? -7.154  -18.622 -0.816  1.00 50.59  ? 126 GLU A N   1 
ATOM   1024 C  CA  . GLU A 1 126 ? -6.020  -19.515 -0.981  1.00 48.63  ? 126 GLU A CA  1 
ATOM   1025 C  C   . GLU A 1 126 ? -5.168  -19.159 -2.189  1.00 49.73  ? 126 GLU A C   1 
ATOM   1026 O  O   . GLU A 1 126 ? -4.137  -19.800 -2.413  1.00 46.65  ? 126 GLU A O   1 
ATOM   1027 C  CB  . GLU A 1 126 ? -6.503  -20.966 -1.089  1.00 58.80  ? 126 GLU A CB  1 
ATOM   1028 C  CG  . GLU A 1 126 ? -6.854  -21.592 0.255   1.00 70.94  ? 126 GLU A CG  1 
ATOM   1029 C  CD  . GLU A 1 126 ? -5.908  -21.161 1.371   1.00 80.72  ? 126 GLU A CD  1 
ATOM   1030 O  OE1 . GLU A 1 126 ? -6.369  -20.485 2.320   1.00 79.38  ? 126 GLU A OE1 1 
ATOM   1031 O  OE2 . GLU A 1 126 ? -4.704  -21.498 1.298   1.00 78.98  ? 126 GLU A OE2 1 
ATOM   1032 N  N   . LYS A 1 127 ? -5.573  -18.164 -2.971  1.00 39.87  ? 127 LYS A N   1 
ATOM   1033 C  CA  . LYS A 1 127 ? -4.854  -17.782 -4.179  1.00 38.73  ? 127 LYS A CA  1 
ATOM   1034 C  C   . LYS A 1 127 ? -4.172  -16.432 -4.068  1.00 32.64  ? 127 LYS A C   1 
ATOM   1035 O  O   . LYS A 1 127 ? -3.033  -16.297 -4.515  1.00 35.80  ? 127 LYS A O   1 
ATOM   1036 C  CB  . LYS A 1 127 ? -5.799  -17.766 -5.385  1.00 46.47  ? 127 LYS A CB  1 
ATOM   1037 C  CG  . LYS A 1 127 ? -5.791  -19.056 -6.185  1.00 56.59  ? 127 LYS A CG  1 
ATOM   1038 C  CD  . LYS A 1 127 ? -6.600  -20.137 -5.493  1.00 58.67  ? 127 LYS A CD  1 
ATOM   1039 C  CE  . LYS A 1 127 ? -6.504  -21.469 -6.229  1.00 71.37  ? 127 LYS A CE  1 
ATOM   1040 N  NZ  . LYS A 1 127 ? -5.232  -22.188 -5.932  1.00 77.65  ? 127 LYS A NZ  1 
ATOM   1041 N  N   . THR A 1 128 ? -4.839  -15.443 -3.462  1.00 30.04  ? 128 THR A N   1 
ATOM   1042 C  CA  . THR A 1 128 ? -4.304  -14.084 -3.393  1.00 30.76  ? 128 THR A CA  1 
ATOM   1043 C  C   . THR A 1 128 ? -3.030  -14.048 -2.556  1.00 29.58  ? 128 THR A C   1 
ATOM   1044 O  O   . THR A 1 128 ? -2.991  -14.549 -1.426  1.00 32.82  ? 128 THR A O   1 
ATOM   1045 C  CB  . THR A 1 128 ? -5.355  -13.133 -2.812  1.00 31.78  ? 128 THR A CB  1 
ATOM   1046 O  OG1 . THR A 1 128 ? -6.489  -13.057 -3.700  1.00 33.43  ? 128 THR A OG1 1 
ATOM   1047 C  CG2 . THR A 1 128 ? -4.782  -11.728 -2.592  1.00 26.50  ? 128 THR A CG2 1 
ATOM   1048 N  N   . HIS A 1 129 ? -1.976  -13.460 -3.120  1.00 25.31  ? 129 HIS A N   1 
ATOM   1049 C  CA  . HIS A 1 129 ? -0.698  -13.336 -2.449  1.00 25.54  ? 129 HIS A CA  1 
ATOM   1050 C  C   . HIS A 1 129 ? -0.680  -12.089 -1.577  1.00 23.93  ? 129 HIS A C   1 
ATOM   1051 O  O   . HIS A 1 129 ? -1.186  -11.036 -1.972  1.00 27.52  ? 129 HIS A O   1 
ATOM   1052 C  CB  . HIS A 1 129 ? 0.432   -13.253 -3.482  1.00 24.80  ? 129 HIS A CB  1 
ATOM   1053 C  CG  . HIS A 1 129 ? 1.701   -13.926 -3.063  1.00 24.81  ? 129 HIS A CG  1 
ATOM   1054 N  ND1 . HIS A 1 129 ? 1.854   -15.293 -3.081  1.00 28.64  ? 129 HIS A ND1 1 
ATOM   1055 C  CD2 . HIS A 1 129 ? 2.886   -13.419 -2.648  1.00 24.39  ? 129 HIS A CD2 1 
ATOM   1056 C  CE1 . HIS A 1 129 ? 3.077   -15.604 -2.691  1.00 26.45  ? 129 HIS A CE1 1 
ATOM   1057 N  NE2 . HIS A 1 129 ? 3.724   -14.484 -2.419  1.00 25.08  ? 129 HIS A NE2 1 
ATOM   1058 N  N   . ILE A 1 130 ? -0.075  -12.202 -0.390  1.00 23.16  ? 130 ILE A N   1 
ATOM   1059 C  CA  . ILE A 1 130 ? 0.058   -11.082 0.528   1.00 25.57  ? 130 ILE A CA  1 
ATOM   1060 C  C   . ILE A 1 130 ? 1.526   -10.730 0.694   1.00 22.31  ? 130 ILE A C   1 
ATOM   1061 O  O   . ILE A 1 130 ? 2.364   -11.613 0.900   1.00 25.63  ? 130 ILE A O   1 
ATOM   1062 C  CB  . ILE A 1 130 ? -0.569  -11.418 1.892   1.00 22.06  ? 130 ILE A CB  1 
ATOM   1063 C  CG1 . ILE A 1 130 ? -2.053  -11.717 1.688   1.00 24.11  ? 130 ILE A CG1 1 
ATOM   1064 C  CG2 . ILE A 1 130 ? -0.335  -10.279 2.904   1.00 24.32  ? 130 ILE A CG2 1 
ATOM   1065 C  CD1 . ILE A 1 130 ? -2.685  -12.318 2.941   1.00 29.22  ? 130 ILE A CD1 1 
ATOM   1066 N  N   . HIS A 1 131 ? 1.833   -9.439  0.627   1.00 20.13  ? 131 HIS A N   1 
ATOM   1067 C  CA  . HIS A 1 131 ? 3.184   -8.940  0.839   1.00 22.47  ? 131 HIS A CA  1 
ATOM   1068 C  C   . HIS A 1 131 ? 3.126   -7.724  1.756   1.00 24.02  ? 131 HIS A C   1 
ATOM   1069 O  O   . HIS A 1 131 ? 2.583   -6.681  1.381   1.00 23.22  ? 131 HIS A O   1 
ATOM   1070 C  CB  . HIS A 1 131 ? 3.854   -8.612  -0.505  1.00 20.83  ? 131 HIS A CB  1 
ATOM   1071 C  CG  . HIS A 1 131 ? 5.341   -8.477  -0.400  1.00 21.40  ? 131 HIS A CG  1 
ATOM   1072 N  ND1 . HIS A 1 131 ? 6.203   -8.933  -1.382  1.00 23.35  ? 131 HIS A ND1 1 
ATOM   1073 C  CD2 . HIS A 1 131 ? 6.121   -7.964  0.586   1.00 24.15  ? 131 HIS A CD2 1 
ATOM   1074 C  CE1 . HIS A 1 131 ? 7.445   -8.686  -1.013  1.00 22.44  ? 131 HIS A CE1 1 
ATOM   1075 N  NE2 . HIS A 1 131 ? 7.430   -8.114  0.182   1.00 25.52  ? 131 HIS A NE2 1 
ATOM   1076 N  N   . ILE A 1 132 ? 3.689   -7.864  2.955   1.00 22.08  ? 132 ILE A N   1 
ATOM   1077 C  CA  . ILE A 1 132 ? 3.661   -6.840  3.989   1.00 23.37  ? 132 ILE A CA  1 
ATOM   1078 C  C   . ILE A 1 132 ? 5.034   -6.203  4.084   1.00 22.08  ? 132 ILE A C   1 
ATOM   1079 O  O   . ILE A 1 132 ? 6.043   -6.909  4.220   1.00 24.99  ? 132 ILE A O   1 
ATOM   1080 C  CB  . ILE A 1 132 ? 3.276   -7.430  5.356   1.00 22.38  ? 132 ILE A CB  1 
ATOM   1081 C  CG1 . ILE A 1 132 ? 1.977   -8.236  5.260   1.00 22.87  ? 132 ILE A CG1 1 
ATOM   1082 C  CG2 . ILE A 1 132 ? 3.221   -6.290  6.387   1.00 27.08  ? 132 ILE A CG2 1 
ATOM   1083 C  CD1 . ILE A 1 132 ? 0.770   -7.432  4.659   1.00 21.08  ? 132 ILE A CD1 1 
ATOM   1084 N  N   . PHE A 1 133 ? 5.059   -4.871  4.063   1.00 21.41  ? 133 PHE A N   1 
ATOM   1085 C  CA  . PHE A 1 133 ? 6.238   -4.067  4.355   1.00 21.70  ? 133 PHE A CA  1 
ATOM   1086 C  C   . PHE A 1 133 ? 6.043   -3.280  5.649   1.00 22.95  ? 133 PHE A C   1 
ATOM   1087 O  O   . PHE A 1 133 ? 4.927   -2.869  5.976   1.00 24.32  ? 133 PHE A O   1 
ATOM   1088 C  CB  . PHE A 1 133 ? 6.516   -3.072  3.222   1.00 21.11  ? 133 PHE A CB  1 
ATOM   1089 C  CG  . PHE A 1 133 ? 6.852   -3.708  1.902   1.00 22.31  ? 133 PHE A CG  1 
ATOM   1090 C  CD1 . PHE A 1 133 ? 8.182   -3.982  1.573   1.00 24.14  ? 133 PHE A CD1 1 
ATOM   1091 C  CD2 . PHE A 1 133 ? 5.861   -3.964  0.965   1.00 21.01  ? 133 PHE A CD2 1 
ATOM   1092 C  CE1 . PHE A 1 133 ? 8.501   -4.545  0.337   1.00 25.73  ? 133 PHE A CE1 1 
ATOM   1093 C  CE2 . PHE A 1 133 ? 6.169   -4.530  -0.275  1.00 27.42  ? 133 PHE A CE2 1 
ATOM   1094 C  CZ  . PHE A 1 133 ? 7.497   -4.814  -0.583  1.00 25.77  ? 133 PHE A CZ  1 
ATOM   1095 N  N   . SER A 1 134 ? 7.134   -3.044  6.377   1.00 27.49  ? 134 SER A N   1 
ATOM   1096 C  CA  . SER A 1 134 ? 7.164   -2.130  7.529   1.00 27.21  ? 134 SER A CA  1 
ATOM   1097 C  C   . SER A 1 134 ? 8.016   -0.906  7.193   1.00 29.36  ? 134 SER A C   1 
ATOM   1098 O  O   . SER A 1 134 ? 8.553   -0.772  6.085   1.00 35.92  ? 134 SER A O   1 
ATOM   1099 C  CB  . SER A 1 134 ? 7.700   -2.845  8.764   1.00 34.34  ? 134 SER A CB  1 
ATOM   1100 O  OG  . SER A 1 134 ? 9.105   -2.948  8.657   1.00 35.10  ? 134 SER A OG  1 
ATOM   1101 N  N   . PHE A 1 135 ? 8.115   0.037   8.138   1.00 25.98  ? 135 PHE A N   1 
ATOM   1102 C  CA  . PHE A 1 135 ? 8.938   1.209   7.877   1.00 25.96  ? 135 PHE A CA  1 
ATOM   1103 C  C   . PHE A 1 135 ? 10.371  1.016   8.335   1.00 35.87  ? 135 PHE A C   1 
ATOM   1104 O  O   . PHE A 1 135 ? 11.204  1.903   8.116   1.00 40.04  ? 135 PHE A O   1 
ATOM   1105 C  CB  . PHE A 1 135 ? 8.365   2.462   8.547   1.00 29.01  ? 135 PHE A CB  1 
ATOM   1106 C  CG  . PHE A 1 135 ? 7.126   2.987   7.892   1.00 26.35  ? 135 PHE A CG  1 
ATOM   1107 C  CD1 . PHE A 1 135 ? 5.906   2.387   8.143   1.00 26.89  ? 135 PHE A CD1 1 
ATOM   1108 C  CD2 . PHE A 1 135 ? 7.178   4.079   7.025   1.00 25.54  ? 135 PHE A CD2 1 
ATOM   1109 C  CE1 . PHE A 1 135 ? 4.751   2.864   7.547   1.00 27.78  ? 135 PHE A CE1 1 
ATOM   1110 C  CE2 . PHE A 1 135 ? 6.016   4.561   6.432   1.00 26.93  ? 135 PHE A CE2 1 
ATOM   1111 C  CZ  . PHE A 1 135 ? 4.797   3.938   6.704   1.00 24.52  ? 135 PHE A CZ  1 
ATOM   1112 N  N   . THR A 1 136 ? 10.673  -0.127  8.944   1.00 33.02  ? 136 THR A N   1 
ATOM   1113 C  CA  . THR A 1 136 ? 11.996  -0.395  9.487   1.00 34.75  ? 136 THR A CA  1 
ATOM   1114 C  C   . THR A 1 136 ? 12.661  -1.604  8.819   1.00 38.10  ? 136 THR A C   1 
ATOM   1115 O  O   . THR A 1 136 ? 13.635  -2.148  9.347   1.00 35.99  ? 136 THR A O   1 
ATOM   1116 C  CB  . THR A 1 136 ? 11.902  -0.567  11.005  1.00 37.68  ? 136 THR A CB  1 
ATOM   1117 O  OG1 . THR A 1 136 ? 10.832  -1.461  11.330  1.00 39.35  ? 136 THR A OG1 1 
ATOM   1118 C  CG2 . THR A 1 136 ? 11.627  0.791   11.672  1.00 41.63  ? 136 THR A CG2 1 
ATOM   1119 N  N   . GLY A 1 137 ? 12.185  -2.018  7.645   1.00 30.86  ? 137 GLY A N   1 
ATOM   1120 C  CA  . GLY A 1 137 ? 12.875  -3.006  6.841   1.00 33.00  ? 137 GLY A CA  1 
ATOM   1121 C  C   . GLY A 1 137 ? 12.318  -4.408  6.930   1.00 27.97  ? 137 GLY A C   1 
ATOM   1122 O  O   . GLY A 1 137 ? 12.659  -5.255  6.095   1.00 29.80  ? 137 GLY A O   1 
ATOM   1123 N  N   . GLU A 1 138 ? 11.490  -4.693  7.931   1.00 26.03  ? 138 GLU A N   1 
ATOM   1124 C  CA  . GLU A 1 138 ? 10.915  -6.018  8.028   1.00 28.05  ? 138 GLU A CA  1 
ATOM   1125 C  C   . GLU A 1 138 ? 9.868   -6.215  6.946   1.00 27.21  ? 138 GLU A C   1 
ATOM   1126 O  O   . GLU A 1 138 ? 9.207   -5.267  6.505   1.00 27.90  ? 138 GLU A O   1 
ATOM   1127 C  CB  . GLU A 1 138 ? 10.273  -6.225  9.403   1.00 27.81  ? 138 GLU A CB  1 
ATOM   1128 C  CG  . GLU A 1 138 ? 11.278  -6.148  10.550  1.00 29.92  ? 138 GLU A CG  1 
ATOM   1129 C  CD  . GLU A 1 138 ? 11.457  -4.747  11.134  1.00 41.16  ? 138 GLU A CD  1 
ATOM   1130 O  OE1 . GLU A 1 138 ? 10.905  -3.756  10.593  1.00 38.94  ? 138 GLU A OE1 1 
ATOM   1131 O  OE2 . GLU A 1 138 ? 12.174  -4.639  12.155  1.00 44.58  ? 138 GLU A OE2 1 
ATOM   1132 N  N   . GLU A 1 139 ? 9.708   -7.464  6.524   1.00 25.12  ? 139 GLU A N   1 
ATOM   1133 C  CA  . GLU A 1 139 ? 8.660   -7.781  5.569   1.00 26.12  ? 139 GLU A CA  1 
ATOM   1134 C  C   . GLU A 1 139 ? 8.203   -9.212  5.799   1.00 24.77  ? 139 GLU A C   1 
ATOM   1135 O  O   . GLU A 1 139 ? 8.864   -10.000 6.487   1.00 27.39  ? 139 GLU A O   1 
ATOM   1136 C  CB  . GLU A 1 139 ? 9.131   -7.550  4.121   1.00 33.60  ? 139 GLU A CB  1 
ATOM   1137 C  CG  . GLU A 1 139 ? 10.153  -8.524  3.639   1.00 42.01  ? 139 GLU A CG  1 
ATOM   1138 C  CD  . GLU A 1 139 ? 10.797  -8.131  2.300   1.00 37.23  ? 139 GLU A CD  1 
ATOM   1139 O  OE1 . GLU A 1 139 ? 12.028  -8.296  2.206   1.00 30.04  ? 139 GLU A OE1 1 
ATOM   1140 O  OE2 . GLU A 1 139 ? 10.102  -7.688  1.349   1.00 27.52  ? 139 GLU A OE2 1 
ATOM   1141 N  N   . MET A 1 140 ? 7.057   -9.542  5.215   1.00 22.55  ? 140 MET A N   1 
ATOM   1142 C  CA  . MET A 1 140 ? 6.523   -10.889 5.326   1.00 22.51  ? 140 MET A CA  1 
ATOM   1143 C  C   . MET A 1 140 ? 5.649   -11.155 4.111   1.00 25.51  ? 140 MET A C   1 
ATOM   1144 O  O   . MET A 1 140 ? 4.870   -10.289 3.723   1.00 26.39  ? 140 MET A O   1 
ATOM   1145 C  CB  . MET A 1 140 ? 5.710   -11.057 6.626   1.00 25.36  ? 140 MET A CB  1 
ATOM   1146 C  CG  . MET A 1 140 ? 4.996   -12.374 6.761   1.00 28.38  ? 140 MET A CG  1 
ATOM   1147 S  SD  . MET A 1 140 ? 6.149   -13.755 6.769   1.00 32.87  ? 140 MET A SD  1 
ATOM   1148 C  CE  . MET A 1 140 ? 5.024   -15.110 6.421   1.00 37.05  ? 140 MET A CE  1 
ATOM   1149 N  N   . ALA A 1 141 ? 5.767   -12.348 3.520   1.00 24.18  ? 141 ALA A N   1 
ATOM   1150 C  CA  . ALA A 1 141 ? 4.996   -12.650 2.324   1.00 23.82  ? 141 ALA A CA  1 
ATOM   1151 C  C   . ALA A 1 141 ? 4.508   -14.091 2.323   1.00 24.95  ? 141 ALA A C   1 
ATOM   1152 O  O   . ALA A 1 141 ? 5.141   -14.993 2.883   1.00 28.96  ? 141 ALA A O   1 
ATOM   1153 C  CB  . ALA A 1 141 ? 5.807   -12.378 1.049   1.00 24.73  ? 141 ALA A CB  1 
ATOM   1154 N  N   . THR A 1 142 ? 3.371   -14.288 1.659   1.00 25.68  ? 142 THR A N   1 
ATOM   1155 C  CA  . THR A 1 142 ? 2.767   -15.605 1.502   1.00 25.15  ? 142 THR A CA  1 
ATOM   1156 C  C   . THR A 1 142 ? 3.775   -16.643 1.020   1.00 28.43  ? 142 THR A C   1 
ATOM   1157 O  O   . THR A 1 142 ? 4.493   -16.428 0.039   1.00 27.21  ? 142 THR A O   1 
ATOM   1158 C  CB  . THR A 1 142 ? 1.614   -15.510 0.508   1.00 27.14  ? 142 THR A CB  1 
ATOM   1159 O  OG1 . THR A 1 142 ? 0.636   -14.590 1.005   1.00 24.00  ? 142 THR A OG1 1 
ATOM   1160 C  CG2 . THR A 1 142 ? 0.974   -16.883 0.258   1.00 28.81  ? 142 THR A CG2 1 
ATOM   1161 N  N   . LYS A 1 143 ? 3.824   -17.772 1.738   1.00 28.65  ? 143 LYS A N   1 
ATOM   1162 C  CA  . LYS A 1 143 ? 4.671   -18.924 1.381   1.00 30.01  ? 143 LYS A CA  1 
ATOM   1163 C  C   . LYS A 1 143 ? 6.143   -18.542 1.209   1.00 30.46  ? 143 LYS A C   1 
ATOM   1164 O  O   . LYS A 1 143 ? 6.873   -19.187 0.447   1.00 32.38  ? 143 LYS A O   1 
ATOM   1165 C  CB  . LYS A 1 143 ? 4.135   -19.625 0.137   1.00 33.23  ? 143 LYS A CB  1 
ATOM   1166 C  CG  . LYS A 1 143 ? 2.824   -20.362 0.390   1.00 33.19  ? 143 LYS A CG  1 
ATOM   1167 C  CD  . LYS A 1 143 ? 2.151   -20.766 -0.908  1.00 40.17  ? 143 LYS A CD  1 
ATOM   1168 C  CE  . LYS A 1 143 ? 0.788   -21.404 -0.652  1.00 56.54  ? 143 LYS A CE  1 
ATOM   1169 N  NZ  . LYS A 1 143 ? -0.191  -20.435 -0.071  1.00 57.44  ? 143 LYS A NZ  1 
ATOM   1170 N  N   . ALA A 1 144 ? 6.580   -17.502 1.932   1.00 29.59  ? 144 ALA A N   1 
ATOM   1171 C  CA  . ALA A 1 144 ? 7.963   -17.003 1.901   1.00 32.42  ? 144 ALA A CA  1 
ATOM   1172 C  C   . ALA A 1 144 ? 8.418   -16.699 0.483   1.00 31.43  ? 144 ALA A C   1 
ATOM   1173 O  O   . ALA A 1 144 ? 9.605   -16.813 0.155   1.00 31.10  ? 144 ALA A O   1 
ATOM   1174 C  CB  . ALA A 1 144 ? 8.938   -17.977 2.568   1.00 32.92  ? 144 ALA A CB  1 
ATOM   1175 N  N   . ASP A 1 145 ? 7.465   -16.317 -0.360  1.00 28.86  ? 145 ASP A N   1 
ATOM   1176 C  CA  . ASP A 1 145 ? 7.690   -15.993 -1.762  1.00 26.11  ? 145 ASP A CA  1 
ATOM   1177 C  C   . ASP A 1 145 ? 7.540   -14.485 -1.908  1.00 25.20  ? 145 ASP A C   1 
ATOM   1178 O  O   . ASP A 1 145 ? 6.418   -13.960 -1.844  1.00 25.56  ? 145 ASP A O   1 
ATOM   1179 C  CB  . ASP A 1 145 ? 6.693   -16.753 -2.634  1.00 27.75  ? 145 ASP A CB  1 
ATOM   1180 C  CG  . ASP A 1 145 ? 6.778   -16.376 -4.105  1.00 27.98  ? 145 ASP A CG  1 
ATOM   1181 O  OD1 . ASP A 1 145 ? 7.605   -15.512 -4.504  1.00 28.34  ? 145 ASP A OD1 1 
ATOM   1182 O  OD2 . ASP A 1 145 ? 5.986   -16.958 -4.880  1.00 32.47  ? 145 ASP A OD2 1 
ATOM   1183 N  N   . TYR A 1 146 ? 8.660   -13.793 -2.111  1.00 26.41  ? 146 TYR A N   1 
ATOM   1184 C  CA  . TYR A 1 146 ? 8.705   -12.339 -2.025  1.00 24.43  ? 146 TYR A CA  1 
ATOM   1185 C  C   . TYR A 1 146 ? 8.551   -11.648 -3.379  1.00 24.95  ? 146 TYR A C   1 
ATOM   1186 O  O   . TYR A 1 146 ? 8.624   -10.407 -3.442  1.00 24.20  ? 146 TYR A O   1 
ATOM   1187 C  CB  . TYR A 1 146 ? 9.996   -11.910 -1.298  1.00 23.05  ? 146 TYR A CB  1 
ATOM   1188 C  CG  . TYR A 1 146 ? 9.821   -12.220 0.181   1.00 23.82  ? 146 TYR A CG  1 
ATOM   1189 C  CD1 . TYR A 1 146 ? 10.038  -13.515 0.686   1.00 23.72  ? 146 TYR A CD1 1 
ATOM   1190 C  CD2 . TYR A 1 146 ? 9.324   -11.257 1.043   1.00 27.74  ? 146 TYR A CD2 1 
ATOM   1191 C  CE1 . TYR A 1 146 ? 9.806   -13.803 2.024   1.00 24.12  ? 146 TYR A CE1 1 
ATOM   1192 C  CE2 . TYR A 1 146 ? 9.087   -11.540 2.393   1.00 26.76  ? 146 TYR A CE2 1 
ATOM   1193 C  CZ  . TYR A 1 146 ? 9.327   -12.810 2.869   1.00 27.50  ? 146 TYR A CZ  1 
ATOM   1194 O  OH  . TYR A 1 146 ? 9.078   -13.103 4.199   1.00 32.45  ? 146 TYR A OH  1 
ATOM   1195 N  N   . THR A 1 147 ? 8.317   -12.420 -4.447  1.00 23.26  ? 147 THR A N   1 
ATOM   1196 C  CA  . THR A 1 147 ? 7.935   -11.960 -5.789  1.00 23.74  ? 147 THR A CA  1 
ATOM   1197 C  C   . THR A 1 147 ? 9.021   -11.161 -6.509  1.00 27.43  ? 147 THR A C   1 
ATOM   1198 O  O   . THR A 1 147 ? 9.470   -11.572 -7.586  1.00 28.26  ? 147 THR A O   1 
ATOM   1199 C  CB  . THR A 1 147 ? 6.625   -11.142 -5.740  1.00 24.59  ? 147 THR A CB  1 
ATOM   1200 O  OG1 . THR A 1 147 ? 5.564   -11.959 -5.219  1.00 26.16  ? 147 THR A OG1 1 
ATOM   1201 C  CG2 . THR A 1 147 ? 6.221   -10.682 -7.142  1.00 28.10  ? 147 THR A CG2 1 
ATOM   1202 N  N   . LEU A 1 148 ? 9.422   -10.020 -5.955  1.00 24.28  ? 148 LEU A N   1 
ATOM   1203 C  CA  . LEU A 1 148 ? 10.472  -9.163  -6.499  1.00 22.63  ? 148 LEU A CA  1 
ATOM   1204 C  C   . LEU A 1 148 ? 11.824  -9.507  -5.882  1.00 25.18  ? 148 LEU A C   1 
ATOM   1205 O  O   . LEU A 1 148 ? 11.907  -10.047 -4.776  1.00 26.68  ? 148 LEU A O   1 
ATOM   1206 C  CB  . LEU A 1 148 ? 10.154  -7.701  -6.219  1.00 22.87  ? 148 LEU A CB  1 
ATOM   1207 C  CG  . LEU A 1 148 ? 8.813   -7.197  -6.730  1.00 24.05  ? 148 LEU A CG  1 
ATOM   1208 C  CD1 . LEU A 1 148 ? 8.649   -5.729  -6.323  1.00 25.52  ? 148 LEU A CD1 1 
ATOM   1209 C  CD2 . LEU A 1 148 ? 8.703   -7.336  -8.231  1.00 27.25  ? 148 LEU A CD2 1 
ATOM   1210 N  N   . ASP A 1 149 ? 12.900  -9.143  -6.597  1.00 27.31  ? 149 ASP A N   1 
ATOM   1211 C  CA  . ASP A 1 149 ? 14.228  -9.457  -6.091  1.00 25.69  ? 149 ASP A CA  1 
ATOM   1212 C  C   . ASP A 1 149 ? 14.686  -8.449  -5.029  1.00 29.93  ? 149 ASP A C   1 
ATOM   1213 O  O   . ASP A 1 149 ? 14.017  -7.445  -4.740  1.00 26.98  ? 149 ASP A O   1 
ATOM   1214 C  CB  . ASP A 1 149 ? 15.233  -9.567  -7.245  1.00 24.99  ? 149 ASP A CB  1 
ATOM   1215 C  CG  . ASP A 1 149 ? 15.555  -8.247  -7.935  1.00 34.98  ? 149 ASP A CG  1 
ATOM   1216 O  OD1 . ASP A 1 149 ? 15.312  -7.135  -7.415  1.00 31.47  ? 149 ASP A OD1 1 
ATOM   1217 O  OD2 . ASP A 1 149 ? 16.123  -8.336  -9.047  1.00 39.20  ? 149 ASP A OD2 1 
ATOM   1218 N  N   . GLU A 1 150 ? 15.837  -8.755  -4.410  1.00 26.97  ? 150 GLU A N   1 
ATOM   1219 C  CA  . GLU A 1 150 ? 16.305  -7.960  -3.275  1.00 25.62  ? 150 GLU A CA  1 
ATOM   1220 C  C   . GLU A 1 150 ? 16.520  -6.503  -3.640  1.00 27.69  ? 150 GLU A C   1 
ATOM   1221 O  O   . GLU A 1 150 ? 16.216  -5.617  -2.835  1.00 28.94  ? 150 GLU A O   1 
ATOM   1222 C  CB  . GLU A 1 150 ? 17.606  -8.527  -2.701  1.00 31.19  ? 150 GLU A CB  1 
ATOM   1223 C  CG  . GLU A 1 150 ? 17.423  -9.816  -1.947  1.00 32.98  ? 150 GLU A CG  1 
ATOM   1224 C  CD  . GLU A 1 150 ? 16.603  -9.678  -0.671  1.00 29.15  ? 150 GLU A CD  1 
ATOM   1225 O  OE1 . GLU A 1 150 ? 16.728  -8.641  0.025   1.00 30.98  ? 150 GLU A OE1 1 
ATOM   1226 O  OE2 . GLU A 1 150 ? 15.854  -10.623 -0.385  1.00 33.47  ? 150 GLU A OE2 1 
ATOM   1227 N  N   . GLU A 1 151 ? 17.065  -6.223  -4.827  1.00 27.16  ? 151 GLU A N   1 
ATOM   1228 C  CA  . GLU A 1 151 ? 17.318  -4.836  -5.207  1.00 30.41  ? 151 GLU A CA  1 
ATOM   1229 C  C   . GLU A 1 151 ? 16.015  -4.041  -5.284  1.00 28.03  ? 151 GLU A C   1 
ATOM   1230 O  O   . GLU A 1 151 ? 15.932  -2.899  -4.795  1.00 31.35  ? 151 GLU A O   1 
ATOM   1231 C  CB  . GLU A 1 151 ? 18.066  -4.784  -6.540  1.00 37.72  ? 151 GLU A CB  1 
ATOM   1232 C  CG  . GLU A 1 151 ? 18.390  -3.366  -6.993  1.00 54.59  ? 151 GLU A CG  1 
ATOM   1233 C  CD  . GLU A 1 151 ? 18.910  -3.290  -8.426  1.00 72.56  ? 151 GLU A CD  1 
ATOM   1234 O  OE1 . GLU A 1 151 ? 19.690  -4.181  -8.828  1.00 75.98  ? 151 GLU A OE1 1 
ATOM   1235 O  OE2 . GLU A 1 151 ? 18.543  -2.331  -9.146  1.00 69.57  ? 151 GLU A OE2 1 
ATOM   1236 N  N   . SER A 1 152 ? 14.990  -4.626  -5.913  1.00 27.30  ? 152 SER A N   1 
ATOM   1237 C  CA  . SER A 1 152 ? 13.701  -3.945  -6.051  1.00 25.77  ? 152 SER A CA  1 
ATOM   1238 C  C   . SER A 1 152 ? 13.076  -3.665  -4.688  1.00 29.34  ? 152 SER A C   1 
ATOM   1239 O  O   . SER A 1 152 ? 12.612  -2.541  -4.392  1.00 26.57  ? 152 SER A O   1 
ATOM   1240 C  CB  . SER A 1 152 ? 12.768  -4.799  -6.911  1.00 25.27  ? 152 SER A CB  1 
ATOM   1241 O  OG  . SER A 1 152 ? 13.314  -4.985  -8.213  1.00 29.76  ? 152 SER A OG  1 
ATOM   1242 N  N   . ARG A 1 153 ? 13.070  -4.682  -3.826  1.00 26.82  ? 153 ARG A N   1 
ATOM   1243 C  CA  . ARG A 1 153 ? 12.452  -4.490  -2.519  1.00 24.08  ? 153 ARG A CA  1 
ATOM   1244 C  C   . ARG A 1 153 ? 13.277  -3.553  -1.645  1.00 28.86  ? 153 ARG A C   1 
ATOM   1245 O  O   . ARG A 1 153 ? 12.706  -2.812  -0.842  1.00 24.79  ? 153 ARG A O   1 
ATOM   1246 C  CB  . ARG A 1 153 ? 12.223  -5.838  -1.840  1.00 22.79  ? 153 ARG A CB  1 
ATOM   1247 C  CG  . ARG A 1 153 ? 11.489  -6.814  -2.772  1.00 27.25  ? 153 ARG A CG  1 
ATOM   1248 C  CD  . ARG A 1 153 ? 10.838  -8.028  -2.137  1.00 30.71  ? 153 ARG A CD  1 
ATOM   1249 N  NE  . ARG A 1 153 ? 11.584  -8.534  -1.002  1.00 26.91  ? 153 ARG A NE  1 
ATOM   1250 C  CZ  . ARG A 1 153 ? 12.618  -9.375  -1.058  1.00 28.56  ? 153 ARG A CZ  1 
ATOM   1251 N  NH1 . ARG A 1 153 ? 13.071  -9.844  -2.220  1.00 28.39  ? 153 ARG A NH1 1 
ATOM   1252 N  NH2 . ARG A 1 153 ? 13.213  -9.742  0.078   1.00 26.52  ? 153 ARG A NH2 1 
ATOM   1253 N  N   . ALA A 1 154 ? 14.606  -3.559  -1.790  1.00 27.74  ? 154 ALA A N   1 
ATOM   1254 C  CA  . ALA A 1 154 ? 15.432  -2.601  -1.065  1.00 26.89  ? 154 ALA A CA  1 
ATOM   1255 C  C   . ALA A 1 154 ? 15.073  -1.173  -1.444  1.00 27.72  ? 154 ALA A C   1 
ATOM   1256 O  O   . ALA A 1 154 ? 15.084  -0.285  -0.586  1.00 28.10  ? 154 ALA A O   1 
ATOM   1257 C  CB  . ALA A 1 154 ? 16.923  -2.877  -1.326  1.00 27.96  ? 154 ALA A CB  1 
ATOM   1258 N  N   . ARG A 1 155 ? 14.760  -0.931  -2.724  1.00 27.17  ? 155 ARG A N   1 
ATOM   1259 C  CA  . ARG A 1 155 ? 14.315  0.404   -3.136  1.00 27.54  ? 155 ARG A CA  1 
ATOM   1260 C  C   . ARG A 1 155 ? 13.059  0.820   -2.370  1.00 27.97  ? 155 ARG A C   1 
ATOM   1261 O  O   . ARG A 1 155 ? 12.966  1.947   -1.842  1.00 28.17  ? 155 ARG A O   1 
ATOM   1262 C  CB  . ARG A 1 155 ? 14.055  0.423   -4.642  1.00 33.08  ? 155 ARG A CB  1 
ATOM   1263 C  CG  . ARG A 1 155 ? 14.001  1.810   -5.259  1.00 46.55  ? 155 ARG A CG  1 
ATOM   1264 C  CD  . ARG A 1 155 ? 14.755  1.849   -6.594  1.00 59.39  ? 155 ARG A CD  1 
ATOM   1265 N  NE  . ARG A 1 155 ? 14.546  0.647   -7.404  1.00 64.63  ? 155 ARG A NE  1 
ATOM   1266 C  CZ  . ARG A 1 155 ? 15.512  -0.195  -7.773  1.00 69.06  ? 155 ARG A CZ  1 
ATOM   1267 N  NH1 . ARG A 1 155 ? 16.773  0.021   -7.405  1.00 63.97  ? 155 ARG A NH1 1 
ATOM   1268 N  NH2 . ARG A 1 155 ? 15.219  -1.258  -8.516  1.00 63.14  ? 155 ARG A NH2 1 
ATOM   1269 N  N   . ILE A 1 156 ? 12.086  -0.091  -2.301  1.00 23.94  ? 156 ILE A N   1 
ATOM   1270 C  CA  . ILE A 1 156 ? 10.854  0.204   -1.550  1.00 25.59  ? 156 ILE A CA  1 
ATOM   1271 C  C   . ILE A 1 156 ? 11.159  0.444   -0.065  1.00 24.65  ? 156 ILE A C   1 
ATOM   1272 O  O   . ILE A 1 156 ? 10.650  1.391   0.564   1.00 26.29  ? 156 ILE A O   1 
ATOM   1273 C  CB  . ILE A 1 156 ? 9.832   -0.929  -1.737  1.00 23.12  ? 156 ILE A CB  1 
ATOM   1274 C  CG1 . ILE A 1 156 ? 9.332   -0.971  -3.188  1.00 26.50  ? 156 ILE A CG1 1 
ATOM   1275 C  CG2 . ILE A 1 156 ? 8.693   -0.816  -0.712  1.00 28.40  ? 156 ILE A CG2 1 
ATOM   1276 C  CD1 . ILE A 1 156 ? 8.516   -2.214  -3.508  1.00 27.91  ? 156 ILE A CD1 1 
ATOM   1277 N  N   . LYS A 1 157 ? 11.967  -0.437  0.531   1.00 24.19  ? 157 LYS A N   1 
ATOM   1278 C  CA  . LYS A 1 157 ? 12.279  -0.309  1.953   1.00 24.41  ? 157 LYS A CA  1 
ATOM   1279 C  C   . LYS A 1 157 ? 13.011  0.991   2.251   1.00 27.76  ? 157 LYS A C   1 
ATOM   1280 O  O   . LYS A 1 157 ? 12.815  1.592   3.317   1.00 28.81  ? 157 LYS A O   1 
ATOM   1281 C  CB  . LYS A 1 157 ? 13.122  -1.499  2.412   1.00 24.03  ? 157 LYS A CB  1 
ATOM   1282 C  CG  . LYS A 1 157 ? 12.381  -2.806  2.396   1.00 27.43  ? 157 LYS A CG  1 
ATOM   1283 C  CD  . LYS A 1 157 ? 13.336  -3.920  2.773   1.00 28.18  ? 157 LYS A CD  1 
ATOM   1284 C  CE  . LYS A 1 157 ? 12.634  -5.236  2.793   1.00 29.05  ? 157 LYS A CE  1 
ATOM   1285 N  NZ  . LYS A 1 157 ? 13.590  -6.282  3.269   1.00 40.30  ? 157 LYS A NZ  1 
ATOM   1286 N  N   . THR A 1 158 ? 13.901  1.409   1.348   1.00 26.83  ? 158 THR A N   1 
ATOM   1287 C  CA  . THR A 1 158 ? 14.635  2.654   1.531   1.00 25.44  ? 158 THR A CA  1 
ATOM   1288 C  C   . THR A 1 158 ? 13.686  3.839   1.460   1.00 26.83  ? 158 THR A C   1 
ATOM   1289 O  O   . THR A 1 158 ? 13.801  4.773   2.261   1.00 28.44  ? 158 THR A O   1 
ATOM   1290 C  CB  . THR A 1 158 ? 15.738  2.792   0.475   1.00 31.99  ? 158 THR A CB  1 
ATOM   1291 O  OG1 . THR A 1 158 ? 16.728  1.775   0.678   1.00 31.95  ? 158 THR A OG1 1 
ATOM   1292 C  CG2 . THR A 1 158 ? 16.402  4.148   0.576   1.00 35.11  ? 158 THR A CG2 1 
ATOM   1293 N  N   . ARG A 1 159 ? 12.735  3.804   0.528   1.00 26.09  ? 159 ARG A N   1 
ATOM   1294 C  CA  . ARG A 1 159 ? 11.733  4.872   0.493   1.00 26.27  ? 159 ARG A CA  1 
ATOM   1295 C  C   . ARG A 1 159 ? 10.968  4.947   1.815   1.00 27.03  ? 159 ARG A C   1 
ATOM   1296 O  O   . ARG A 1 159 ? 10.757  6.044   2.368   1.00 26.24  ? 159 ARG A O   1 
ATOM   1297 C  CB  . ARG A 1 159 ? 10.782  4.664   -0.683  1.00 26.22  ? 159 ARG A CB  1 
ATOM   1298 C  CG  . ARG A 1 159 ? 9.636   5.677   -0.743  1.00 27.35  ? 159 ARG A CG  1 
ATOM   1299 C  CD  . ARG A 1 159 ? 10.130  7.109   -0.805  1.00 29.50  ? 159 ARG A CD  1 
ATOM   1300 N  NE  . ARG A 1 159 ? 8.987   7.982   -1.080  1.00 35.06  ? 159 ARG A NE  1 
ATOM   1301 C  CZ  . ARG A 1 159 ? 8.937   9.289   -0.826  1.00 36.03  ? 159 ARG A CZ  1 
ATOM   1302 N  NH1 . ARG A 1 159 ? 9.970   9.925   -0.290  1.00 32.85  ? 159 ARG A NH1 1 
ATOM   1303 N  NH2 . ARG A 1 159 ? 7.832   9.959   -1.117  1.00 40.55  ? 159 ARG A NH2 1 
ATOM   1304 N  N   . LEU A 1 160 ? 10.547  3.796   2.341   1.00 22.08  ? 160 LEU A N   1 
ATOM   1305 C  CA  . LEU A 1 160 ? 9.802   3.799   3.603   1.00 25.37  ? 160 LEU A CA  1 
ATOM   1306 C  C   . LEU A 1 160 ? 10.659  4.320   4.757   1.00 30.10  ? 160 LEU A C   1 
ATOM   1307 O  O   . LEU A 1 160 ? 10.183  5.093   5.606   1.00 25.99  ? 160 LEU A O   1 
ATOM   1308 C  CB  . LEU A 1 160 ? 9.260   2.398   3.901   1.00 24.38  ? 160 LEU A CB  1 
ATOM   1309 C  CG  . LEU A 1 160 ? 8.170   1.898   2.943   1.00 26.53  ? 160 LEU A CG  1 
ATOM   1310 C  CD1 . LEU A 1 160 ? 7.820   0.418   3.157   1.00 26.31  ? 160 LEU A CD1 1 
ATOM   1311 C  CD2 . LEU A 1 160 ? 6.918   2.763   3.112   1.00 24.19  ? 160 LEU A CD2 1 
ATOM   1312 N  N   . PHE A 1 161 ? 11.938  3.919   4.796   1.00 26.84  ? 161 PHE A N   1 
ATOM   1313 C  CA  . PHE A 1 161 ? 12.844  4.421   5.824   1.00 29.70  ? 161 PHE A CA  1 
ATOM   1314 C  C   . PHE A 1 161 ? 13.001  5.935   5.720   1.00 29.01  ? 161 PHE A C   1 
ATOM   1315 O  O   . PHE A 1 161 ? 13.012  6.644   6.735   1.00 32.24  ? 161 PHE A O   1 
ATOM   1316 C  CB  . PHE A 1 161 ? 14.201  3.706   5.688   1.00 30.15  ? 161 PHE A CB  1 
ATOM   1317 C  CG  . PHE A 1 161 ? 15.225  4.152   6.692   1.00 42.00  ? 161 PHE A CG  1 
ATOM   1318 C  CD1 . PHE A 1 161 ? 15.193  3.676   7.994   1.00 54.47  ? 161 PHE A CD1 1 
ATOM   1319 C  CD2 . PHE A 1 161 ? 16.213  5.058   6.333   1.00 46.53  ? 161 PHE A CD2 1 
ATOM   1320 C  CE1 . PHE A 1 161 ? 16.136  4.096   8.926   1.00 51.97  ? 161 PHE A CE1 1 
ATOM   1321 C  CE2 . PHE A 1 161 ? 17.157  5.484   7.261   1.00 48.28  ? 161 PHE A CE2 1 
ATOM   1322 C  CZ  . PHE A 1 161 ? 17.116  5.005   8.554   1.00 51.11  ? 161 PHE A CZ  1 
ATOM   1323 N  N   . THR A 1 162 ? 13.099  6.447   4.496   1.00 27.17  ? 162 THR A N   1 
ATOM   1324 C  CA  . THR A 1 162 ? 13.225  7.881   4.276   1.00 28.63  ? 162 THR A CA  1 
ATOM   1325 C  C   . THR A 1 162 ? 11.992  8.616   4.767   1.00 32.32  ? 162 THR A C   1 
ATOM   1326 O  O   . THR A 1 162 ? 12.096  9.687   5.375   1.00 30.85  ? 162 THR A O   1 
ATOM   1327 C  CB  . THR A 1 162 ? 13.443  8.150   2.795   1.00 34.34  ? 162 THR A CB  1 
ATOM   1328 O  OG1 . THR A 1 162 ? 14.748  7.691   2.439   1.00 37.58  ? 162 THR A OG1 1 
ATOM   1329 C  CG2 . THR A 1 162 ? 13.310  9.636   2.477   1.00 40.73  ? 162 THR A CG2 1 
ATOM   1330 N  N   . ILE A 1 163 ? 10.814  8.054   4.502   1.00 27.07  ? 163 ILE A N   1 
ATOM   1331 C  CA  . ILE A 1 163 ? 9.582   8.680   4.988   1.00 26.33  ? 163 ILE A CA  1 
ATOM   1332 C  C   . ILE A 1 163 ? 9.585   8.740   6.508   1.00 29.30  ? 163 ILE A C   1 
ATOM   1333 O  O   . ILE A 1 163 ? 9.261   9.775   7.113   1.00 28.77  ? 163 ILE A O   1 
ATOM   1334 C  CB  . ILE A 1 163 ? 8.354   7.929   4.442   1.00 24.53  ? 163 ILE A CB  1 
ATOM   1335 C  CG1 . ILE A 1 163 ? 8.165   8.244   2.953   1.00 26.46  ? 163 ILE A CG1 1 
ATOM   1336 C  CG2 . ILE A 1 163 ? 7.070   8.333   5.206   1.00 28.17  ? 163 ILE A CG2 1 
ATOM   1337 C  CD1 . ILE A 1 163 ? 7.265   7.259   2.232   1.00 26.84  ? 163 ILE A CD1 1 
ATOM   1338 N  N   . ARG A 1 164 ? 9.951   7.631   7.154   1.00 27.02  ? 164 ARG A N   1 
ATOM   1339 C  CA  . ARG A 1 164 ? 9.965   7.610   8.617   1.00 26.31  ? 164 ARG A CA  1 
ATOM   1340 C  C   . ARG A 1 164 ? 10.963  8.624   9.165   1.00 27.82  ? 164 ARG A C   1 
ATOM   1341 O  O   . ARG A 1 164 ? 10.673  9.334   10.139  1.00 29.28  ? 164 ARG A O   1 
ATOM   1342 C  CB  . ARG A 1 164 ? 10.279  6.200   9.119   1.00 28.39  ? 164 ARG A CB  1 
ATOM   1343 C  CG  . ARG A 1 164 ? 10.612  6.076   10.594  1.00 26.51  ? 164 ARG A CG  1 
ATOM   1344 C  CD  . ARG A 1 164 ? 11.058  4.645   10.877  1.00 33.23  ? 164 ARG A CD  1 
ATOM   1345 N  NE  . ARG A 1 164 ? 11.310  4.349   12.284  1.00 36.25  ? 164 ARG A NE  1 
ATOM   1346 C  CZ  . ARG A 1 164 ? 12.523  4.236   12.816  1.00 50.04  ? 164 ARG A CZ  1 
ATOM   1347 N  NH1 . ARG A 1 164 ? 13.599  4.421   12.063  1.00 45.81  ? 164 ARG A NH1 1 
ATOM   1348 N  NH2 . ARG A 1 164 ? 12.659  3.949   14.106  1.00 50.23  ? 164 ARG A NH2 1 
ATOM   1349 N  N   . GLN A 1 165 ? 12.141  8.707   8.546   1.00 28.92  ? 165 GLN A N   1 
ATOM   1350 C  CA  . GLN A 1 165 ? 13.165  9.648   8.995   1.00 29.07  ? 165 GLN A CA  1 
ATOM   1351 C  C   . GLN A 1 165 ? 12.704  11.098  8.846   1.00 33.27  ? 165 GLN A C   1 
ATOM   1352 O  O   . GLN A 1 165 ? 12.926  11.926  9.742   1.00 33.05  ? 165 GLN A O   1 
ATOM   1353 C  CB  . GLN A 1 165 ? 14.457  9.406   8.212   1.00 35.08  ? 165 GLN A CB  1 
ATOM   1354 C  CG  . GLN A 1 165 ? 15.621  10.261  8.655   1.00 53.65  ? 165 GLN A CG  1 
ATOM   1355 C  CD  . GLN A 1 165 ? 16.950  9.686   8.210   1.00 65.07  ? 165 GLN A CD  1 
ATOM   1356 O  OE1 . GLN A 1 165 ? 17.129  8.468   8.178   1.00 69.55  ? 165 GLN A OE1 1 
ATOM   1357 N  NE2 . GLN A 1 165 ? 17.891  10.560  7.867   1.00 66.16  ? 165 GLN A NE2 1 
ATOM   1358 N  N   . GLU A 1 166 ? 12.076  11.430  7.717   1.00 30.85  ? 166 GLU A N   1 
ATOM   1359 C  CA  . GLU A 1 166 ? 11.630  12.804  7.520   1.00 30.41  ? 166 GLU A CA  1 
ATOM   1360 C  C   . GLU A 1 166 ? 10.468  13.140  8.449   1.00 33.74  ? 166 GLU A C   1 
ATOM   1361 O  O   . GLU A 1 166 ? 10.387  14.259  8.967   1.00 34.69  ? 166 GLU A O   1 
ATOM   1362 C  CB  . GLU A 1 166 ? 11.243  13.043  6.064   1.00 30.78  ? 166 GLU A CB  1 
ATOM   1363 C  CG  . GLU A 1 166 ? 10.864  14.487  5.734   1.00 42.96  ? 166 GLU A CG  1 
ATOM   1364 C  CD  . GLU A 1 166 ? 11.910  15.512  6.157   1.00 58.34  ? 166 GLU A CD  1 
ATOM   1365 O  OE1 . GLU A 1 166 ? 13.121  15.243  5.992   1.00 60.39  ? 166 GLU A OE1 1 
ATOM   1366 O  OE2 . GLU A 1 166 ? 11.506  16.594  6.649   1.00 45.73  ? 166 GLU A OE2 1 
ATOM   1367 N  N   . MET A 1 167 ? 9.553   12.192  8.662   1.00 24.89  ? 167 MET A N   1 
ATOM   1368 C  CA  . MET A 1 167 ? 8.520   12.389  9.675   1.00 25.93  ? 167 MET A CA  1 
ATOM   1369 C  C   . MET A 1 167 ? 9.140   12.658  11.037  1.00 33.34  ? 167 MET A C   1 
ATOM   1370 O  O   . MET A 1 167 ? 8.733   13.586  11.743  1.00 30.38  ? 167 MET A O   1 
ATOM   1371 C  CB  . MET A 1 167 ? 7.599   11.175  9.757   1.00 28.07  ? 167 MET A CB  1 
ATOM   1372 C  CG  . MET A 1 167 ? 6.618   11.037  8.611   1.00 27.43  ? 167 MET A CG  1 
ATOM   1373 S  SD  . MET A 1 167 ? 5.492   9.718   8.983   1.00 26.51  ? 167 MET A SD  1 
ATOM   1374 C  CE  . MET A 1 167 ? 4.421   9.779   7.523   1.00 26.14  ? 167 MET A CE  1 
ATOM   1375 N  N   . ALA A 1 168 ? 10.128  11.844  11.430  1.00 28.49  ? 168 ALA A N   1 
ATOM   1376 C  CA  . ALA A 1 168 ? 10.741  12.015  12.746  1.00 32.33  ? 168 ALA A CA  1 
ATOM   1377 C  C   . ALA A 1 168 ? 11.410  13.379  12.870  1.00 31.85  ? 168 ALA A C   1 
ATOM   1378 O  O   . ALA A 1 168 ? 11.339  14.021  13.934  1.00 32.05  ? 168 ALA A O   1 
ATOM   1379 C  CB  . ALA A 1 168 ? 11.742  10.882  13.009  1.00 30.72  ? 168 ALA A CB  1 
ATOM   1380 N  N   . SER A 1 169 ? 12.058  13.842  11.795  1.00 30.94  ? 169 SER A N   1 
ATOM   1381 C  CA  . SER A 1 169 ? 12.711  15.144  11.813  1.00 31.37  ? 169 SER A CA  1 
ATOM   1382 C  C   . SER A 1 169 ? 11.710  16.257  12.102  1.00 38.70  ? 169 SER A C   1 
ATOM   1383 O  O   . SER A 1 169 ? 12.055  17.256  12.745  1.00 36.95  ? 169 SER A O   1 
ATOM   1384 C  CB  . SER A 1 169 ? 13.418  15.385  10.481  1.00 44.53  ? 169 SER A CB  1 
ATOM   1385 O  OG  . SER A 1 169 ? 14.186  16.575  10.522  1.00 49.43  ? 169 SER A OG  1 
ATOM   1386 N  N   . ARG A 1 170 ? 10.459  16.082  11.678  1.00 32.94  ? 170 ARG A N   1 
ATOM   1387 C  CA  . ARG A 1 170 ? 9.415   17.075  11.881  1.00 33.22  ? 170 ARG A CA  1 
ATOM   1388 C  C   . ARG A 1 170 ? 8.580   16.814  13.128  1.00 33.89  ? 170 ARG A C   1 
ATOM   1389 O  O   . ARG A 1 170 ? 7.591   17.522  13.358  1.00 35.11  ? 170 ARG A O   1 
ATOM   1390 C  CB  . ARG A 1 170 ? 8.511   17.134  10.648  1.00 30.53  ? 170 ARG A CB  1 
ATOM   1391 C  CG  . ARG A 1 170 ? 9.219   17.621  9.414   1.00 32.14  ? 170 ARG A CG  1 
ATOM   1392 C  CD  . ARG A 1 170 ? 8.392   17.305  8.158   1.00 35.37  ? 170 ARG A CD  1 
ATOM   1393 N  NE  . ARG A 1 170 ? 9.069   17.741  6.943   1.00 39.82  ? 170 ARG A NE  1 
ATOM   1394 C  CZ  . ARG A 1 170 ? 8.541   18.549  6.028   1.00 46.67  ? 170 ARG A CZ  1 
ATOM   1395 N  NH1 . ARG A 1 170 ? 7.303   19.027  6.170   1.00 38.72  ? 170 ARG A NH1 1 
ATOM   1396 N  NH2 . ARG A 1 170 ? 9.253   18.875  4.959   1.00 48.33  ? 170 ARG A NH2 1 
ATOM   1397 N  N   . GLY A 1 171 ? 8.946   15.815  13.929  1.00 28.74  ? 171 GLY A N   1 
ATOM   1398 C  CA  . GLY A 1 171 ? 8.195   15.468  15.117  1.00 27.55  ? 171 GLY A CA  1 
ATOM   1399 C  C   . GLY A 1 171 ? 6.887   14.754  14.875  1.00 30.64  ? 171 GLY A C   1 
ATOM   1400 O  O   . GLY A 1 171 ? 6.042   14.708  15.776  1.00 32.24  ? 171 GLY A O   1 
ATOM   1401 N  N   . LEU A 1 172 ? 6.711   14.168  13.688  1.00 28.32  ? 172 LEU A N   1 
ATOM   1402 C  CA  . LEU A 1 172 ? 5.470   13.544  13.241  1.00 27.54  ? 172 LEU A CA  1 
ATOM   1403 C  C   . LEU A 1 172 ? 5.439   12.034  13.426  1.00 28.62  ? 172 LEU A C   1 
ATOM   1404 O  O   . LEU A 1 172 ? 4.353   11.437  13.408  1.00 25.60  ? 172 LEU A O   1 
ATOM   1405 C  CB  . LEU A 1 172 ? 5.260   13.826  11.745  1.00 25.33  ? 172 LEU A CB  1 
ATOM   1406 C  CG  . LEU A 1 172 ? 5.092   15.282  11.336  1.00 28.11  ? 172 LEU A CG  1 
ATOM   1407 C  CD1 . LEU A 1 172 ? 5.070   15.429  9.818   1.00 28.19  ? 172 LEU A CD1 1 
ATOM   1408 C  CD2 . LEU A 1 172 ? 3.796   15.784  11.964  1.00 32.74  ? 172 LEU A CD2 1 
ATOM   1409 N  N   . TRP A 1 173 ? 6.602   11.392  13.570  1.00 29.14  ? 173 TRP A N   1 
ATOM   1410 C  CA  . TRP A 1 173 ? 6.627   9.934   13.552  1.00 31.29  ? 173 TRP A CA  1 
ATOM   1411 C  C   . TRP A 1 173 ? 5.923   9.327   14.764  1.00 28.98  ? 173 TRP A C   1 
ATOM   1412 O  O   . TRP A 1 173 ? 5.223   8.320   14.630  1.00 29.39  ? 173 TRP A O   1 
ATOM   1413 C  CB  . TRP A 1 173 ? 8.074   9.433   13.453  1.00 33.59  ? 173 TRP A CB  1 
ATOM   1414 C  CG  . TRP A 1 173 ? 8.142   7.942   13.564  1.00 28.96  ? 173 TRP A CG  1 
ATOM   1415 C  CD1 . TRP A 1 173 ? 8.592   7.215   14.635  1.00 34.21  ? 173 TRP A CD1 1 
ATOM   1416 C  CD2 . TRP A 1 173 ? 7.711   6.988   12.585  1.00 29.94  ? 173 TRP A CD2 1 
ATOM   1417 N  NE1 . TRP A 1 173 ? 8.470   5.869   14.376  1.00 35.00  ? 173 TRP A NE1 1 
ATOM   1418 C  CE2 . TRP A 1 173 ? 7.934   5.704   13.124  1.00 32.19  ? 173 TRP A CE2 1 
ATOM   1419 C  CE3 . TRP A 1 173 ? 7.161   7.094   11.297  1.00 27.45  ? 173 TRP A CE3 1 
ATOM   1420 C  CZ2 . TRP A 1 173 ? 7.633   4.532   12.421  1.00 29.90  ? 173 TRP A CZ2 1 
ATOM   1421 C  CZ3 . TRP A 1 173 ? 6.869   5.926   10.597  1.00 27.49  ? 173 TRP A CZ3 1 
ATOM   1422 C  CH2 . TRP A 1 173 ? 7.099   4.667   11.166  1.00 27.16  ? 173 TRP A CH2 1 
ATOM   1423 N  N   . ASP A 1 174 ? 6.087   9.908   15.958  1.00 27.63  ? 174 ASP A N   1 
ATOM   1424 C  CA  . ASP A 1 174 ? 5.513   9.298   17.154  1.00 34.13  ? 174 ASP A CA  1 
ATOM   1425 C  C   . ASP A 1 174 ? 4.003   9.106   17.013  1.00 31.76  ? 174 ASP A C   1 
ATOM   1426 O  O   . ASP A 1 174 ? 3.462   8.024   17.296  1.00 30.86  ? 174 ASP A O   1 
ATOM   1427 C  CB  . ASP A 1 174 ? 5.850   10.165  18.370  1.00 41.16  ? 174 ASP A CB  1 
ATOM   1428 C  CG  . ASP A 1 174 ? 5.397   9.545   19.681  1.00 61.44  ? 174 ASP A CG  1 
ATOM   1429 O  OD1 . ASP A 1 174 ? 6.013   8.546   20.110  1.00 67.79  ? 174 ASP A OD1 1 
ATOM   1430 O  OD2 . ASP A 1 174 ? 4.429   10.069  20.288  1.00 61.18  ? 174 ASP A OD2 1 
ATOM   1431 N  N   . SER A 1 175 ? 3.304   10.142  16.532  1.00 28.17  ? 175 SER A N   1 
ATOM   1432 C  CA  . SER A 1 175 ? 1.859   10.042  16.401  1.00 27.31  ? 175 SER A CA  1 
ATOM   1433 C  C   . SER A 1 175 ? 1.478   9.138   15.235  1.00 27.82  ? 175 SER A C   1 
ATOM   1434 O  O   . SER A 1 175 ? 0.520   8.364   15.325  1.00 30.95  ? 175 SER A O   1 
ATOM   1435 C  CB  . SER A 1 175 ? 1.259   11.434  16.209  1.00 31.43  ? 175 SER A CB  1 
ATOM   1436 O  OG  . SER A 1 175 ? -0.142  11.337  16.117  1.00 30.13  ? 175 SER A OG  1 
ATOM   1437 N  N   . PHE A 1 176 ? 2.213   9.238   14.129  1.00 27.93  ? 176 PHE A N   1 
ATOM   1438 C  CA  . PHE A 1 176 ? 1.911   8.412   12.964  1.00 27.30  ? 176 PHE A CA  1 
ATOM   1439 C  C   . PHE A 1 176 ? 2.041   6.927   13.290  1.00 26.86  ? 176 PHE A C   1 
ATOM   1440 O  O   . PHE A 1 176 ? 1.187   6.114   12.911  1.00 27.20  ? 176 PHE A O   1 
ATOM   1441 C  CB  . PHE A 1 176 ? 2.836   8.796   11.821  1.00 25.50  ? 176 PHE A CB  1 
ATOM   1442 C  CG  . PHE A 1 176 ? 2.601   8.000   10.583  1.00 28.31  ? 176 PHE A CG  1 
ATOM   1443 C  CD1 . PHE A 1 176 ? 1.427   8.155   9.860   1.00 26.89  ? 176 PHE A CD1 1 
ATOM   1444 C  CD2 . PHE A 1 176 ? 3.536   7.061   10.159  1.00 28.66  ? 176 PHE A CD2 1 
ATOM   1445 C  CE1 . PHE A 1 176 ? 1.193   7.412   8.715   1.00 26.87  ? 176 PHE A CE1 1 
ATOM   1446 C  CE2 . PHE A 1 176 ? 3.308   6.309   9.010   1.00 28.05  ? 176 PHE A CE2 1 
ATOM   1447 C  CZ  . PHE A 1 176 ? 2.146   6.482   8.284   1.00 26.10  ? 176 PHE A CZ  1 
ATOM   1448 N  N   . ARG A 1 177 ? 3.091   6.564   14.015  1.00 28.50  ? 177 ARG A N   1 
ATOM   1449 C  CA  . ARG A 1 177 ? 3.280   5.178   14.402  1.00 32.38  ? 177 ARG A CA  1 
ATOM   1450 C  C   . ARG A 1 177 ? 2.195   4.729   15.372  1.00 34.68  ? 177 ARG A C   1 
ATOM   1451 O  O   . ARG A 1 177 ? 1.680   3.611   15.256  1.00 39.65  ? 177 ARG A O   1 
ATOM   1452 C  CB  . ARG A 1 177 ? 4.667   5.002   15.013  1.00 31.24  ? 177 ARG A CB  1 
ATOM   1453 C  CG  . ARG A 1 177 ? 4.895   3.644   15.642  1.00 44.03  ? 177 ARG A CG  1 
ATOM   1454 C  CD  . ARG A 1 177 ? 6.120   3.658   16.549  1.00 49.56  ? 177 ARG A CD  1 
ATOM   1455 N  NE  . ARG A 1 177 ? 6.030   4.698   17.573  1.00 57.71  ? 177 ARG A NE  1 
ATOM   1456 C  CZ  . ARG A 1 177 ? 7.081   5.274   18.146  1.00 59.85  ? 177 ARG A CZ  1 
ATOM   1457 N  NH1 . ARG A 1 177 ? 8.311   4.916   17.801  1.00 61.36  ? 177 ARG A NH1 1 
ATOM   1458 N  NH2 . ARG A 1 177 ? 6.905   6.212   19.064  1.00 61.46  ? 177 ARG A NH2 1 
ATOM   1459 N  N   . GLN A 1 178 ? 1.818   5.597   16.319  1.00 34.07  ? 178 GLN A N   1 
ATOM   1460 C  CA  . GLN A 1 178 ? 0.846   5.197   17.340  1.00 42.40  ? 178 GLN A CA  1 
ATOM   1461 C  C   . GLN A 1 178 ? -0.578  5.067   16.808  1.00 42.81  ? 178 GLN A C   1 
ATOM   1462 O  O   . GLN A 1 178 ? -1.373  4.307   17.374  1.00 34.26  ? 178 GLN A O   1 
ATOM   1463 C  CB  . GLN A 1 178 ? 0.859   6.204   18.494  1.00 43.24  ? 178 GLN A CB  1 
ATOM   1464 C  CG  . GLN A 1 178 ? 2.122   6.185   19.329  1.00 60.35  ? 178 GLN A CG  1 
ATOM   1465 C  CD  . GLN A 1 178 ? 1.909   6.789   20.698  1.00 64.68  ? 178 GLN A CD  1 
ATOM   1466 O  OE1 . GLN A 1 178 ? 2.600   6.445   21.658  1.00 81.35  ? 178 GLN A OE1 1 
ATOM   1467 N  NE2 . GLN A 1 178 ? 0.936   7.691   20.801  1.00 63.34  ? 178 GLN A NE2 1 
ATOM   1468 N  N   . SER A 1 179 ? -0.921  5.777   15.736  1.00 31.63  ? 179 SER A N   1 
ATOM   1469 C  CA  . SER A 1 179 ? -2.313  5.953   15.343  1.00 33.34  ? 179 SER A CA  1 
ATOM   1470 C  C   . SER A 1 179 ? -2.864  4.815   14.491  1.00 33.32  ? 179 SER A C   1 
ATOM   1471 O  O   . SER A 1 179 ? -4.074  4.781   14.236  1.00 34.39  ? 179 SER A O   1 
ATOM   1472 C  CB  . SER A 1 179 ? -2.455  7.283   14.602  1.00 35.32  ? 179 SER A CB  1 
ATOM   1473 O  OG  . SER A 1 179 ? -1.875  7.176   13.316  1.00 40.46  ? 179 SER A OG  1 
ATOM   1474 N  N   . GLU A 1 180 ? -2.029  3.881   14.048  1.00 34.38  ? 180 GLU A N   1 
ATOM   1475 C  CA  . GLU A 1 180 ? -2.543  2.795   13.231  1.00 28.79  ? 180 GLU A CA  1 
ATOM   1476 C  C   . GLU A 1 180 ? -3.488  1.917   14.034  1.00 42.19  ? 180 GLU A C   1 
ATOM   1477 O  O   . GLU A 1 180 ? -3.213  1.561   15.185  1.00 44.76  ? 180 GLU A O   1 
ATOM   1478 C  CB  . GLU A 1 180 ? -1.401  1.943   12.664  1.00 31.32  ? 180 GLU A CB  1 
ATOM   1479 C  CG  . GLU A 1 180 ? -1.877  0.923   11.633  1.00 28.76  ? 180 GLU A CG  1 
ATOM   1480 C  CD  . GLU A 1 180 ? -0.732  0.119   11.022  1.00 27.22  ? 180 GLU A CD  1 
ATOM   1481 O  OE1 . GLU A 1 180 ? 0.423   0.549   11.190  1.00 30.75  ? 180 GLU A OE1 1 
ATOM   1482 O  OE2 . GLU A 1 180 ? -1.007  -0.921  10.397  1.00 32.87  ? 180 GLU A OE2 1 
ATOM   1483 N  N   . ARG A 1 181 ? -4.611  1.578   13.423  1.00 39.46  ? 181 ARG A N   1 
ATOM   1484 C  CA  . ARG A 1 181 ? -5.553  0.651   14.029  1.00 46.92  ? 181 ARG A CA  1 
ATOM   1485 C  C   . ARG A 1 181 ? -5.445  -0.715  13.346  1.00 43.41  ? 181 ARG A C   1 
ATOM   1486 O  O   . ARG A 1 181 ? -5.279  -1.742  14.013  1.00 60.87  ? 181 ARG A O   1 
ATOM   1487 C  CB  . ARG A 1 181 ? -6.983  1.194   13.931  1.00 43.33  ? 181 ARG A CB  1 
ATOM   1488 C  CG  . ARG A 1 181 ? -7.153  2.627   14.440  1.00 52.47  ? 181 ARG A CG  1 
ATOM   1489 C  CD  . ARG A 1 181 ? -6.704  2.781   15.893  1.00 63.19  ? 181 ARG A CD  1 
ATOM   1490 N  NE  . ARG A 1 181 ? -7.784  2.475   16.833  1.00 73.39  ? 181 ARG A NE  1 
ATOM   1491 C  CZ  . ARG A 1 181 ? -7.645  2.446   18.157  1.00 74.73  ? 181 ARG A CZ  1 
ATOM   1492 N  NH1 . ARG A 1 181 ? -6.467  2.713   18.710  1.00 69.92  ? 181 ARG A NH1 1 
ATOM   1493 N  NH2 . ARG A 1 181 ? -8.686  2.153   18.933  1.00 63.61  ? 181 ARG A NH2 1 
HETATM 1494 S  S   . SO4 B 2 .   ? 9.826   2.280   15.740  1.00 69.77  ? 201 SO4 A S   1 
HETATM 1495 O  O1  . SO4 B 2 .   ? 9.479   3.188   16.831  1.00 68.87  ? 201 SO4 A O1  1 
HETATM 1496 O  O2  . SO4 B 2 .   ? 10.908  1.394   16.164  1.00 79.76  ? 201 SO4 A O2  1 
HETATM 1497 O  O3  . SO4 B 2 .   ? 8.650   1.485   15.372  1.00 60.79  ? 201 SO4 A O3  1 
HETATM 1498 O  O4  . SO4 B 2 .   ? 10.287  3.066   14.600  1.00 63.41  ? 201 SO4 A O4  1 
HETATM 1499 MN MN  . MN  C 3 .   ? -1.565  -1.444  4.294   1.00 79.74  ? 202 MN  A MN  1 
HETATM 1500 MN MN  . MN  D 3 .   ? -6.313  0.079   -0.406  1.00 114.14 ? 203 MN  A MN  1 
HETATM 1501 O  O   . HOH E 4 .   ? -13.851 -2.666  -1.523  1.00 48.58  ? 301 HOH A O   1 
HETATM 1502 O  O   . HOH E 4 .   ? -13.129 12.096  8.454   1.00 46.89  ? 302 HOH A O   1 
HETATM 1503 O  O   . HOH E 4 .   ? 2.804   -18.548 -9.751  1.00 44.42  ? 303 HOH A O   1 
HETATM 1504 O  O   . HOH E 4 .   ? -4.247  17.630  -4.659  1.00 47.57  ? 304 HOH A O   1 
HETATM 1505 O  O   . HOH E 4 .   ? -6.431  -15.608 3.195   1.00 41.44  ? 305 HOH A O   1 
HETATM 1506 O  O   . HOH E 4 .   ? 4.021   0.148   -13.392 1.00 37.58  ? 306 HOH A O   1 
HETATM 1507 O  O   . HOH E 4 .   ? -2.750  -14.663 -15.352 1.00 43.92  ? 307 HOH A O   1 
HETATM 1508 O  O   . HOH E 4 .   ? -10.211 14.273  -0.042  1.00 39.59  ? 308 HOH A O   1 
HETATM 1509 O  O   . HOH E 4 .   ? 5.706   -18.341 -7.066  1.00 44.34  ? 309 HOH A O   1 
HETATM 1510 O  O   . HOH E 4 .   ? -11.289 7.212   -5.599  1.00 44.40  ? 310 HOH A O   1 
HETATM 1511 O  O   . HOH E 4 .   ? 9.699   -15.504 5.074   1.00 34.05  ? 311 HOH A O   1 
HETATM 1512 O  O   . HOH E 4 .   ? -6.419  20.829  2.241   1.00 41.38  ? 312 HOH A O   1 
HETATM 1513 O  O   . HOH E 4 .   ? 7.517   -15.419 -7.157  1.00 37.70  ? 313 HOH A O   1 
HETATM 1514 O  O   . HOH E 4 .   ? -8.321  -11.961 -2.113  1.00 35.40  ? 314 HOH A O   1 
HETATM 1515 O  O   . HOH E 4 .   ? -1.480  -0.279  7.838   1.00 37.01  ? 315 HOH A O   1 
HETATM 1516 O  O   . HOH E 4 .   ? -5.941  4.159   -1.856  1.00 42.16  ? 316 HOH A O   1 
HETATM 1517 O  O   . HOH E 4 .   ? 4.002   13.122  16.535  1.00 27.66  ? 317 HOH A O   1 
HETATM 1518 O  O   . HOH E 4 .   ? 5.386   -11.419 -2.578  1.00 24.10  ? 318 HOH A O   1 
HETATM 1519 O  O   . HOH E 4 .   ? -12.266 -10.190 -20.779 1.00 45.17  ? 319 HOH A O   1 
HETATM 1520 O  O   . HOH E 4 .   ? 11.137  -0.591  5.303   1.00 31.87  ? 320 HOH A O   1 
HETATM 1521 O  O   . HOH E 4 .   ? -8.108  -9.370  -1.908  1.00 37.75  ? 321 HOH A O   1 
HETATM 1522 O  O   . HOH E 4 .   ? -8.739  0.947   -6.236  1.00 39.36  ? 322 HOH A O   1 
HETATM 1523 O  O   . HOH E 4 .   ? 9.737   -9.633  -13.017 1.00 46.62  ? 323 HOH A O   1 
HETATM 1524 O  O   . HOH E 4 .   ? -2.427  -0.948  -14.448 1.00 33.37  ? 324 HOH A O   1 
HETATM 1525 O  O   . HOH E 4 .   ? -8.469  -9.610  10.022  1.00 44.37  ? 325 HOH A O   1 
HETATM 1526 O  O   . HOH E 4 .   ? 1.575   17.178  13.930  1.00 35.70  ? 326 HOH A O   1 
HETATM 1527 O  O   . HOH E 4 .   ? -8.882  -8.261  -19.102 1.00 34.44  ? 327 HOH A O   1 
HETATM 1528 O  O   . HOH E 4 .   ? 3.039   -12.296 -6.917  1.00 30.58  ? 328 HOH A O   1 
HETATM 1529 O  O   . HOH E 4 .   ? 3.461   12.475  19.390  1.00 37.42  ? 329 HOH A O   1 
HETATM 1530 O  O   . HOH E 4 .   ? 9.789   -3.343  4.634   1.00 29.86  ? 330 HOH A O   1 
HETATM 1531 O  O   . HOH E 4 .   ? -6.976  -3.876  13.644  1.00 48.98  ? 331 HOH A O   1 
HETATM 1532 O  O   . HOH E 4 .   ? 10.807  -10.876 -9.891  1.00 35.40  ? 332 HOH A O   1 
HETATM 1533 O  O   . HOH E 4 .   ? -0.239  -17.026 -3.558  1.00 35.40  ? 333 HOH A O   1 
HETATM 1534 O  O   . HOH E 4 .   ? -5.884  22.182  5.585   1.00 41.64  ? 334 HOH A O   1 
HETATM 1535 O  O   . HOH E 4 .   ? 8.501   -13.685 -9.074  1.00 30.07  ? 335 HOH A O   1 
HETATM 1536 O  O   . HOH E 4 .   ? -6.928  -1.739  -3.745  1.00 38.76  ? 336 HOH A O   1 
HETATM 1537 O  O   . HOH E 4 .   ? 2.306   17.022  -3.611  1.00 37.61  ? 337 HOH A O   1 
HETATM 1538 O  O   . HOH E 4 .   ? 5.430   19.163  8.393   1.00 33.51  ? 338 HOH A O   1 
HETATM 1539 O  O   . HOH E 4 .   ? -5.255  -14.485 -6.871  1.00 34.35  ? 339 HOH A O   1 
HETATM 1540 O  O   . HOH E 4 .   ? -4.265  -15.705 9.377   1.00 41.42  ? 340 HOH A O   1 
HETATM 1541 O  O   . HOH E 4 .   ? 4.601   22.004  9.333   1.00 32.47  ? 341 HOH A O   1 
HETATM 1542 O  O   . HOH E 4 .   ? -10.625 5.320   -11.343 1.00 36.45  ? 342 HOH A O   1 
HETATM 1543 O  O   . HOH E 4 .   ? -17.941 -2.226  -10.741 1.00 38.83  ? 343 HOH A O   1 
HETATM 1544 O  O   . HOH E 4 .   ? -15.549 -5.897  -16.034 1.00 39.96  ? 344 HOH A O   1 
HETATM 1545 O  O   . HOH E 4 .   ? -10.762 14.500  2.601   1.00 39.63  ? 345 HOH A O   1 
HETATM 1546 O  O   . HOH E 4 .   ? -4.441  19.289  8.363   1.00 40.14  ? 346 HOH A O   1 
HETATM 1547 O  O   . HOH E 4 .   ? 0.423   2.718   4.651   1.00 30.10  ? 347 HOH A O   1 
HETATM 1548 O  O   . HOH E 4 .   ? -3.651  3.475   -0.395  1.00 34.11  ? 348 HOH A O   1 
HETATM 1549 O  O   . HOH E 4 .   ? 10.324  0.515   -8.107  1.00 34.98  ? 349 HOH A O   1 
HETATM 1550 O  O   . HOH E 4 .   ? -13.459 -7.480  -19.949 1.00 38.67  ? 350 HOH A O   1 
HETATM 1551 O  O   . HOH E 4 .   ? 1.810   12.666  13.008  1.00 28.12  ? 351 HOH A O   1 
HETATM 1552 O  O   . HOH E 4 .   ? 0.585   -18.508 -6.638  1.00 42.54  ? 352 HOH A O   1 
HETATM 1553 O  O   . HOH E 4 .   ? -3.275  -2.401  11.292  1.00 33.41  ? 353 HOH A O   1 
HETATM 1554 O  O   . HOH E 4 .   ? 3.983   -3.631  -13.856 1.00 30.31  ? 354 HOH A O   1 
HETATM 1555 O  O   . HOH E 4 .   ? 5.791   10.247  -4.303  1.00 36.87  ? 355 HOH A O   1 
HETATM 1556 O  O   . HOH E 4 .   ? 1.109   2.339   7.142   1.00 31.59  ? 356 HOH A O   1 
HETATM 1557 O  O   . HOH E 4 .   ? 14.156  4.449   -2.635  1.00 37.57  ? 357 HOH A O   1 
HETATM 1558 O  O   . HOH E 4 .   ? -2.170  -4.819  -19.252 1.00 40.96  ? 358 HOH A O   1 
HETATM 1559 O  O   . HOH E 4 .   ? 4.318   -18.900 -3.547  1.00 37.35  ? 359 HOH A O   1 
HETATM 1560 O  O   . HOH E 4 .   ? 15.124  11.684  11.603  1.00 41.28  ? 360 HOH A O   1 
HETATM 1561 O  O   . HOH E 4 .   ? -0.554  -3.386  17.486  1.00 43.13  ? 361 HOH A O   1 
HETATM 1562 O  O   . HOH E 4 .   ? 18.203  -1.120  -4.472  1.00 40.42  ? 362 HOH A O   1 
HETATM 1563 O  O   . HOH E 4 .   ? 7.725   -6.031  12.217  1.00 37.52  ? 363 HOH A O   1 
HETATM 1564 O  O   . HOH E 4 .   ? 12.450  -8.176  -9.313  1.00 38.47  ? 364 HOH A O   1 
HETATM 1565 O  O   . HOH E 4 .   ? 11.786  -9.219  7.620   1.00 41.25  ? 365 HOH A O   1 
HETATM 1566 O  O   . HOH E 4 .   ? -10.632 -13.486 -1.440  1.00 44.09  ? 366 HOH A O   1 
HETATM 1567 O  O   . HOH E 4 .   ? 2.080   -18.699 3.947   1.00 42.13  ? 367 HOH A O   1 
HETATM 1568 O  O   . HOH E 4 .   ? 2.886   -1.416  -19.899 1.00 46.04  ? 368 HOH A O   1 
HETATM 1569 O  O   . HOH E 4 .   ? -5.717  9.973   10.990  1.00 33.02  ? 369 HOH A O   1 
HETATM 1570 O  O   . HOH E 4 .   ? -6.282  -9.107  -18.091 1.00 32.67  ? 370 HOH A O   1 
HETATM 1571 O  O   . HOH E 4 .   ? 16.991  -11.522 -4.883  1.00 25.95  ? 371 HOH A O   1 
HETATM 1572 O  O   . HOH E 4 .   ? 8.360   11.918  16.161  1.00 32.13  ? 372 HOH A O   1 
HETATM 1573 O  O   . HOH E 4 .   ? -8.946  3.802   -13.502 1.00 38.35  ? 373 HOH A O   1 
HETATM 1574 O  O   . HOH E 4 .   ? 15.705  -10.096 2.681   1.00 30.31  ? 374 HOH A O   1 
HETATM 1575 O  O   . HOH E 4 .   ? 8.244   15.991  2.759   1.00 42.01  ? 375 HOH A O   1 
HETATM 1576 O  O   . HOH E 4 .   ? -4.687  11.991  12.585  1.00 40.68  ? 376 HOH A O   1 
HETATM 1577 O  O   . HOH E 4 .   ? 8.858   20.461  12.021  1.00 38.84  ? 377 HOH A O   1 
HETATM 1578 O  O   . HOH E 4 .   ? 17.800  0.698   -2.381  1.00 43.59  ? 378 HOH A O   1 
HETATM 1579 O  O   . HOH E 4 .   ? -3.747  4.451   9.381   1.00 41.86  ? 379 HOH A O   1 
HETATM 1580 O  O   . HOH E 4 .   ? -1.743  1.330   4.618   1.00 38.09  ? 380 HOH A O   1 
HETATM 1581 O  O   . HOH E 4 .   ? -18.412 -6.000  -4.810  1.00 53.47  ? 381 HOH A O   1 
HETATM 1582 O  O   . HOH E 4 .   ? -18.946 -2.234  -8.094  1.00 41.98  ? 382 HOH A O   1 
HETATM 1583 O  O   . HOH E 4 .   ? -4.193  -10.700 -19.811 1.00 40.91  ? 383 HOH A O   1 
HETATM 1584 O  O   . HOH E 4 .   ? -2.027  -9.390  -20.273 1.00 49.98  ? 384 HOH A O   1 
# 
loop_
_pdbx_poly_seq_scheme.asym_id 
_pdbx_poly_seq_scheme.entity_id 
_pdbx_poly_seq_scheme.seq_id 
_pdbx_poly_seq_scheme.mon_id 
_pdbx_poly_seq_scheme.ndb_seq_num 
_pdbx_poly_seq_scheme.pdb_seq_num 
_pdbx_poly_seq_scheme.auth_seq_num 
_pdbx_poly_seq_scheme.pdb_mon_id 
_pdbx_poly_seq_scheme.auth_mon_id 
_pdbx_poly_seq_scheme.pdb_strand_id 
_pdbx_poly_seq_scheme.pdb_ins_code 
_pdbx_poly_seq_scheme.hetero 
A 1 1   GLY 1   1   1   GLY GLY A . n 
A 1 2   PRO 2   2   2   PRO PRO A . n 
A 1 3   LEU 3   3   3   LEU LEU A . n 
A 1 4   GLY 4   4   4   GLY GLY A . n 
A 1 5   SER 5   5   5   SER SER A . n 
A 1 6   MET 6   6   6   MET MET A . n 
A 1 7   GLU 7   7   7   GLU GLU A . n 
A 1 8   ASP 8   8   8   ASP ASP A . n 
A 1 9   PHE 9   9   9   PHE PHE A . n 
A 1 10  VAL 10  10  10  VAL VAL A . n 
A 1 11  ARG 11  11  11  ARG ARG A . n 
A 1 12  GLN 12  12  12  GLN GLN A . n 
A 1 13  CYS 13  13  13  CYS CYS A . n 
A 1 14  PHE 14  14  14  PHE PHE A . n 
A 1 15  ASN 15  15  15  ASN ASN A . n 
A 1 16  PRO 16  16  16  PRO PRO A . n 
A 1 17  MET 17  17  17  MET MET A . n 
A 1 18  ILE 18  18  18  ILE ILE A . n 
A 1 19  VAL 19  19  19  VAL VAL A . n 
A 1 20  GLU 20  20  20  GLU GLU A . n 
A 1 21  LEU 21  21  21  LEU LEU A . n 
A 1 22  ALA 22  22  22  ALA ALA A . n 
A 1 23  GLU 23  23  23  GLU GLU A . n 
A 1 24  LYS 24  24  24  LYS LYS A . n 
A 1 25  THR 25  25  25  THR THR A . n 
A 1 26  MET 26  26  26  MET MET A . n 
A 1 27  LYS 27  27  27  LYS LYS A . n 
A 1 28  GLU 28  28  28  GLU GLU A . n 
A 1 29  TYR 29  29  29  TYR TYR A . n 
A 1 30  GLY 30  30  30  GLY GLY A . n 
A 1 31  GLU 31  31  31  GLU GLU A . n 
A 1 32  ASP 32  32  32  ASP ASP A . n 
A 1 33  LEU 33  33  33  LEU LEU A . n 
A 1 34  LYS 34  34  34  LYS LYS A . n 
A 1 35  ILE 35  35  35  ILE ILE A . n 
A 1 36  GLU 36  36  36  GLU GLU A . n 
A 1 37  THR 37  37  37  THR THR A . n 
A 1 38  ASN 38  38  38  ASN ASN A . n 
A 1 39  LYS 39  39  39  LYS LYS A . n 
A 1 40  PHE 40  40  40  PHE PHE A . n 
A 1 41  ALA 41  41  41  ALA ALA A . n 
A 1 42  ALA 42  42  42  ALA ALA A . n 
A 1 43  ILE 43  43  43  ILE ILE A . n 
A 1 44  CYS 44  44  44  CYS CYS A . n 
A 1 45  THR 45  45  45  THR THR A . n 
A 1 46  HIS 46  46  46  HIS HIS A . n 
A 1 47  LEU 47  47  47  LEU LEU A . n 
A 1 48  GLU 48  48  48  GLU GLU A . n 
A 1 49  VAL 49  49  49  VAL VAL A . n 
A 1 50  CYS 50  50  50  CYS CYS A . n 
A 1 51  PHE 51  51  51  PHE PHE A . n 
A 1 52  MET 52  52  52  MET MET A . n 
A 1 53  TYR 53  53  53  TYR TYR A . n 
A 1 54  SER 54  54  54  SER SER A . n 
A 1 55  ASP 55  55  55  ASP ASP A . n 
A 1 56  ALA 56  56  56  ALA ALA A . n 
A 1 57  SER 57  57  57  SER SER A . n 
A 1 58  LYS 58  58  58  LYS LYS A . n 
A 1 59  HIS 59  59  59  HIS HIS A . n 
A 1 60  ARG 60  60  60  ARG ARG A . n 
A 1 61  PHE 61  61  61  PHE PHE A . n 
A 1 62  GLU 62  62  62  GLU GLU A . n 
A 1 63  ILE 63  63  63  ILE ILE A . n 
A 1 64  ILE 64  64  64  ILE ILE A . n 
A 1 65  GLU 65  65  65  GLU GLU A . n 
A 1 66  GLY 66  66  66  GLY GLY A . n 
A 1 67  ARG 67  67  67  ARG ARG A . n 
A 1 68  ASP 68  68  68  ASP ASP A . n 
A 1 69  ARG 69  69  69  ARG ARG A . n 
A 1 70  THR 70  70  70  THR THR A . n 
A 1 71  MET 71  71  71  MET MET A . n 
A 1 72  ALA 72  72  72  ALA ALA A . n 
A 1 73  TRP 73  73  73  TRP TRP A . n 
A 1 74  THR 74  74  74  THR THR A . n 
A 1 75  VAL 75  75  75  VAL VAL A . n 
A 1 76  VAL 76  76  76  VAL VAL A . n 
A 1 77  ASN 77  77  77  ASN ASN A . n 
A 1 78  SER 78  78  78  SER SER A . n 
A 1 79  ILE 79  79  79  ILE ILE A . n 
A 1 80  CYS 80  80  80  CYS CYS A . n 
A 1 81  ASN 81  81  81  ASN ASN A . n 
A 1 82  THR 82  82  82  THR THR A . n 
A 1 83  THR 83  83  83  THR THR A . n 
A 1 84  GLY 84  84  84  GLY GLY A . n 
A 1 85  ALA 85  85  85  ALA ALA A . n 
A 1 86  GLU 86  86  86  GLU GLU A . n 
A 1 87  LYS 87  87  87  LYS LYS A . n 
A 1 88  PRO 88  88  88  PRO PRO A . n 
A 1 89  LYS 89  89  89  LYS LYS A . n 
A 1 90  PHE 90  90  90  PHE PHE A . n 
A 1 91  LEU 91  91  91  LEU LEU A . n 
A 1 92  PRO 92  92  92  PRO PRO A . n 
A 1 93  ASP 93  93  93  ASP ASP A . n 
A 1 94  LEU 94  94  94  LEU LEU A . n 
A 1 95  TYR 95  95  95  TYR TYR A . n 
A 1 96  ASP 96  96  96  ASP ASP A . n 
A 1 97  TYR 97  97  97  TYR TYR A . n 
A 1 98  LYS 98  98  98  LYS LYS A . n 
A 1 99  GLU 99  99  99  GLU GLU A . n 
A 1 100 ASN 100 100 100 ASN ASN A . n 
A 1 101 ARG 101 101 101 ARG ARG A . n 
A 1 102 PHE 102 102 102 PHE PHE A . n 
A 1 103 ILE 103 103 103 ILE ILE A . n 
A 1 104 GLU 104 104 104 GLU GLU A . n 
A 1 105 ILE 105 105 105 ILE ILE A . n 
A 1 106 GLY 106 106 106 GLY GLY A . n 
A 1 107 VAL 107 107 107 VAL VAL A . n 
A 1 108 THR 108 108 108 THR THR A . n 
A 1 109 ARG 109 109 109 ARG ARG A . n 
A 1 110 ARG 110 110 110 ARG ARG A . n 
A 1 111 GLU 111 111 111 GLU GLU A . n 
A 1 112 VAL 112 112 112 VAL VAL A . n 
A 1 113 HIS 113 113 113 HIS HIS A . n 
A 1 114 ILE 114 114 114 ILE ILE A . n 
A 1 115 TYR 115 115 115 TYR TYR A . n 
A 1 116 TYR 116 116 116 TYR TYR A . n 
A 1 117 LEU 117 117 117 LEU LEU A . n 
A 1 118 GLU 118 118 118 GLU GLU A . n 
A 1 119 LYS 119 119 119 LYS LYS A . n 
A 1 120 ALA 120 120 120 ALA ALA A . n 
A 1 121 ASN 121 121 121 ASN ASN A . n 
A 1 122 LYS 122 122 122 LYS LYS A . n 
A 1 123 ILE 123 123 123 ILE ILE A . n 
A 1 124 LYS 124 124 124 LYS LYS A . n 
A 1 125 SER 125 125 125 SER SER A . n 
A 1 126 GLU 126 126 126 GLU GLU A . n 
A 1 127 LYS 127 127 127 LYS LYS A . n 
A 1 128 THR 128 128 128 THR THR A . n 
A 1 129 HIS 129 129 129 HIS HIS A . n 
A 1 130 ILE 130 130 130 ILE ILE A . n 
A 1 131 HIS 131 131 131 HIS HIS A . n 
A 1 132 ILE 132 132 132 ILE ILE A . n 
A 1 133 PHE 133 133 133 PHE PHE A . n 
A 1 134 SER 134 134 134 SER SER A . n 
A 1 135 PHE 135 135 135 PHE PHE A . n 
A 1 136 THR 136 136 136 THR THR A . n 
A 1 137 GLY 137 137 137 GLY GLY A . n 
A 1 138 GLU 138 138 138 GLU GLU A . n 
A 1 139 GLU 139 139 139 GLU GLU A . n 
A 1 140 MET 140 140 140 MET MET A . n 
A 1 141 ALA 141 141 141 ALA ALA A . n 
A 1 142 THR 142 142 142 THR THR A . n 
A 1 143 LYS 143 143 143 LYS LYS A . n 
A 1 144 ALA 144 144 144 ALA ALA A . n 
A 1 145 ASP 145 145 145 ASP ASP A . n 
A 1 146 TYR 146 146 146 TYR TYR A . n 
A 1 147 THR 147 147 147 THR THR A . n 
A 1 148 LEU 148 148 148 LEU LEU A . n 
A 1 149 ASP 149 149 149 ASP ASP A . n 
A 1 150 GLU 150 150 150 GLU GLU A . n 
A 1 151 GLU 151 151 151 GLU GLU A . n 
A 1 152 SER 152 152 152 SER SER A . n 
A 1 153 ARG 153 153 153 ARG ARG A . n 
A 1 154 ALA 154 154 154 ALA ALA A . n 
A 1 155 ARG 155 155 155 ARG ARG A . n 
A 1 156 ILE 156 156 156 ILE ILE A . n 
A 1 157 LYS 157 157 157 LYS LYS A . n 
A 1 158 THR 158 158 158 THR THR A . n 
A 1 159 ARG 159 159 159 ARG ARG A . n 
A 1 160 LEU 160 160 160 LEU LEU A . n 
A 1 161 PHE 161 161 161 PHE PHE A . n 
A 1 162 THR 162 162 162 THR THR A . n 
A 1 163 ILE 163 163 163 ILE ILE A . n 
A 1 164 ARG 164 164 164 ARG ARG A . n 
A 1 165 GLN 165 165 165 GLN GLN A . n 
A 1 166 GLU 166 166 166 GLU GLU A . n 
A 1 167 MET 167 167 167 MET MET A . n 
A 1 168 ALA 168 168 168 ALA ALA A . n 
A 1 169 SER 169 169 169 SER SER A . n 
A 1 170 ARG 170 170 170 ARG ARG A . n 
A 1 171 GLY 171 171 171 GLY GLY A . n 
A 1 172 LEU 172 172 172 LEU LEU A . n 
A 1 173 TRP 173 173 173 TRP TRP A . n 
A 1 174 ASP 174 174 174 ASP ASP A . n 
A 1 175 SER 175 175 175 SER SER A . n 
A 1 176 PHE 176 176 176 PHE PHE A . n 
A 1 177 ARG 177 177 177 ARG ARG A . n 
A 1 178 GLN 178 178 178 GLN GLN A . n 
A 1 179 SER 179 179 179 SER SER A . n 
A 1 180 GLU 180 180 180 GLU GLU A . n 
A 1 181 ARG 181 181 181 ARG ARG A . n 
A 1 182 GLY 182 182 ?   ?   ?   A . n 
A 1 183 ALA 183 183 ?   ?   ?   A . n 
A 1 184 ALA 184 184 ?   ?   ?   A . n 
A 1 185 GLU 185 185 ?   ?   ?   A . n 
A 1 186 LEU 186 186 ?   ?   ?   A . n 
A 1 187 ALA 187 187 ?   ?   ?   A . n 
A 1 188 LEU 188 188 ?   ?   ?   A . n 
A 1 189 VAL 189 189 ?   ?   ?   A . n 
A 1 190 PRO 190 190 ?   ?   ?   A . n 
A 1 191 ARG 191 191 ?   ?   ?   A . n 
# 
_pdbx_contact_author.id                 2 
_pdbx_contact_author.email              hoshino@chiba-u.jp 
_pdbx_contact_author.name_first         Tyuji 
_pdbx_contact_author.name_last          Hoshino 
_pdbx_contact_author.name_mi            ? 
_pdbx_contact_author.role               'principal investigator/group leader' 
_pdbx_contact_author.identifier_ORCID   0000-0003-4705-4412 
# 
loop_
_pdbx_nonpoly_scheme.asym_id 
_pdbx_nonpoly_scheme.entity_id 
_pdbx_nonpoly_scheme.mon_id 
_pdbx_nonpoly_scheme.ndb_seq_num 
_pdbx_nonpoly_scheme.pdb_seq_num 
_pdbx_nonpoly_scheme.auth_seq_num 
_pdbx_nonpoly_scheme.pdb_mon_id 
_pdbx_nonpoly_scheme.auth_mon_id 
_pdbx_nonpoly_scheme.pdb_strand_id 
_pdbx_nonpoly_scheme.pdb_ins_code 
B 2 SO4 1  201 201 SO4 SO4 A . 
C 3 MN  1  202 1   MN  MN  A . 
D 3 MN  1  203 2   MN  MN  A . 
E 4 HOH 1  301 82  HOH HOH A . 
E 4 HOH 2  302 56  HOH HOH A . 
E 4 HOH 3  303 39  HOH HOH A . 
E 4 HOH 4  304 64  HOH HOH A . 
E 4 HOH 5  305 41  HOH HOH A . 
E 4 HOH 6  306 23  HOH HOH A . 
E 4 HOH 7  307 43  HOH HOH A . 
E 4 HOH 8  308 69  HOH HOH A . 
E 4 HOH 9  309 65  HOH HOH A . 
E 4 HOH 10 310 52  HOH HOH A . 
E 4 HOH 11 311 25  HOH HOH A . 
E 4 HOH 12 312 67  HOH HOH A . 
E 4 HOH 13 313 55  HOH HOH A . 
E 4 HOH 14 314 30  HOH HOH A . 
E 4 HOH 15 315 46  HOH HOH A . 
E 4 HOH 16 316 66  HOH HOH A . 
E 4 HOH 17 317 3   HOH HOH A . 
E 4 HOH 18 318 1   HOH HOH A . 
E 4 HOH 19 319 61  HOH HOH A . 
E 4 HOH 20 320 35  HOH HOH A . 
E 4 HOH 21 321 42  HOH HOH A . 
E 4 HOH 22 322 54  HOH HOH A . 
E 4 HOH 23 323 36  HOH HOH A . 
E 4 HOH 24 324 11  HOH HOH A . 
E 4 HOH 25 325 53  HOH HOH A . 
E 4 HOH 26 326 12  HOH HOH A . 
E 4 HOH 27 327 7   HOH HOH A . 
E 4 HOH 28 328 2   HOH HOH A . 
E 4 HOH 29 329 33  HOH HOH A . 
E 4 HOH 30 330 9   HOH HOH A . 
E 4 HOH 31 331 84  HOH HOH A . 
E 4 HOH 32 332 60  HOH HOH A . 
E 4 HOH 33 333 21  HOH HOH A . 
E 4 HOH 34 334 31  HOH HOH A . 
E 4 HOH 35 335 5   HOH HOH A . 
E 4 HOH 36 336 77  HOH HOH A . 
E 4 HOH 37 337 58  HOH HOH A . 
E 4 HOH 38 338 20  HOH HOH A . 
E 4 HOH 39 339 48  HOH HOH A . 
E 4 HOH 40 340 57  HOH HOH A . 
E 4 HOH 41 341 14  HOH HOH A . 
E 4 HOH 42 342 18  HOH HOH A . 
E 4 HOH 43 343 79  HOH HOH A . 
E 4 HOH 44 344 45  HOH HOH A . 
E 4 HOH 45 345 24  HOH HOH A . 
E 4 HOH 46 346 75  HOH HOH A . 
E 4 HOH 47 347 16  HOH HOH A . 
E 4 HOH 48 348 22  HOH HOH A . 
E 4 HOH 49 349 27  HOH HOH A . 
E 4 HOH 50 350 38  HOH HOH A . 
E 4 HOH 51 351 4   HOH HOH A . 
E 4 HOH 52 352 50  HOH HOH A . 
E 4 HOH 53 353 10  HOH HOH A . 
E 4 HOH 54 354 8   HOH HOH A . 
E 4 HOH 55 355 17  HOH HOH A . 
E 4 HOH 56 356 13  HOH HOH A . 
E 4 HOH 57 357 73  HOH HOH A . 
E 4 HOH 58 358 76  HOH HOH A . 
E 4 HOH 59 359 59  HOH HOH A . 
E 4 HOH 60 360 37  HOH HOH A . 
E 4 HOH 61 361 49  HOH HOH A . 
E 4 HOH 62 362 63  HOH HOH A . 
E 4 HOH 63 363 34  HOH HOH A . 
E 4 HOH 64 364 70  HOH HOH A . 
E 4 HOH 65 365 51  HOH HOH A . 
E 4 HOH 66 366 71  HOH HOH A . 
E 4 HOH 67 367 29  HOH HOH A . 
E 4 HOH 68 368 83  HOH HOH A . 
E 4 HOH 69 369 28  HOH HOH A . 
E 4 HOH 70 370 44  HOH HOH A . 
E 4 HOH 71 371 6   HOH HOH A . 
E 4 HOH 72 372 15  HOH HOH A . 
E 4 HOH 73 373 19  HOH HOH A . 
E 4 HOH 74 374 81  HOH HOH A . 
E 4 HOH 75 375 85  HOH HOH A . 
E 4 HOH 76 376 62  HOH HOH A . 
E 4 HOH 77 377 68  HOH HOH A . 
E 4 HOH 78 378 47  HOH HOH A . 
E 4 HOH 79 379 32  HOH HOH A . 
E 4 HOH 80 380 26  HOH HOH A . 
E 4 HOH 81 381 80  HOH HOH A . 
E 4 HOH 82 382 78  HOH HOH A . 
E 4 HOH 83 383 40  HOH HOH A . 
E 4 HOH 84 384 72  HOH HOH A . 
# 
_pdbx_struct_assembly.id                   1 
_pdbx_struct_assembly.details              author_and_software_defined_assembly 
_pdbx_struct_assembly.method_details       PISA 
_pdbx_struct_assembly.oligomeric_details   monomeric 
_pdbx_struct_assembly.oligomeric_count     1 
# 
_pdbx_struct_assembly_gen.assembly_id       1 
_pdbx_struct_assembly_gen.oper_expression   1 
_pdbx_struct_assembly_gen.asym_id_list      A,B,C,D,E 
# 
loop_
_pdbx_struct_assembly_prop.biol_id 
_pdbx_struct_assembly_prop.type 
_pdbx_struct_assembly_prop.value 
_pdbx_struct_assembly_prop.details 
1 'ABSA (A^2)' 180  ? 
1 MORE         -12  ? 
1 'SSA (A^2)'  9840 ? 
# 
_pdbx_struct_oper_list.id                   1 
_pdbx_struct_oper_list.type                 'identity operation' 
_pdbx_struct_oper_list.name                 1_555 
_pdbx_struct_oper_list.symmetry_operation   x,y,z 
_pdbx_struct_oper_list.matrix[1][1]         1.0000000000 
_pdbx_struct_oper_list.matrix[1][2]         0.0000000000 
_pdbx_struct_oper_list.matrix[1][3]         0.0000000000 
_pdbx_struct_oper_list.vector[1]            0.0000000000 
_pdbx_struct_oper_list.matrix[2][1]         0.0000000000 
_pdbx_struct_oper_list.matrix[2][2]         1.0000000000 
_pdbx_struct_oper_list.matrix[2][3]         0.0000000000 
_pdbx_struct_oper_list.vector[2]            0.0000000000 
_pdbx_struct_oper_list.matrix[3][1]         0.0000000000 
_pdbx_struct_oper_list.matrix[3][2]         0.0000000000 
_pdbx_struct_oper_list.matrix[3][3]         1.0000000000 
_pdbx_struct_oper_list.vector[3]            0.0000000000 
# 
loop_
_pdbx_audit_revision_history.ordinal 
_pdbx_audit_revision_history.data_content_type 
_pdbx_audit_revision_history.major_revision 
_pdbx_audit_revision_history.minor_revision 
_pdbx_audit_revision_history.revision_date 
1 'Structure model' 1 0 2022-04-20 
2 'Structure model' 1 1 2022-11-02 
3 'Structure model' 1 2 2023-11-29 
# 
_pdbx_audit_revision_details.ordinal             1 
_pdbx_audit_revision_details.revision_ordinal    1 
_pdbx_audit_revision_details.data_content_type   'Structure model' 
_pdbx_audit_revision_details.provider            repository 
_pdbx_audit_revision_details.type                'Initial release' 
_pdbx_audit_revision_details.description         ? 
_pdbx_audit_revision_details.details             ? 
# 
loop_
_pdbx_audit_revision_group.ordinal 
_pdbx_audit_revision_group.revision_ordinal 
_pdbx_audit_revision_group.data_content_type 
_pdbx_audit_revision_group.group 
1 2 'Structure model' 'Database references'    
2 3 'Structure model' 'Data collection'        
3 3 'Structure model' 'Refinement description' 
# 
loop_
_pdbx_audit_revision_category.ordinal 
_pdbx_audit_revision_category.revision_ordinal 
_pdbx_audit_revision_category.data_content_type 
_pdbx_audit_revision_category.category 
1 2 'Structure model' citation                      
2 3 'Structure model' chem_comp_atom                
3 3 'Structure model' chem_comp_bond                
4 3 'Structure model' pdbx_initial_refinement_model 
# 
loop_
_pdbx_audit_revision_item.ordinal 
_pdbx_audit_revision_item.revision_ordinal 
_pdbx_audit_revision_item.data_content_type 
_pdbx_audit_revision_item.item 
1 2 'Structure model' '_citation.country'              
2 2 'Structure model' '_citation.journal_abbrev'       
3 2 'Structure model' '_citation.journal_id_CSD'       
4 2 'Structure model' '_citation.journal_id_ISSN'      
5 2 'Structure model' '_citation.pdbx_database_id_DOI' 
6 2 'Structure model' '_citation.title'                
7 2 'Structure model' '_citation.year'                 
# 
loop_
_software.citation_id 
_software.classification 
_software.compiler_name 
_software.compiler_version 
_software.contact_author 
_software.contact_author_email 
_software.date 
_software.description 
_software.dependencies 
_software.hardware 
_software.language 
_software.location 
_software.mods 
_software.name 
_software.os 
_software.os_version 
_software.type 
_software.version 
_software.pdbx_ordinal 
? refinement        ? ? ? ? ? ? ? ? ? ? ? PHENIX      ? ? ? 1.13   1 
? 'data reduction'  ? ? ? ? ? ? ? ? ? ? ? XDS         ? ? ? .      2 
? 'data scaling'    ? ? ? ? ? ? ? ? ? ? ? Aimless     ? ? ? 0.1.27 3 
? 'data extraction' ? ? ? ? ? ? ? ? ? ? ? PDB_EXTRACT ? ? ? 3.27   4 
? phasing           ? ? ? ? ? ? ? ? ? ? ? MOLREP      ? ? ? .      5 
# 
_pdbx_entry_details.entry_id                 7XGC 
_pdbx_entry_details.has_ligand_of_interest   N 
_pdbx_entry_details.compound_details         ? 
_pdbx_entry_details.source_details           ? 
_pdbx_entry_details.nonpolymer_details       ? 
_pdbx_entry_details.sequence_details         ? 
# 
loop_
_pdbx_validate_torsion.id 
_pdbx_validate_torsion.PDB_model_num 
_pdbx_validate_torsion.auth_comp_id 
_pdbx_validate_torsion.auth_asym_id 
_pdbx_validate_torsion.auth_seq_id 
_pdbx_validate_torsion.PDB_ins_code 
_pdbx_validate_torsion.label_alt_id 
_pdbx_validate_torsion.phi 
_pdbx_validate_torsion.psi 
1 1 HIS A 59  ? ? 80.72 -13.81 
2 1 THR A 147 ? ? 66.51 -61.84 
# 
loop_
_pdbx_unobs_or_zero_occ_residues.id 
_pdbx_unobs_or_zero_occ_residues.PDB_model_num 
_pdbx_unobs_or_zero_occ_residues.polymer_flag 
_pdbx_unobs_or_zero_occ_residues.occupancy_flag 
_pdbx_unobs_or_zero_occ_residues.auth_asym_id 
_pdbx_unobs_or_zero_occ_residues.auth_comp_id 
_pdbx_unobs_or_zero_occ_residues.auth_seq_id 
_pdbx_unobs_or_zero_occ_residues.PDB_ins_code 
_pdbx_unobs_or_zero_occ_residues.label_asym_id 
_pdbx_unobs_or_zero_occ_residues.label_comp_id 
_pdbx_unobs_or_zero_occ_residues.label_seq_id 
1  1 Y 1 A GLY 182 ? A GLY 182 
2  1 Y 1 A ALA 183 ? A ALA 183 
3  1 Y 1 A ALA 184 ? A ALA 184 
4  1 Y 1 A GLU 185 ? A GLU 185 
5  1 Y 1 A LEU 186 ? A LEU 186 
6  1 Y 1 A ALA 187 ? A ALA 187 
7  1 Y 1 A LEU 188 ? A LEU 188 
8  1 Y 1 A VAL 189 ? A VAL 189 
9  1 Y 1 A PRO 190 ? A PRO 190 
10 1 Y 1 A ARG 191 ? A ARG 191 
# 
loop_
_chem_comp_atom.comp_id 
_chem_comp_atom.atom_id 
_chem_comp_atom.type_symbol 
_chem_comp_atom.pdbx_aromatic_flag 
_chem_comp_atom.pdbx_stereo_config 
_chem_comp_atom.pdbx_ordinal 
ALA N    N  N N 1   
ALA CA   C  N S 2   
ALA C    C  N N 3   
ALA O    O  N N 4   
ALA CB   C  N N 5   
ALA OXT  O  N N 6   
ALA H    H  N N 7   
ALA H2   H  N N 8   
ALA HA   H  N N 9   
ALA HB1  H  N N 10  
ALA HB2  H  N N 11  
ALA HB3  H  N N 12  
ALA HXT  H  N N 13  
ARG N    N  N N 14  
ARG CA   C  N S 15  
ARG C    C  N N 16  
ARG O    O  N N 17  
ARG CB   C  N N 18  
ARG CG   C  N N 19  
ARG CD   C  N N 20  
ARG NE   N  N N 21  
ARG CZ   C  N N 22  
ARG NH1  N  N N 23  
ARG NH2  N  N N 24  
ARG OXT  O  N N 25  
ARG H    H  N N 26  
ARG H2   H  N N 27  
ARG HA   H  N N 28  
ARG HB2  H  N N 29  
ARG HB3  H  N N 30  
ARG HG2  H  N N 31  
ARG HG3  H  N N 32  
ARG HD2  H  N N 33  
ARG HD3  H  N N 34  
ARG HE   H  N N 35  
ARG HH11 H  N N 36  
ARG HH12 H  N N 37  
ARG HH21 H  N N 38  
ARG HH22 H  N N 39  
ARG HXT  H  N N 40  
ASN N    N  N N 41  
ASN CA   C  N S 42  
ASN C    C  N N 43  
ASN O    O  N N 44  
ASN CB   C  N N 45  
ASN CG   C  N N 46  
ASN OD1  O  N N 47  
ASN ND2  N  N N 48  
ASN OXT  O  N N 49  
ASN H    H  N N 50  
ASN H2   H  N N 51  
ASN HA   H  N N 52  
ASN HB2  H  N N 53  
ASN HB3  H  N N 54  
ASN HD21 H  N N 55  
ASN HD22 H  N N 56  
ASN HXT  H  N N 57  
ASP N    N  N N 58  
ASP CA   C  N S 59  
ASP C    C  N N 60  
ASP O    O  N N 61  
ASP CB   C  N N 62  
ASP CG   C  N N 63  
ASP OD1  O  N N 64  
ASP OD2  O  N N 65  
ASP OXT  O  N N 66  
ASP H    H  N N 67  
ASP H2   H  N N 68  
ASP HA   H  N N 69  
ASP HB2  H  N N 70  
ASP HB3  H  N N 71  
ASP HD2  H  N N 72  
ASP HXT  H  N N 73  
CYS N    N  N N 74  
CYS CA   C  N R 75  
CYS C    C  N N 76  
CYS O    O  N N 77  
CYS CB   C  N N 78  
CYS SG   S  N N 79  
CYS OXT  O  N N 80  
CYS H    H  N N 81  
CYS H2   H  N N 82  
CYS HA   H  N N 83  
CYS HB2  H  N N 84  
CYS HB3  H  N N 85  
CYS HG   H  N N 86  
CYS HXT  H  N N 87  
GLN N    N  N N 88  
GLN CA   C  N S 89  
GLN C    C  N N 90  
GLN O    O  N N 91  
GLN CB   C  N N 92  
GLN CG   C  N N 93  
GLN CD   C  N N 94  
GLN OE1  O  N N 95  
GLN NE2  N  N N 96  
GLN OXT  O  N N 97  
GLN H    H  N N 98  
GLN H2   H  N N 99  
GLN HA   H  N N 100 
GLN HB2  H  N N 101 
GLN HB3  H  N N 102 
GLN HG2  H  N N 103 
GLN HG3  H  N N 104 
GLN HE21 H  N N 105 
GLN HE22 H  N N 106 
GLN HXT  H  N N 107 
GLU N    N  N N 108 
GLU CA   C  N S 109 
GLU C    C  N N 110 
GLU O    O  N N 111 
GLU CB   C  N N 112 
GLU CG   C  N N 113 
GLU CD   C  N N 114 
GLU OE1  O  N N 115 
GLU OE2  O  N N 116 
GLU OXT  O  N N 117 
GLU H    H  N N 118 
GLU H2   H  N N 119 
GLU HA   H  N N 120 
GLU HB2  H  N N 121 
GLU HB3  H  N N 122 
GLU HG2  H  N N 123 
GLU HG3  H  N N 124 
GLU HE2  H  N N 125 
GLU HXT  H  N N 126 
GLY N    N  N N 127 
GLY CA   C  N N 128 
GLY C    C  N N 129 
GLY O    O  N N 130 
GLY OXT  O  N N 131 
GLY H    H  N N 132 
GLY H2   H  N N 133 
GLY HA2  H  N N 134 
GLY HA3  H  N N 135 
GLY HXT  H  N N 136 
HIS N    N  N N 137 
HIS CA   C  N S 138 
HIS C    C  N N 139 
HIS O    O  N N 140 
HIS CB   C  N N 141 
HIS CG   C  Y N 142 
HIS ND1  N  Y N 143 
HIS CD2  C  Y N 144 
HIS CE1  C  Y N 145 
HIS NE2  N  Y N 146 
HIS OXT  O  N N 147 
HIS H    H  N N 148 
HIS H2   H  N N 149 
HIS HA   H  N N 150 
HIS HB2  H  N N 151 
HIS HB3  H  N N 152 
HIS HD1  H  N N 153 
HIS HD2  H  N N 154 
HIS HE1  H  N N 155 
HIS HE2  H  N N 156 
HIS HXT  H  N N 157 
HOH O    O  N N 158 
HOH H1   H  N N 159 
HOH H2   H  N N 160 
ILE N    N  N N 161 
ILE CA   C  N S 162 
ILE C    C  N N 163 
ILE O    O  N N 164 
ILE CB   C  N S 165 
ILE CG1  C  N N 166 
ILE CG2  C  N N 167 
ILE CD1  C  N N 168 
ILE OXT  O  N N 169 
ILE H    H  N N 170 
ILE H2   H  N N 171 
ILE HA   H  N N 172 
ILE HB   H  N N 173 
ILE HG12 H  N N 174 
ILE HG13 H  N N 175 
ILE HG21 H  N N 176 
ILE HG22 H  N N 177 
ILE HG23 H  N N 178 
ILE HD11 H  N N 179 
ILE HD12 H  N N 180 
ILE HD13 H  N N 181 
ILE HXT  H  N N 182 
LEU N    N  N N 183 
LEU CA   C  N S 184 
LEU C    C  N N 185 
LEU O    O  N N 186 
LEU CB   C  N N 187 
LEU CG   C  N N 188 
LEU CD1  C  N N 189 
LEU CD2  C  N N 190 
LEU OXT  O  N N 191 
LEU H    H  N N 192 
LEU H2   H  N N 193 
LEU HA   H  N N 194 
LEU HB2  H  N N 195 
LEU HB3  H  N N 196 
LEU HG   H  N N 197 
LEU HD11 H  N N 198 
LEU HD12 H  N N 199 
LEU HD13 H  N N 200 
LEU HD21 H  N N 201 
LEU HD22 H  N N 202 
LEU HD23 H  N N 203 
LEU HXT  H  N N 204 
LYS N    N  N N 205 
LYS CA   C  N S 206 
LYS C    C  N N 207 
LYS O    O  N N 208 
LYS CB   C  N N 209 
LYS CG   C  N N 210 
LYS CD   C  N N 211 
LYS CE   C  N N 212 
LYS NZ   N  N N 213 
LYS OXT  O  N N 214 
LYS H    H  N N 215 
LYS H2   H  N N 216 
LYS HA   H  N N 217 
LYS HB2  H  N N 218 
LYS HB3  H  N N 219 
LYS HG2  H  N N 220 
LYS HG3  H  N N 221 
LYS HD2  H  N N 222 
LYS HD3  H  N N 223 
LYS HE2  H  N N 224 
LYS HE3  H  N N 225 
LYS HZ1  H  N N 226 
LYS HZ2  H  N N 227 
LYS HZ3  H  N N 228 
LYS HXT  H  N N 229 
MET N    N  N N 230 
MET CA   C  N S 231 
MET C    C  N N 232 
MET O    O  N N 233 
MET CB   C  N N 234 
MET CG   C  N N 235 
MET SD   S  N N 236 
MET CE   C  N N 237 
MET OXT  O  N N 238 
MET H    H  N N 239 
MET H2   H  N N 240 
MET HA   H  N N 241 
MET HB2  H  N N 242 
MET HB3  H  N N 243 
MET HG2  H  N N 244 
MET HG3  H  N N 245 
MET HE1  H  N N 246 
MET HE2  H  N N 247 
MET HE3  H  N N 248 
MET HXT  H  N N 249 
MN  MN   MN N N 250 
PHE N    N  N N 251 
PHE CA   C  N S 252 
PHE C    C  N N 253 
PHE O    O  N N 254 
PHE CB   C  N N 255 
PHE CG   C  Y N 256 
PHE CD1  C  Y N 257 
PHE CD2  C  Y N 258 
PHE CE1  C  Y N 259 
PHE CE2  C  Y N 260 
PHE CZ   C  Y N 261 
PHE OXT  O  N N 262 
PHE H    H  N N 263 
PHE H2   H  N N 264 
PHE HA   H  N N 265 
PHE HB2  H  N N 266 
PHE HB3  H  N N 267 
PHE HD1  H  N N 268 
PHE HD2  H  N N 269 
PHE HE1  H  N N 270 
PHE HE2  H  N N 271 
PHE HZ   H  N N 272 
PHE HXT  H  N N 273 
PRO N    N  N N 274 
PRO CA   C  N S 275 
PRO C    C  N N 276 
PRO O    O  N N 277 
PRO CB   C  N N 278 
PRO CG   C  N N 279 
PRO CD   C  N N 280 
PRO OXT  O  N N 281 
PRO H    H  N N 282 
PRO HA   H  N N 283 
PRO HB2  H  N N 284 
PRO HB3  H  N N 285 
PRO HG2  H  N N 286 
PRO HG3  H  N N 287 
PRO HD2  H  N N 288 
PRO HD3  H  N N 289 
PRO HXT  H  N N 290 
SER N    N  N N 291 
SER CA   C  N S 292 
SER C    C  N N 293 
SER O    O  N N 294 
SER CB   C  N N 295 
SER OG   O  N N 296 
SER OXT  O  N N 297 
SER H    H  N N 298 
SER H2   H  N N 299 
SER HA   H  N N 300 
SER HB2  H  N N 301 
SER HB3  H  N N 302 
SER HG   H  N N 303 
SER HXT  H  N N 304 
SO4 S    S  N N 305 
SO4 O1   O  N N 306 
SO4 O2   O  N N 307 
SO4 O3   O  N N 308 
SO4 O4   O  N N 309 
THR N    N  N N 310 
THR CA   C  N S 311 
THR C    C  N N 312 
THR O    O  N N 313 
THR CB   C  N R 314 
THR OG1  O  N N 315 
THR CG2  C  N N 316 
THR OXT  O  N N 317 
THR H    H  N N 318 
THR H2   H  N N 319 
THR HA   H  N N 320 
THR HB   H  N N 321 
THR HG1  H  N N 322 
THR HG21 H  N N 323 
THR HG22 H  N N 324 
THR HG23 H  N N 325 
THR HXT  H  N N 326 
TRP N    N  N N 327 
TRP CA   C  N S 328 
TRP C    C  N N 329 
TRP O    O  N N 330 
TRP CB   C  N N 331 
TRP CG   C  Y N 332 
TRP CD1  C  Y N 333 
TRP CD2  C  Y N 334 
TRP NE1  N  Y N 335 
TRP CE2  C  Y N 336 
TRP CE3  C  Y N 337 
TRP CZ2  C  Y N 338 
TRP CZ3  C  Y N 339 
TRP CH2  C  Y N 340 
TRP OXT  O  N N 341 
TRP H    H  N N 342 
TRP H2   H  N N 343 
TRP HA   H  N N 344 
TRP HB2  H  N N 345 
TRP HB3  H  N N 346 
TRP HD1  H  N N 347 
TRP HE1  H  N N 348 
TRP HE3  H  N N 349 
TRP HZ2  H  N N 350 
TRP HZ3  H  N N 351 
TRP HH2  H  N N 352 
TRP HXT  H  N N 353 
TYR N    N  N N 354 
TYR CA   C  N S 355 
TYR C    C  N N 356 
TYR O    O  N N 357 
TYR CB   C  N N 358 
TYR CG   C  Y N 359 
TYR CD1  C  Y N 360 
TYR CD2  C  Y N 361 
TYR CE1  C  Y N 362 
TYR CE2  C  Y N 363 
TYR CZ   C  Y N 364 
TYR OH   O  N N 365 
TYR OXT  O  N N 366 
TYR H    H  N N 367 
TYR H2   H  N N 368 
TYR HA   H  N N 369 
TYR HB2  H  N N 370 
TYR HB3  H  N N 371 
TYR HD1  H  N N 372 
TYR HD2  H  N N 373 
TYR HE1  H  N N 374 
TYR HE2  H  N N 375 
TYR HH   H  N N 376 
TYR HXT  H  N N 377 
VAL N    N  N N 378 
VAL CA   C  N S 379 
VAL C    C  N N 380 
VAL O    O  N N 381 
VAL CB   C  N N 382 
VAL CG1  C  N N 383 
VAL CG2  C  N N 384 
VAL OXT  O  N N 385 
VAL H    H  N N 386 
VAL H2   H  N N 387 
VAL HA   H  N N 388 
VAL HB   H  N N 389 
VAL HG11 H  N N 390 
VAL HG12 H  N N 391 
VAL HG13 H  N N 392 
VAL HG21 H  N N 393 
VAL HG22 H  N N 394 
VAL HG23 H  N N 395 
VAL HXT  H  N N 396 
# 
loop_
_chem_comp_bond.comp_id 
_chem_comp_bond.atom_id_1 
_chem_comp_bond.atom_id_2 
_chem_comp_bond.value_order 
_chem_comp_bond.pdbx_aromatic_flag 
_chem_comp_bond.pdbx_stereo_config 
_chem_comp_bond.pdbx_ordinal 
ALA N   CA   sing N N 1   
ALA N   H    sing N N 2   
ALA N   H2   sing N N 3   
ALA CA  C    sing N N 4   
ALA CA  CB   sing N N 5   
ALA CA  HA   sing N N 6   
ALA C   O    doub N N 7   
ALA C   OXT  sing N N 8   
ALA CB  HB1  sing N N 9   
ALA CB  HB2  sing N N 10  
ALA CB  HB3  sing N N 11  
ALA OXT HXT  sing N N 12  
ARG N   CA   sing N N 13  
ARG N   H    sing N N 14  
ARG N   H2   sing N N 15  
ARG CA  C    sing N N 16  
ARG CA  CB   sing N N 17  
ARG CA  HA   sing N N 18  
ARG C   O    doub N N 19  
ARG C   OXT  sing N N 20  
ARG CB  CG   sing N N 21  
ARG CB  HB2  sing N N 22  
ARG CB  HB3  sing N N 23  
ARG CG  CD   sing N N 24  
ARG CG  HG2  sing N N 25  
ARG CG  HG3  sing N N 26  
ARG CD  NE   sing N N 27  
ARG CD  HD2  sing N N 28  
ARG CD  HD3  sing N N 29  
ARG NE  CZ   sing N N 30  
ARG NE  HE   sing N N 31  
ARG CZ  NH1  sing N N 32  
ARG CZ  NH2  doub N N 33  
ARG NH1 HH11 sing N N 34  
ARG NH1 HH12 sing N N 35  
ARG NH2 HH21 sing N N 36  
ARG NH2 HH22 sing N N 37  
ARG OXT HXT  sing N N 38  
ASN N   CA   sing N N 39  
ASN N   H    sing N N 40  
ASN N   H2   sing N N 41  
ASN CA  C    sing N N 42  
ASN CA  CB   sing N N 43  
ASN CA  HA   sing N N 44  
ASN C   O    doub N N 45  
ASN C   OXT  sing N N 46  
ASN CB  CG   sing N N 47  
ASN CB  HB2  sing N N 48  
ASN CB  HB3  sing N N 49  
ASN CG  OD1  doub N N 50  
ASN CG  ND2  sing N N 51  
ASN ND2 HD21 sing N N 52  
ASN ND2 HD22 sing N N 53  
ASN OXT HXT  sing N N 54  
ASP N   CA   sing N N 55  
ASP N   H    sing N N 56  
ASP N   H2   sing N N 57  
ASP CA  C    sing N N 58  
ASP CA  CB   sing N N 59  
ASP CA  HA   sing N N 60  
ASP C   O    doub N N 61  
ASP C   OXT  sing N N 62  
ASP CB  CG   sing N N 63  
ASP CB  HB2  sing N N 64  
ASP CB  HB3  sing N N 65  
ASP CG  OD1  doub N N 66  
ASP CG  OD2  sing N N 67  
ASP OD2 HD2  sing N N 68  
ASP OXT HXT  sing N N 69  
CYS N   CA   sing N N 70  
CYS N   H    sing N N 71  
CYS N   H2   sing N N 72  
CYS CA  C    sing N N 73  
CYS CA  CB   sing N N 74  
CYS CA  HA   sing N N 75  
CYS C   O    doub N N 76  
CYS C   OXT  sing N N 77  
CYS CB  SG   sing N N 78  
CYS CB  HB2  sing N N 79  
CYS CB  HB3  sing N N 80  
CYS SG  HG   sing N N 81  
CYS OXT HXT  sing N N 82  
GLN N   CA   sing N N 83  
GLN N   H    sing N N 84  
GLN N   H2   sing N N 85  
GLN CA  C    sing N N 86  
GLN CA  CB   sing N N 87  
GLN CA  HA   sing N N 88  
GLN C   O    doub N N 89  
GLN C   OXT  sing N N 90  
GLN CB  CG   sing N N 91  
GLN CB  HB2  sing N N 92  
GLN CB  HB3  sing N N 93  
GLN CG  CD   sing N N 94  
GLN CG  HG2  sing N N 95  
GLN CG  HG3  sing N N 96  
GLN CD  OE1  doub N N 97  
GLN CD  NE2  sing N N 98  
GLN NE2 HE21 sing N N 99  
GLN NE2 HE22 sing N N 100 
GLN OXT HXT  sing N N 101 
GLU N   CA   sing N N 102 
GLU N   H    sing N N 103 
GLU N   H2   sing N N 104 
GLU CA  C    sing N N 105 
GLU CA  CB   sing N N 106 
GLU CA  HA   sing N N 107 
GLU C   O    doub N N 108 
GLU C   OXT  sing N N 109 
GLU CB  CG   sing N N 110 
GLU CB  HB2  sing N N 111 
GLU CB  HB3  sing N N 112 
GLU CG  CD   sing N N 113 
GLU CG  HG2  sing N N 114 
GLU CG  HG3  sing N N 115 
GLU CD  OE1  doub N N 116 
GLU CD  OE2  sing N N 117 
GLU OE2 HE2  sing N N 118 
GLU OXT HXT  sing N N 119 
GLY N   CA   sing N N 120 
GLY N   H    sing N N 121 
GLY N   H2   sing N N 122 
GLY CA  C    sing N N 123 
GLY CA  HA2  sing N N 124 
GLY CA  HA3  sing N N 125 
GLY C   O    doub N N 126 
GLY C   OXT  sing N N 127 
GLY OXT HXT  sing N N 128 
HIS N   CA   sing N N 129 
HIS N   H    sing N N 130 
HIS N   H2   sing N N 131 
HIS CA  C    sing N N 132 
HIS CA  CB   sing N N 133 
HIS CA  HA   sing N N 134 
HIS C   O    doub N N 135 
HIS C   OXT  sing N N 136 
HIS CB  CG   sing N N 137 
HIS CB  HB2  sing N N 138 
HIS CB  HB3  sing N N 139 
HIS CG  ND1  sing Y N 140 
HIS CG  CD2  doub Y N 141 
HIS ND1 CE1  doub Y N 142 
HIS ND1 HD1  sing N N 143 
HIS CD2 NE2  sing Y N 144 
HIS CD2 HD2  sing N N 145 
HIS CE1 NE2  sing Y N 146 
HIS CE1 HE1  sing N N 147 
HIS NE2 HE2  sing N N 148 
HIS OXT HXT  sing N N 149 
HOH O   H1   sing N N 150 
HOH O   H2   sing N N 151 
ILE N   CA   sing N N 152 
ILE N   H    sing N N 153 
ILE N   H2   sing N N 154 
ILE CA  C    sing N N 155 
ILE CA  CB   sing N N 156 
ILE CA  HA   sing N N 157 
ILE C   O    doub N N 158 
ILE C   OXT  sing N N 159 
ILE CB  CG1  sing N N 160 
ILE CB  CG2  sing N N 161 
ILE CB  HB   sing N N 162 
ILE CG1 CD1  sing N N 163 
ILE CG1 HG12 sing N N 164 
ILE CG1 HG13 sing N N 165 
ILE CG2 HG21 sing N N 166 
ILE CG2 HG22 sing N N 167 
ILE CG2 HG23 sing N N 168 
ILE CD1 HD11 sing N N 169 
ILE CD1 HD12 sing N N 170 
ILE CD1 HD13 sing N N 171 
ILE OXT HXT  sing N N 172 
LEU N   CA   sing N N 173 
LEU N   H    sing N N 174 
LEU N   H2   sing N N 175 
LEU CA  C    sing N N 176 
LEU CA  CB   sing N N 177 
LEU CA  HA   sing N N 178 
LEU C   O    doub N N 179 
LEU C   OXT  sing N N 180 
LEU CB  CG   sing N N 181 
LEU CB  HB2  sing N N 182 
LEU CB  HB3  sing N N 183 
LEU CG  CD1  sing N N 184 
LEU CG  CD2  sing N N 185 
LEU CG  HG   sing N N 186 
LEU CD1 HD11 sing N N 187 
LEU CD1 HD12 sing N N 188 
LEU CD1 HD13 sing N N 189 
LEU CD2 HD21 sing N N 190 
LEU CD2 HD22 sing N N 191 
LEU CD2 HD23 sing N N 192 
LEU OXT HXT  sing N N 193 
LYS N   CA   sing N N 194 
LYS N   H    sing N N 195 
LYS N   H2   sing N N 196 
LYS CA  C    sing N N 197 
LYS CA  CB   sing N N 198 
LYS CA  HA   sing N N 199 
LYS C   O    doub N N 200 
LYS C   OXT  sing N N 201 
LYS CB  CG   sing N N 202 
LYS CB  HB2  sing N N 203 
LYS CB  HB3  sing N N 204 
LYS CG  CD   sing N N 205 
LYS CG  HG2  sing N N 206 
LYS CG  HG3  sing N N 207 
LYS CD  CE   sing N N 208 
LYS CD  HD2  sing N N 209 
LYS CD  HD3  sing N N 210 
LYS CE  NZ   sing N N 211 
LYS CE  HE2  sing N N 212 
LYS CE  HE3  sing N N 213 
LYS NZ  HZ1  sing N N 214 
LYS NZ  HZ2  sing N N 215 
LYS NZ  HZ3  sing N N 216 
LYS OXT HXT  sing N N 217 
MET N   CA   sing N N 218 
MET N   H    sing N N 219 
MET N   H2   sing N N 220 
MET CA  C    sing N N 221 
MET CA  CB   sing N N 222 
MET CA  HA   sing N N 223 
MET C   O    doub N N 224 
MET C   OXT  sing N N 225 
MET CB  CG   sing N N 226 
MET CB  HB2  sing N N 227 
MET CB  HB3  sing N N 228 
MET CG  SD   sing N N 229 
MET CG  HG2  sing N N 230 
MET CG  HG3  sing N N 231 
MET SD  CE   sing N N 232 
MET CE  HE1  sing N N 233 
MET CE  HE2  sing N N 234 
MET CE  HE3  sing N N 235 
MET OXT HXT  sing N N 236 
PHE N   CA   sing N N 237 
PHE N   H    sing N N 238 
PHE N   H2   sing N N 239 
PHE CA  C    sing N N 240 
PHE CA  CB   sing N N 241 
PHE CA  HA   sing N N 242 
PHE C   O    doub N N 243 
PHE C   OXT  sing N N 244 
PHE CB  CG   sing N N 245 
PHE CB  HB2  sing N N 246 
PHE CB  HB3  sing N N 247 
PHE CG  CD1  doub Y N 248 
PHE CG  CD2  sing Y N 249 
PHE CD1 CE1  sing Y N 250 
PHE CD1 HD1  sing N N 251 
PHE CD2 CE2  doub Y N 252 
PHE CD2 HD2  sing N N 253 
PHE CE1 CZ   doub Y N 254 
PHE CE1 HE1  sing N N 255 
PHE CE2 CZ   sing Y N 256 
PHE CE2 HE2  sing N N 257 
PHE CZ  HZ   sing N N 258 
PHE OXT HXT  sing N N 259 
PRO N   CA   sing N N 260 
PRO N   CD   sing N N 261 
PRO N   H    sing N N 262 
PRO CA  C    sing N N 263 
PRO CA  CB   sing N N 264 
PRO CA  HA   sing N N 265 
PRO C   O    doub N N 266 
PRO C   OXT  sing N N 267 
PRO CB  CG   sing N N 268 
PRO CB  HB2  sing N N 269 
PRO CB  HB3  sing N N 270 
PRO CG  CD   sing N N 271 
PRO CG  HG2  sing N N 272 
PRO CG  HG3  sing N N 273 
PRO CD  HD2  sing N N 274 
PRO CD  HD3  sing N N 275 
PRO OXT HXT  sing N N 276 
SER N   CA   sing N N 277 
SER N   H    sing N N 278 
SER N   H2   sing N N 279 
SER CA  C    sing N N 280 
SER CA  CB   sing N N 281 
SER CA  HA   sing N N 282 
SER C   O    doub N N 283 
SER C   OXT  sing N N 284 
SER CB  OG   sing N N 285 
SER CB  HB2  sing N N 286 
SER CB  HB3  sing N N 287 
SER OG  HG   sing N N 288 
SER OXT HXT  sing N N 289 
SO4 S   O1   doub N N 290 
SO4 S   O2   doub N N 291 
SO4 S   O3   sing N N 292 
SO4 S   O4   sing N N 293 
THR N   CA   sing N N 294 
THR N   H    sing N N 295 
THR N   H2   sing N N 296 
THR CA  C    sing N N 297 
THR CA  CB   sing N N 298 
THR CA  HA   sing N N 299 
THR C   O    doub N N 300 
THR C   OXT  sing N N 301 
THR CB  OG1  sing N N 302 
THR CB  CG2  sing N N 303 
THR CB  HB   sing N N 304 
THR OG1 HG1  sing N N 305 
THR CG2 HG21 sing N N 306 
THR CG2 HG22 sing N N 307 
THR CG2 HG23 sing N N 308 
THR OXT HXT  sing N N 309 
TRP N   CA   sing N N 310 
TRP N   H    sing N N 311 
TRP N   H2   sing N N 312 
TRP CA  C    sing N N 313 
TRP CA  CB   sing N N 314 
TRP CA  HA   sing N N 315 
TRP C   O    doub N N 316 
TRP C   OXT  sing N N 317 
TRP CB  CG   sing N N 318 
TRP CB  HB2  sing N N 319 
TRP CB  HB3  sing N N 320 
TRP CG  CD1  doub Y N 321 
TRP CG  CD2  sing Y N 322 
TRP CD1 NE1  sing Y N 323 
TRP CD1 HD1  sing N N 324 
TRP CD2 CE2  doub Y N 325 
TRP CD2 CE3  sing Y N 326 
TRP NE1 CE2  sing Y N 327 
TRP NE1 HE1  sing N N 328 
TRP CE2 CZ2  sing Y N 329 
TRP CE3 CZ3  doub Y N 330 
TRP CE3 HE3  sing N N 331 
TRP CZ2 CH2  doub Y N 332 
TRP CZ2 HZ2  sing N N 333 
TRP CZ3 CH2  sing Y N 334 
TRP CZ3 HZ3  sing N N 335 
TRP CH2 HH2  sing N N 336 
TRP OXT HXT  sing N N 337 
TYR N   CA   sing N N 338 
TYR N   H    sing N N 339 
TYR N   H2   sing N N 340 
TYR CA  C    sing N N 341 
TYR CA  CB   sing N N 342 
TYR CA  HA   sing N N 343 
TYR C   O    doub N N 344 
TYR C   OXT  sing N N 345 
TYR CB  CG   sing N N 346 
TYR CB  HB2  sing N N 347 
TYR CB  HB3  sing N N 348 
TYR CG  CD1  doub Y N 349 
TYR CG  CD2  sing Y N 350 
TYR CD1 CE1  sing Y N 351 
TYR CD1 HD1  sing N N 352 
TYR CD2 CE2  doub Y N 353 
TYR CD2 HD2  sing N N 354 
TYR CE1 CZ   doub Y N 355 
TYR CE1 HE1  sing N N 356 
TYR CE2 CZ   sing Y N 357 
TYR CE2 HE2  sing N N 358 
TYR CZ  OH   sing N N 359 
TYR OH  HH   sing N N 360 
TYR OXT HXT  sing N N 361 
VAL N   CA   sing N N 362 
VAL N   H    sing N N 363 
VAL N   H2   sing N N 364 
VAL CA  C    sing N N 365 
VAL CA  CB   sing N N 366 
VAL CA  HA   sing N N 367 
VAL C   O    doub N N 368 
VAL C   OXT  sing N N 369 
VAL CB  CG1  sing N N 370 
VAL CB  CG2  sing N N 371 
VAL CB  HB   sing N N 372 
VAL CG1 HG11 sing N N 373 
VAL CG1 HG12 sing N N 374 
VAL CG1 HG13 sing N N 375 
VAL CG2 HG21 sing N N 376 
VAL CG2 HG22 sing N N 377 
VAL CG2 HG23 sing N N 378 
VAL OXT HXT  sing N N 379 
# 
_pdbx_audit_support.funding_organization   'Japan Society for the Promotion of Science (JSPS)' 
_pdbx_audit_support.country                Japan 
_pdbx_audit_support.grant_number           21K07050 
_pdbx_audit_support.ordinal                1 
# 
loop_
_pdbx_entity_nonpoly.entity_id 
_pdbx_entity_nonpoly.name 
_pdbx_entity_nonpoly.comp_id 
2 'SULFATE ION'        SO4 
3 'MANGANESE (II) ION' MN  
4 water                HOH 
# 
_pdbx_initial_refinement_model.id               1 
_pdbx_initial_refinement_model.entity_id_list   ? 
_pdbx_initial_refinement_model.type             'experimental model' 
_pdbx_initial_refinement_model.source_name      PDB 
_pdbx_initial_refinement_model.accession_code   4ZQQ 
_pdbx_initial_refinement_model.details          ? 
# 
_pdbx_struct_assembly_auth_evidence.id                     1 
_pdbx_struct_assembly_auth_evidence.assembly_id            1 
_pdbx_struct_assembly_auth_evidence.experimental_support   none 
_pdbx_struct_assembly_auth_evidence.details                ? 
# 
